data_2DL6
#
_entry.id   2DL6
#
_entity_poly.entity_id   1
_entity_poly.type   'polypeptide(L)'
_entity_poly.pdbx_seq_one_letter_code
;GSSGSSGEPNHLDVDLETRIPVINKVDGTLLVGEDAPRRAELEMWLQGHPEFAVDPRFLAYMEDRRKQKWQRCKKNNSGP
SSG
;
_entity_poly.pdbx_strand_id   A
#
# COMPACT_ATOMS: atom_id res chain seq x y z
N GLY A 1 0.55 -14.50 13.09
CA GLY A 1 0.05 -13.14 12.94
C GLY A 1 1.05 -12.11 13.41
N SER A 2 0.80 -10.86 13.05
CA SER A 2 1.69 -9.76 13.43
C SER A 2 0.93 -8.66 14.17
N SER A 3 1.41 -8.31 15.35
CA SER A 3 0.77 -7.27 16.15
C SER A 3 1.78 -6.20 16.56
N GLY A 4 1.27 -5.03 16.94
CA GLY A 4 2.14 -3.95 17.35
C GLY A 4 3.07 -3.50 16.25
N SER A 5 4.33 -3.90 16.34
CA SER A 5 5.33 -3.52 15.35
C SER A 5 6.31 -4.66 15.10
N SER A 6 6.51 -5.02 13.83
CA SER A 6 7.41 -6.09 13.47
C SER A 6 8.30 -5.68 12.28
N GLY A 7 9.60 -5.66 12.52
CA GLY A 7 10.53 -5.28 11.46
C GLY A 7 10.88 -6.44 10.55
N GLU A 8 10.10 -6.64 9.50
CA GLU A 8 10.33 -7.72 8.56
C GLU A 8 9.96 -7.31 7.14
N PRO A 9 10.68 -7.85 6.14
CA PRO A 9 10.44 -7.55 4.74
C PRO A 9 9.13 -8.14 4.23
N ASN A 10 8.07 -7.35 4.30
CA ASN A 10 6.75 -7.80 3.84
C ASN A 10 6.24 -6.92 2.71
N HIS A 11 5.18 -7.38 2.05
CA HIS A 11 4.59 -6.62 0.95
C HIS A 11 3.18 -6.15 1.29
N LEU A 12 2.56 -5.43 0.37
CA LEU A 12 1.20 -4.91 0.58
C LEU A 12 0.23 -6.06 0.84
N ASP A 13 -0.43 -6.01 2.00
CA ASP A 13 -1.40 -7.04 2.37
C ASP A 13 -2.72 -6.41 2.79
N VAL A 14 -3.73 -6.54 1.93
CA VAL A 14 -5.05 -5.98 2.22
C VAL A 14 -6.15 -6.98 1.88
N ASP A 15 -7.40 -6.60 2.15
CA ASP A 15 -8.54 -7.47 1.87
C ASP A 15 -9.35 -6.94 0.70
N LEU A 16 -9.76 -7.84 -0.18
CA LEU A 16 -10.54 -7.46 -1.35
C LEU A 16 -11.58 -6.39 -1.00
N GLU A 17 -12.27 -6.59 0.12
CA GLU A 17 -13.27 -5.64 0.57
C GLU A 17 -12.69 -4.24 0.71
N THR A 18 -11.47 -4.17 1.23
CA THR A 18 -10.79 -2.89 1.42
C THR A 18 -10.78 -2.08 0.13
N ARG A 19 -11.06 -0.79 0.24
CA ARG A 19 -11.08 0.09 -0.92
C ARG A 19 -9.75 0.81 -1.07
N ILE A 20 -9.51 1.36 -2.26
CA ILE A 20 -8.27 2.07 -2.54
C ILE A 20 -8.56 3.50 -3.02
N PRO A 21 -8.09 4.48 -2.22
CA PRO A 21 -8.28 5.89 -2.55
C PRO A 21 -7.45 6.34 -3.74
N VAL A 22 -8.05 7.17 -4.59
CA VAL A 22 -7.36 7.66 -5.79
C VAL A 22 -7.78 9.10 -6.10
N ILE A 23 -6.81 9.93 -6.43
CA ILE A 23 -7.07 11.33 -6.76
C ILE A 23 -6.98 11.57 -8.26
N ASN A 24 -8.12 11.90 -8.87
CA ASN A 24 -8.17 12.15 -10.30
C ASN A 24 -7.17 13.24 -10.70
N LYS A 25 -6.66 13.15 -11.93
CA LYS A 25 -5.70 14.12 -12.43
C LYS A 25 -6.37 15.11 -13.38
N VAL A 26 -7.41 14.66 -14.06
CA VAL A 26 -8.14 15.51 -15.00
C VAL A 26 -8.88 16.63 -14.27
N ASP A 27 -9.76 16.25 -13.36
CA ASP A 27 -10.53 17.22 -12.58
C ASP A 27 -9.87 17.48 -11.23
N GLY A 28 -9.45 16.41 -10.56
CA GLY A 28 -8.81 16.56 -9.26
C GLY A 28 -9.73 16.15 -8.12
N THR A 29 -10.54 15.12 -8.35
CA THR A 29 -11.47 14.64 -7.33
C THR A 29 -10.88 13.45 -6.58
N LEU A 30 -11.00 13.48 -5.26
CA LEU A 30 -10.48 12.40 -4.42
C LEU A 30 -11.57 11.39 -4.12
N LEU A 31 -11.24 10.11 -4.26
CA LEU A 31 -12.19 9.03 -3.99
C LEU A 31 -11.87 8.34 -2.68
N VAL A 32 -12.87 8.25 -1.80
CA VAL A 32 -12.69 7.61 -0.51
C VAL A 32 -13.92 6.78 -0.14
N GLY A 33 -13.70 5.72 0.63
CA GLY A 33 -14.80 4.86 1.04
C GLY A 33 -15.49 4.20 -0.14
N GLU A 34 -16.80 4.36 -0.21
CA GLU A 34 -17.58 3.78 -1.29
C GLU A 34 -17.22 4.40 -2.63
N ASP A 35 -16.87 5.68 -2.60
CA ASP A 35 -16.50 6.41 -3.81
C ASP A 35 -15.33 5.72 -4.51
N ALA A 36 -14.45 5.11 -3.72
CA ALA A 36 -13.29 4.42 -4.27
C ALA A 36 -13.63 2.98 -4.63
N PRO A 37 -12.94 2.45 -5.65
CA PRO A 37 -13.15 1.08 -6.13
C PRO A 37 -12.64 0.04 -5.13
N ARG A 38 -12.81 -1.23 -5.47
CA ARG A 38 -12.37 -2.33 -4.62
C ARG A 38 -11.01 -2.86 -5.06
N ARG A 39 -10.10 -3.02 -4.11
CA ARG A 39 -8.77 -3.53 -4.41
C ARG A 39 -8.83 -4.70 -5.37
N ALA A 40 -9.73 -5.64 -5.09
CA ALA A 40 -9.89 -6.82 -5.95
C ALA A 40 -10.16 -6.41 -7.40
N GLU A 41 -11.24 -5.68 -7.61
CA GLU A 41 -11.60 -5.22 -8.95
C GLU A 41 -10.79 -4.00 -9.35
N LEU A 42 -9.73 -3.73 -8.60
CA LEU A 42 -8.86 -2.58 -8.87
C LEU A 42 -8.17 -2.73 -10.22
N GLU A 43 -7.86 -3.98 -10.59
CA GLU A 43 -7.20 -4.25 -11.85
C GLU A 43 -8.13 -3.96 -13.03
N MET A 44 -9.30 -4.59 -13.04
CA MET A 44 -10.27 -4.39 -14.10
C MET A 44 -10.76 -2.94 -14.13
N TRP A 45 -10.61 -2.26 -13.00
CA TRP A 45 -11.03 -0.86 -12.91
C TRP A 45 -9.95 0.07 -13.45
N LEU A 46 -8.70 -0.23 -13.12
CA LEU A 46 -7.58 0.60 -13.58
C LEU A 46 -7.34 0.39 -15.07
N GLN A 47 -8.17 -0.42 -15.70
CA GLN A 47 -8.04 -0.70 -17.13
C GLN A 47 -8.74 0.38 -17.95
N GLY A 48 -10.00 0.65 -17.61
CA GLY A 48 -10.76 1.65 -18.34
C GLY A 48 -10.98 2.91 -17.52
N HIS A 49 -10.66 2.84 -16.23
CA HIS A 49 -10.83 3.98 -15.34
C HIS A 49 -9.48 4.43 -14.77
N PRO A 50 -8.41 4.25 -15.57
CA PRO A 50 -7.06 4.64 -15.16
C PRO A 50 -6.88 6.15 -15.10
N GLU A 51 -7.95 6.88 -15.35
CA GLU A 51 -7.92 8.34 -15.32
C GLU A 51 -7.60 8.85 -13.92
N PHE A 52 -7.63 7.94 -12.94
CA PHE A 52 -7.35 8.28 -11.56
C PHE A 52 -5.94 7.85 -11.16
N ALA A 53 -5.55 8.18 -9.93
CA ALA A 53 -4.24 7.81 -9.43
C ALA A 53 -4.27 7.56 -7.92
N VAL A 54 -3.74 6.41 -7.51
CA VAL A 54 -3.71 6.05 -6.10
C VAL A 54 -3.08 7.15 -5.26
N ASP A 55 -3.85 7.71 -4.33
CA ASP A 55 -3.36 8.77 -3.47
C ASP A 55 -2.13 8.31 -2.70
N PRO A 56 -1.16 9.22 -2.54
CA PRO A 56 0.10 8.94 -1.82
C PRO A 56 -0.13 8.78 -0.31
N ARG A 57 -1.15 9.45 0.20
CA ARG A 57 -1.47 9.38 1.62
C ARG A 57 -1.67 7.93 2.06
N PHE A 58 -2.23 7.12 1.18
CA PHE A 58 -2.48 5.72 1.47
C PHE A 58 -1.17 4.93 1.54
N LEU A 59 -0.39 5.02 0.46
CA LEU A 59 0.89 4.31 0.39
C LEU A 59 1.73 4.59 1.62
N ALA A 60 2.08 5.86 1.83
CA ALA A 60 2.88 6.26 2.98
C ALA A 60 2.41 5.55 4.25
N TYR A 61 1.15 5.75 4.60
CA TYR A 61 0.58 5.13 5.79
C TYR A 61 1.16 3.74 6.01
N MET A 62 0.97 2.86 5.04
CA MET A 62 1.47 1.49 5.12
C MET A 62 2.94 1.49 5.53
N GLU A 63 3.79 2.04 4.68
CA GLU A 63 5.23 2.09 4.95
C GLU A 63 5.49 2.30 6.43
N ASP A 64 4.92 3.36 6.98
CA ASP A 64 5.08 3.69 8.39
C ASP A 64 5.09 2.43 9.24
N ARG A 65 4.08 1.59 9.07
CA ARG A 65 3.97 0.34 9.82
C ARG A 65 5.34 -0.28 10.04
N ARG A 66 6.11 -0.40 8.96
CA ARG A 66 7.44 -0.99 9.03
C ARG A 66 8.44 0.01 9.63
N LYS A 67 8.39 1.24 9.13
CA LYS A 67 9.28 2.28 9.62
C LYS A 67 9.57 2.12 11.11
N GLN A 68 8.51 2.10 11.91
CA GLN A 68 8.64 1.94 13.36
C GLN A 68 9.21 0.57 13.70
N LYS A 69 9.85 0.48 14.86
CA LYS A 69 10.43 -0.78 15.31
C LYS A 69 10.68 -0.76 16.81
N TRP A 70 11.08 -1.90 17.36
CA TRP A 70 11.35 -2.01 18.79
C TRP A 70 12.65 -2.78 19.04
N GLN A 71 13.14 -2.71 20.27
CA GLN A 71 14.37 -3.39 20.64
C GLN A 71 14.44 -3.62 22.15
N ARG A 72 15.20 -4.63 22.57
CA ARG A 72 15.34 -4.95 23.98
C ARG A 72 16.80 -4.82 24.42
N CYS A 73 17.04 -5.04 25.71
CA CYS A 73 18.39 -4.95 26.25
C CYS A 73 19.16 -6.25 26.04
N LYS A 74 20.44 -6.24 26.40
CA LYS A 74 21.28 -7.42 26.24
C LYS A 74 21.20 -8.31 27.47
N LYS A 75 21.86 -9.46 27.42
CA LYS A 75 21.87 -10.40 28.54
C LYS A 75 22.94 -10.04 29.55
N ASN A 76 23.02 -10.80 30.63
CA ASN A 76 24.00 -10.57 31.68
C ASN A 76 24.54 -11.88 32.24
N ASN A 77 25.67 -11.81 32.92
CA ASN A 77 26.29 -12.99 33.50
C ASN A 77 25.94 -13.11 34.98
N SER A 78 26.27 -14.26 35.57
CA SER A 78 25.99 -14.50 36.98
C SER A 78 27.08 -13.92 37.87
N GLY A 79 26.88 -13.98 39.17
CA GLY A 79 27.84 -13.45 40.11
C GLY A 79 27.26 -13.21 41.49
N PRO A 80 26.37 -12.23 41.59
CA PRO A 80 25.71 -11.88 42.86
C PRO A 80 24.73 -12.95 43.32
N SER A 81 24.26 -12.83 44.55
CA SER A 81 23.32 -13.79 45.11
C SER A 81 21.94 -13.16 45.27
N SER A 82 20.90 -13.99 45.16
CA SER A 82 19.53 -13.53 45.29
C SER A 82 19.33 -12.74 46.58
N GLY A 83 19.76 -13.33 47.69
CA GLY A 83 19.62 -12.67 48.98
C GLY A 83 19.80 -11.17 48.88
N GLY A 1 7.45 22.45 -6.29
CA GLY A 1 7.59 21.56 -7.43
C GLY A 1 7.51 20.10 -7.05
N SER A 2 8.35 19.27 -7.69
CA SER A 2 8.38 17.84 -7.40
C SER A 2 9.65 17.46 -6.66
N SER A 3 9.52 17.19 -5.36
CA SER A 3 10.65 16.81 -4.53
C SER A 3 11.60 15.90 -5.31
N GLY A 4 11.06 14.81 -5.84
CA GLY A 4 11.88 13.86 -6.58
C GLY A 4 11.90 12.49 -5.95
N SER A 5 10.73 11.88 -5.81
CA SER A 5 10.63 10.55 -5.20
C SER A 5 9.45 9.79 -5.78
N SER A 6 9.70 8.56 -6.22
CA SER A 6 8.66 7.73 -6.80
C SER A 6 8.89 6.25 -6.45
N GLY A 7 7.82 5.46 -6.51
CA GLY A 7 7.92 4.05 -6.20
C GLY A 7 6.58 3.35 -6.22
N GLU A 8 6.59 2.06 -6.52
CA GLU A 8 5.35 1.28 -6.58
C GLU A 8 5.33 0.23 -5.47
N PRO A 9 4.12 -0.13 -5.01
CA PRO A 9 3.93 -1.11 -3.96
C PRO A 9 4.29 -2.53 -4.41
N ASN A 10 5.37 -3.07 -3.86
CA ASN A 10 5.81 -4.41 -4.21
C ASN A 10 4.95 -5.47 -3.53
N HIS A 11 4.73 -5.30 -2.23
CA HIS A 11 3.91 -6.24 -1.45
C HIS A 11 2.62 -5.58 -0.99
N LEU A 12 1.54 -6.36 -0.96
CA LEU A 12 0.25 -5.85 -0.53
C LEU A 12 -0.34 -6.72 0.58
N ASP A 13 -0.65 -6.10 1.70
CA ASP A 13 -1.22 -6.81 2.84
C ASP A 13 -2.73 -6.60 2.92
N VAL A 14 -3.21 -5.59 2.20
CA VAL A 14 -4.64 -5.27 2.18
C VAL A 14 -5.46 -6.49 1.76
N ASP A 15 -6.78 -6.36 1.86
CA ASP A 15 -7.68 -7.44 1.49
C ASP A 15 -8.60 -7.02 0.34
N LEU A 16 -9.31 -7.99 -0.22
CA LEU A 16 -10.22 -7.73 -1.33
C LEU A 16 -11.29 -6.72 -0.92
N GLU A 17 -11.83 -6.90 0.28
CA GLU A 17 -12.86 -6.01 0.80
C GLU A 17 -12.33 -4.59 0.95
N THR A 18 -11.07 -4.47 1.34
CA THR A 18 -10.44 -3.17 1.52
C THR A 18 -10.52 -2.34 0.25
N ARG A 19 -10.91 -1.07 0.40
CA ARG A 19 -11.02 -0.17 -0.74
C ARG A 19 -9.67 0.47 -1.06
N ILE A 20 -9.64 1.29 -2.11
CA ILE A 20 -8.42 1.97 -2.52
C ILE A 20 -8.72 3.37 -3.04
N PRO A 21 -8.25 4.38 -2.31
CA PRO A 21 -8.44 5.79 -2.68
C PRO A 21 -7.65 6.18 -3.91
N VAL A 22 -8.20 7.09 -4.71
CA VAL A 22 -7.54 7.56 -5.92
C VAL A 22 -7.93 8.99 -6.25
N ILE A 23 -6.93 9.83 -6.51
CA ILE A 23 -7.17 11.22 -6.85
C ILE A 23 -7.04 11.47 -8.35
N ASN A 24 -8.14 11.91 -8.96
CA ASN A 24 -8.14 12.18 -10.40
C ASN A 24 -7.12 13.25 -10.76
N LYS A 25 -6.62 13.20 -11.99
CA LYS A 25 -5.63 14.17 -12.46
C LYS A 25 -6.27 15.19 -13.38
N VAL A 26 -7.28 14.76 -14.13
CA VAL A 26 -7.97 15.64 -15.06
C VAL A 26 -8.69 16.76 -14.31
N ASP A 27 -9.59 16.37 -13.41
CA ASP A 27 -10.35 17.35 -12.63
C ASP A 27 -9.70 17.57 -11.27
N GLY A 28 -9.33 16.48 -10.61
CA GLY A 28 -8.70 16.59 -9.30
C GLY A 28 -9.63 16.17 -8.17
N THR A 29 -10.46 15.16 -8.44
CA THR A 29 -11.40 14.68 -7.44
C THR A 29 -10.85 13.48 -6.69
N LEU A 30 -11.02 13.47 -5.37
CA LEU A 30 -10.53 12.38 -4.54
C LEU A 30 -11.64 11.38 -4.25
N LEU A 31 -11.29 10.10 -4.21
CA LEU A 31 -12.25 9.04 -3.94
C LEU A 31 -11.91 8.31 -2.65
N VAL A 32 -12.87 8.26 -1.73
CA VAL A 32 -12.67 7.59 -0.45
C VAL A 32 -13.89 6.76 -0.07
N GLY A 33 -13.68 5.77 0.79
CA GLY A 33 -14.78 4.91 1.22
C GLY A 33 -15.37 4.12 0.07
N GLU A 34 -16.69 4.15 -0.04
CA GLU A 34 -17.39 3.41 -1.09
C GLU A 34 -17.10 4.04 -2.46
N ASP A 35 -17.15 5.37 -2.52
CA ASP A 35 -16.89 6.08 -3.76
C ASP A 35 -15.80 5.39 -4.58
N ALA A 36 -14.73 5.01 -3.90
CA ALA A 36 -13.61 4.34 -4.56
C ALA A 36 -13.89 2.85 -4.74
N PRO A 37 -13.27 2.25 -5.77
CA PRO A 37 -13.45 0.82 -6.08
C PRO A 37 -12.80 -0.08 -5.04
N ARG A 38 -12.92 -1.39 -5.23
CA ARG A 38 -12.34 -2.36 -4.31
C ARG A 38 -11.01 -2.87 -4.82
N ARG A 39 -10.04 -3.00 -3.91
CA ARG A 39 -8.71 -3.48 -4.27
C ARG A 39 -8.80 -4.64 -5.25
N ALA A 40 -9.77 -5.52 -5.02
CA ALA A 40 -9.96 -6.68 -5.89
C ALA A 40 -10.17 -6.25 -7.35
N GLU A 41 -11.23 -5.49 -7.58
CA GLU A 41 -11.53 -5.02 -8.92
C GLU A 41 -10.62 -3.86 -9.32
N LEU A 42 -9.62 -3.60 -8.49
CA LEU A 42 -8.67 -2.53 -8.75
C LEU A 42 -8.05 -2.66 -10.14
N GLU A 43 -7.88 -3.90 -10.58
CA GLU A 43 -7.30 -4.18 -11.89
C GLU A 43 -8.26 -3.77 -13.00
N MET A 44 -9.39 -4.47 -13.10
CA MET A 44 -10.39 -4.17 -14.12
C MET A 44 -10.78 -2.70 -14.09
N TRP A 45 -10.67 -2.08 -12.91
CA TRP A 45 -11.00 -0.68 -12.76
C TRP A 45 -9.92 0.22 -13.34
N LEU A 46 -8.66 -0.09 -13.02
CA LEU A 46 -7.53 0.69 -13.52
C LEU A 46 -7.31 0.44 -15.00
N GLN A 47 -8.16 -0.40 -15.59
CA GLN A 47 -8.07 -0.71 -17.01
C GLN A 47 -8.77 0.34 -17.86
N GLY A 48 -10.02 0.63 -17.52
CA GLY A 48 -10.78 1.62 -18.26
C GLY A 48 -10.97 2.91 -17.48
N HIS A 49 -10.63 2.88 -16.19
CA HIS A 49 -10.76 4.04 -15.33
C HIS A 49 -9.40 4.49 -14.80
N PRO A 50 -8.35 4.29 -15.61
CA PRO A 50 -6.99 4.66 -15.25
C PRO A 50 -6.79 6.17 -15.21
N GLU A 51 -7.87 6.91 -15.46
CA GLU A 51 -7.80 8.37 -15.45
C GLU A 51 -7.50 8.89 -14.05
N PHE A 52 -7.56 8.00 -13.07
CA PHE A 52 -7.29 8.38 -11.68
C PHE A 52 -5.86 7.98 -11.28
N ALA A 53 -5.49 8.31 -10.05
CA ALA A 53 -4.16 7.98 -9.54
C ALA A 53 -4.20 7.71 -8.05
N VAL A 54 -3.72 6.53 -7.64
CA VAL A 54 -3.70 6.16 -6.24
C VAL A 54 -3.03 7.24 -5.39
N ASP A 55 -3.68 7.62 -4.30
CA ASP A 55 -3.16 8.64 -3.40
C ASP A 55 -1.78 8.24 -2.87
N PRO A 56 -0.86 9.21 -2.83
CA PRO A 56 0.51 8.97 -2.34
C PRO A 56 0.56 8.74 -0.84
N ARG A 57 -0.32 9.41 -0.10
CA ARG A 57 -0.37 9.28 1.35
C ARG A 57 -0.54 7.81 1.74
N PHE A 58 -1.47 7.13 1.06
CA PHE A 58 -1.73 5.73 1.34
C PHE A 58 -0.47 4.88 1.19
N LEU A 59 0.14 4.96 0.01
CA LEU A 59 1.35 4.21 -0.28
C LEU A 59 2.29 4.21 0.93
N ALA A 60 2.72 5.40 1.35
CA ALA A 60 3.60 5.53 2.50
C ALA A 60 3.28 4.48 3.56
N TYR A 61 2.11 4.59 4.15
CA TYR A 61 1.68 3.66 5.19
C TYR A 61 2.20 2.26 4.91
N MET A 62 1.89 1.75 3.71
CA MET A 62 2.32 0.42 3.31
C MET A 62 3.74 0.15 3.78
N GLU A 63 4.66 1.05 3.45
CA GLU A 63 6.06 0.90 3.85
C GLU A 63 6.18 0.63 5.34
N ASP A 64 5.50 1.47 6.14
CA ASP A 64 5.54 1.32 7.59
C ASP A 64 5.41 -0.14 7.99
N ARG A 65 4.55 -0.87 7.30
CA ARG A 65 4.34 -2.28 7.60
C ARG A 65 5.64 -2.96 8.00
N ARG A 66 6.67 -2.77 7.20
CA ARG A 66 7.98 -3.36 7.47
C ARG A 66 8.57 -2.78 8.75
N LYS A 67 8.69 -1.46 8.79
CA LYS A 67 9.24 -0.78 9.95
C LYS A 67 8.87 -1.50 11.24
N GLN A 68 7.57 -1.73 11.42
CA GLN A 68 7.07 -2.42 12.61
C GLN A 68 8.06 -3.47 13.08
N LYS A 69 8.51 -4.31 12.16
CA LYS A 69 9.46 -5.37 12.48
C LYS A 69 10.62 -5.39 11.49
N TRP A 70 11.83 -5.18 11.99
CA TRP A 70 13.02 -5.17 11.15
C TRP A 70 13.72 -6.53 11.18
N GLN A 71 13.88 -7.08 12.38
CA GLN A 71 14.53 -8.37 12.54
C GLN A 71 13.87 -9.43 11.67
N ARG A 72 14.54 -10.57 11.53
CA ARG A 72 14.02 -11.67 10.73
C ARG A 72 14.81 -12.95 10.97
N CYS A 73 14.25 -14.07 10.53
CA CYS A 73 14.90 -15.37 10.71
C CYS A 73 16.27 -15.38 10.04
N LYS A 74 17.26 -15.96 10.73
CA LYS A 74 18.61 -16.03 10.20
C LYS A 74 18.76 -17.20 9.24
N LYS A 75 19.72 -17.07 8.31
CA LYS A 75 19.96 -18.12 7.33
C LYS A 75 21.44 -18.44 7.24
N ASN A 76 21.77 -19.73 7.37
CA ASN A 76 23.16 -20.17 7.31
C ASN A 76 23.79 -19.78 5.98
N ASN A 77 23.00 -19.82 4.92
CA ASN A 77 23.48 -19.47 3.59
C ASN A 77 24.50 -18.34 3.66
N SER A 78 24.32 -17.44 4.62
CA SER A 78 25.22 -16.31 4.79
C SER A 78 26.62 -16.79 5.19
N GLY A 79 27.63 -16.18 4.58
CA GLY A 79 29.00 -16.56 4.88
C GLY A 79 30.01 -15.58 4.29
N PRO A 80 30.06 -15.52 2.95
CA PRO A 80 30.98 -14.63 2.24
C PRO A 80 30.61 -13.16 2.40
N SER A 81 29.57 -12.90 3.19
CA SER A 81 29.11 -11.53 3.41
C SER A 81 30.24 -10.67 3.98
N SER A 82 30.20 -9.38 3.67
CA SER A 82 31.21 -8.44 4.15
C SER A 82 32.58 -8.81 3.58
N GLY A 83 32.60 -9.22 2.32
CA GLY A 83 33.86 -9.59 1.68
C GLY A 83 34.08 -8.85 0.38
N GLY A 1 17.10 -0.44 -12.23
CA GLY A 1 17.51 0.74 -12.98
C GLY A 1 18.63 0.43 -13.96
N SER A 2 19.75 -0.07 -13.45
CA SER A 2 20.89 -0.40 -14.28
C SER A 2 20.65 -1.69 -15.06
N SER A 3 20.46 -2.78 -14.33
CA SER A 3 20.23 -4.07 -14.95
C SER A 3 18.98 -4.03 -15.83
N GLY A 4 17.85 -3.68 -15.23
CA GLY A 4 16.60 -3.61 -15.97
C GLY A 4 15.56 -2.77 -15.27
N SER A 5 14.40 -3.37 -15.00
CA SER A 5 13.31 -2.67 -14.33
C SER A 5 12.39 -3.65 -13.60
N SER A 6 12.44 -3.61 -12.27
CA SER A 6 11.62 -4.49 -11.45
C SER A 6 10.17 -4.49 -11.93
N GLY A 7 9.61 -3.29 -12.07
CA GLY A 7 8.23 -3.17 -12.52
C GLY A 7 7.56 -1.92 -11.99
N GLU A 8 6.76 -2.09 -10.94
CA GLU A 8 6.05 -0.96 -10.33
C GLU A 8 6.90 -0.29 -9.26
N PRO A 9 6.80 1.04 -9.17
CA PRO A 9 7.55 1.82 -8.18
C PRO A 9 7.06 1.59 -6.76
N ASN A 10 5.91 0.94 -6.63
CA ASN A 10 5.33 0.66 -5.32
C ASN A 10 4.42 -0.57 -5.39
N HIS A 11 4.25 -1.23 -4.25
CA HIS A 11 3.41 -2.42 -4.17
C HIS A 11 2.24 -2.20 -3.22
N LEU A 12 1.29 -3.12 -3.23
CA LEU A 12 0.12 -3.03 -2.37
C LEU A 12 -0.24 -4.39 -1.79
N ASP A 13 -0.23 -4.49 -0.47
CA ASP A 13 -0.57 -5.74 0.20
C ASP A 13 -1.96 -5.68 0.81
N VAL A 14 -2.72 -4.66 0.43
CA VAL A 14 -4.08 -4.49 0.93
C VAL A 14 -4.91 -5.74 0.71
N ASP A 15 -6.15 -5.70 1.18
CA ASP A 15 -7.06 -6.84 1.04
C ASP A 15 -8.11 -6.56 -0.03
N LEU A 16 -8.63 -7.63 -0.64
CA LEU A 16 -9.64 -7.51 -1.67
C LEU A 16 -10.85 -6.73 -1.16
N GLU A 17 -11.21 -6.96 0.09
CA GLU A 17 -12.35 -6.29 0.70
C GLU A 17 -11.93 -4.92 1.26
N THR A 18 -10.77 -4.45 0.83
CA THR A 18 -10.26 -3.16 1.29
C THR A 18 -10.33 -2.11 0.17
N ARG A 19 -10.99 -1.00 0.46
CA ARG A 19 -11.13 0.08 -0.51
C ARG A 19 -9.78 0.75 -0.79
N ILE A 20 -9.67 1.40 -1.94
CA ILE A 20 -8.45 2.08 -2.31
C ILE A 20 -8.73 3.48 -2.85
N PRO A 21 -8.25 4.50 -2.13
CA PRO A 21 -8.44 5.90 -2.51
C PRO A 21 -7.64 6.27 -3.75
N VAL A 22 -8.12 7.28 -4.48
CA VAL A 22 -7.45 7.73 -5.70
C VAL A 22 -7.81 9.18 -6.01
N ILE A 23 -6.81 9.96 -6.42
CA ILE A 23 -7.02 11.36 -6.76
C ILE A 23 -6.92 11.58 -8.26
N ASN A 24 -8.05 11.87 -8.89
CA ASN A 24 -8.08 12.10 -10.33
C ASN A 24 -7.08 13.18 -10.72
N LYS A 25 -6.66 13.14 -11.99
CA LYS A 25 -5.71 14.12 -12.49
C LYS A 25 -6.39 15.14 -13.40
N VAL A 26 -7.40 14.69 -14.13
CA VAL A 26 -8.15 15.56 -15.02
C VAL A 26 -8.82 16.69 -14.26
N ASP A 27 -9.71 16.35 -13.35
CA ASP A 27 -10.42 17.33 -12.55
C ASP A 27 -9.74 17.53 -11.20
N GLY A 28 -9.33 16.42 -10.58
CA GLY A 28 -8.68 16.49 -9.29
C GLY A 28 -9.58 16.07 -8.15
N THR A 29 -10.42 15.07 -8.40
CA THR A 29 -11.35 14.58 -7.38
C THR A 29 -10.77 13.37 -6.64
N LEU A 30 -10.91 13.39 -5.32
CA LEU A 30 -10.40 12.30 -4.50
C LEU A 30 -11.53 11.34 -4.11
N LEU A 31 -11.38 10.07 -4.45
CA LEU A 31 -12.38 9.07 -4.12
C LEU A 31 -12.07 8.41 -2.78
N VAL A 32 -13.06 8.41 -1.89
CA VAL A 32 -12.90 7.83 -0.56
C VAL A 32 -14.19 7.13 -0.12
N GLY A 33 -14.04 6.11 0.72
CA GLY A 33 -15.19 5.37 1.21
C GLY A 33 -15.74 4.40 0.18
N GLU A 34 -17.03 4.53 -0.13
CA GLU A 34 -17.67 3.65 -1.10
C GLU A 34 -17.39 4.12 -2.52
N ASP A 35 -17.22 5.43 -2.68
CA ASP A 35 -16.95 6.00 -4.00
C ASP A 35 -15.73 5.34 -4.65
N ALA A 36 -14.74 5.02 -3.83
CA ALA A 36 -13.53 4.37 -4.32
C ALA A 36 -13.74 2.88 -4.49
N PRO A 37 -13.20 2.32 -5.60
CA PRO A 37 -13.31 0.89 -5.90
C PRO A 37 -12.48 0.04 -4.95
N ARG A 38 -12.54 -1.28 -5.16
CA ARG A 38 -11.78 -2.21 -4.33
C ARG A 38 -10.51 -2.67 -5.03
N ARG A 39 -9.57 -3.20 -4.25
CA ARG A 39 -8.31 -3.68 -4.80
C ARG A 39 -8.55 -4.79 -5.82
N ALA A 40 -9.34 -5.79 -5.42
CA ALA A 40 -9.64 -6.92 -6.30
C ALA A 40 -10.04 -6.43 -7.68
N GLU A 41 -11.06 -5.58 -7.75
CA GLU A 41 -11.52 -5.06 -9.02
C GLU A 41 -10.57 -4.01 -9.57
N LEU A 42 -9.87 -3.32 -8.67
CA LEU A 42 -8.92 -2.29 -9.06
C LEU A 42 -8.21 -2.67 -10.36
N GLU A 43 -8.02 -3.96 -10.58
CA GLU A 43 -7.37 -4.45 -11.78
C GLU A 43 -8.22 -4.17 -13.02
N MET A 44 -9.46 -4.65 -13.00
CA MET A 44 -10.38 -4.45 -14.11
C MET A 44 -10.86 -3.01 -14.18
N TRP A 45 -10.79 -2.32 -13.04
CA TRP A 45 -11.21 -0.92 -12.96
C TRP A 45 -10.15 0.00 -13.54
N LEU A 46 -8.90 -0.18 -13.11
CA LEU A 46 -7.79 0.64 -13.58
C LEU A 46 -7.63 0.50 -15.09
N GLN A 47 -8.27 -0.52 -15.66
CA GLN A 47 -8.19 -0.76 -17.09
C GLN A 47 -8.84 0.39 -17.88
N GLY A 48 -10.11 0.65 -17.59
CA GLY A 48 -10.82 1.72 -18.27
C GLY A 48 -11.02 2.94 -17.39
N HIS A 49 -10.58 2.83 -16.14
CA HIS A 49 -10.72 3.93 -15.18
C HIS A 49 -9.35 4.41 -14.71
N PRO A 50 -8.34 4.26 -15.57
CA PRO A 50 -6.96 4.66 -15.26
C PRO A 50 -6.81 6.18 -15.19
N GLU A 51 -7.92 6.89 -15.36
CA GLU A 51 -7.90 8.35 -15.31
C GLU A 51 -7.61 8.86 -13.90
N PHE A 52 -7.51 7.92 -12.96
CA PHE A 52 -7.24 8.26 -11.58
C PHE A 52 -5.81 7.87 -11.19
N ALA A 53 -5.43 8.18 -9.95
CA ALA A 53 -4.10 7.86 -9.45
C ALA A 53 -4.12 7.63 -7.95
N VAL A 54 -3.59 6.48 -7.53
CA VAL A 54 -3.54 6.14 -6.10
C VAL A 54 -2.85 7.24 -5.31
N ASP A 55 -3.48 7.66 -4.22
CA ASP A 55 -2.93 8.70 -3.36
C ASP A 55 -1.54 8.31 -2.85
N PRO A 56 -0.57 9.22 -3.05
CA PRO A 56 0.81 8.98 -2.62
C PRO A 56 0.97 9.00 -1.11
N ARG A 57 0.17 9.83 -0.45
CA ARG A 57 0.22 9.94 1.01
C ARG A 57 -0.22 8.63 1.67
N PHE A 58 -1.26 8.02 1.11
CA PHE A 58 -1.79 6.77 1.64
C PHE A 58 -0.73 5.67 1.56
N LEU A 59 0.14 5.76 0.57
CA LEU A 59 1.20 4.77 0.39
C LEU A 59 2.25 4.88 1.48
N ALA A 60 2.98 5.99 1.48
CA ALA A 60 4.02 6.22 2.49
C ALA A 60 3.63 5.63 3.83
N TYR A 61 2.33 5.66 4.13
CA TYR A 61 1.82 5.13 5.40
C TYR A 61 2.14 3.65 5.52
N MET A 62 1.81 2.88 4.50
CA MET A 62 2.06 1.45 4.49
C MET A 62 3.52 1.16 4.14
N GLU A 63 4.06 1.92 3.19
CA GLU A 63 5.43 1.73 2.76
C GLU A 63 6.37 1.64 3.96
N ASP A 64 6.08 2.42 4.99
CA ASP A 64 6.90 2.42 6.20
C ASP A 64 6.80 1.08 6.92
N ARG A 65 5.58 0.58 7.08
CA ARG A 65 5.35 -0.69 7.75
C ARG A 65 6.46 -1.68 7.44
N ARG A 66 6.54 -2.08 6.17
CA ARG A 66 7.56 -3.03 5.74
C ARG A 66 8.96 -2.47 5.97
N LYS A 67 9.18 -1.24 5.52
CA LYS A 67 10.48 -0.59 5.68
C LYS A 67 11.10 -0.93 7.03
N GLN A 68 10.28 -0.85 8.08
CA GLN A 68 10.74 -1.15 9.43
C GLN A 68 11.21 -2.60 9.55
N LYS A 69 12.15 -2.84 10.44
CA LYS A 69 12.68 -4.19 10.65
C LYS A 69 13.11 -4.39 12.10
N TRP A 70 13.37 -5.64 12.46
CA TRP A 70 13.79 -5.97 13.82
C TRP A 70 15.15 -6.66 13.82
N GLN A 71 15.79 -6.69 14.99
CA GLN A 71 17.11 -7.32 15.11
C GLN A 71 16.97 -8.84 15.11
N ARG A 72 17.79 -9.50 14.28
CA ARG A 72 17.76 -10.95 14.19
C ARG A 72 18.56 -11.59 15.32
N CYS A 73 18.33 -12.87 15.56
CA CYS A 73 19.02 -13.59 16.62
C CYS A 73 20.21 -14.37 16.05
N LYS A 74 21.23 -14.56 16.88
CA LYS A 74 22.43 -15.28 16.47
C LYS A 74 22.15 -16.78 16.37
N LYS A 75 23.13 -17.53 15.89
CA LYS A 75 23.00 -18.98 15.76
C LYS A 75 24.37 -19.64 15.63
N ASN A 76 24.38 -20.96 15.57
CA ASN A 76 25.62 -21.72 15.44
C ASN A 76 26.09 -21.76 13.99
N ASN A 77 27.42 -21.74 13.82
CA ASN A 77 28.00 -21.76 12.48
C ASN A 77 27.54 -22.99 11.71
N SER A 78 27.83 -24.17 12.24
CA SER A 78 27.44 -25.43 11.60
C SER A 78 27.49 -26.58 12.59
N GLY A 79 27.08 -27.76 12.13
CA GLY A 79 27.08 -28.93 12.99
C GLY A 79 27.42 -30.20 12.24
N PRO A 80 26.38 -30.89 11.73
CA PRO A 80 26.56 -32.14 10.98
C PRO A 80 27.20 -31.90 9.62
N SER A 81 27.61 -32.99 8.97
CA SER A 81 28.26 -32.91 7.66
C SER A 81 27.38 -33.56 6.59
N SER A 82 27.37 -32.97 5.41
CA SER A 82 26.58 -33.50 4.29
C SER A 82 27.10 -34.86 3.85
N GLY A 83 26.42 -35.46 2.88
CA GLY A 83 26.82 -36.75 2.38
C GLY A 83 27.91 -36.65 1.33
N GLY A 1 -0.40 -13.11 20.11
CA GLY A 1 -1.36 -13.40 19.07
C GLY A 1 -1.74 -12.17 18.27
N SER A 2 -0.73 -11.45 17.79
CA SER A 2 -0.96 -10.23 17.01
C SER A 2 -0.58 -10.45 15.54
N SER A 3 -1.47 -10.05 14.64
CA SER A 3 -1.23 -10.21 13.21
C SER A 3 -0.67 -8.91 12.62
N GLY A 4 0.35 -9.05 11.79
CA GLY A 4 0.96 -7.89 11.16
C GLY A 4 2.39 -7.67 11.61
N SER A 5 3.19 -8.73 11.57
CA SER A 5 4.59 -8.66 11.98
C SER A 5 5.49 -8.41 10.78
N SER A 6 6.49 -7.53 10.97
CA SER A 6 7.42 -7.20 9.90
C SER A 6 8.80 -7.77 10.19
N GLY A 7 9.35 -8.48 9.21
CA GLY A 7 10.66 -9.08 9.37
C GLY A 7 11.32 -9.41 8.05
N GLU A 8 10.64 -10.19 7.23
CA GLU A 8 11.17 -10.58 5.92
C GLU A 8 10.79 -9.55 4.86
N PRO A 9 11.62 -9.46 3.81
CA PRO A 9 11.40 -8.52 2.70
C PRO A 9 10.20 -8.91 1.84
N ASN A 10 9.08 -8.23 2.07
CA ASN A 10 7.86 -8.51 1.31
C ASN A 10 7.20 -7.22 0.84
N HIS A 11 6.63 -7.25 -0.36
CA HIS A 11 5.97 -6.09 -0.92
C HIS A 11 4.70 -5.73 -0.14
N LEU A 12 4.04 -4.66 -0.53
CA LEU A 12 2.82 -4.22 0.13
C LEU A 12 1.69 -5.20 -0.11
N ASP A 13 0.91 -5.49 0.94
CA ASP A 13 -0.21 -6.41 0.84
C ASP A 13 -1.45 -5.83 1.51
N VAL A 14 -2.60 -6.01 0.88
CA VAL A 14 -3.86 -5.50 1.43
C VAL A 14 -4.98 -6.52 1.25
N ASP A 15 -6.16 -6.18 1.76
CA ASP A 15 -7.31 -7.08 1.67
C ASP A 15 -8.27 -6.62 0.58
N LEU A 16 -8.75 -7.56 -0.22
CA LEU A 16 -9.67 -7.25 -1.31
C LEU A 16 -10.73 -6.25 -0.85
N GLU A 17 -11.32 -6.51 0.31
CA GLU A 17 -12.35 -5.63 0.86
C GLU A 17 -11.81 -4.23 1.07
N THR A 18 -10.54 -4.13 1.49
CA THR A 18 -9.91 -2.85 1.73
C THR A 18 -10.03 -1.94 0.51
N ARG A 19 -10.76 -0.84 0.66
CA ARG A 19 -10.95 0.11 -0.43
C ARG A 19 -9.62 0.72 -0.85
N ILE A 20 -9.62 1.37 -2.01
CA ILE A 20 -8.41 2.01 -2.53
C ILE A 20 -8.70 3.42 -3.02
N PRO A 21 -8.30 4.43 -2.22
CA PRO A 21 -8.51 5.84 -2.57
C PRO A 21 -7.63 6.29 -3.73
N VAL A 22 -8.19 7.15 -4.58
CA VAL A 22 -7.46 7.66 -5.73
C VAL A 22 -7.82 9.11 -6.02
N ILE A 23 -6.85 9.87 -6.51
CA ILE A 23 -7.06 11.28 -6.83
C ILE A 23 -6.94 11.53 -8.32
N ASN A 24 -8.07 11.91 -8.95
CA ASN A 24 -8.08 12.18 -10.38
C ASN A 24 -7.03 13.23 -10.74
N LYS A 25 -6.59 13.20 -12.00
CA LYS A 25 -5.58 14.14 -12.48
C LYS A 25 -6.22 15.20 -13.36
N VAL A 26 -7.23 14.80 -14.13
CA VAL A 26 -7.93 15.73 -15.03
C VAL A 26 -8.59 16.85 -14.24
N ASP A 27 -9.50 16.48 -13.35
CA ASP A 27 -10.21 17.46 -12.53
C ASP A 27 -9.53 17.63 -11.17
N GLY A 28 -9.18 16.52 -10.54
CA GLY A 28 -8.52 16.56 -9.25
C GLY A 28 -9.45 16.16 -8.12
N THR A 29 -10.35 15.22 -8.39
CA THR A 29 -11.30 14.76 -7.38
C THR A 29 -10.77 13.54 -6.64
N LEU A 30 -10.95 13.52 -5.33
CA LEU A 30 -10.49 12.40 -4.51
C LEU A 30 -11.64 11.44 -4.21
N LEU A 31 -11.38 10.16 -4.39
CA LEU A 31 -12.38 9.13 -4.14
C LEU A 31 -12.10 8.39 -2.84
N VAL A 32 -13.12 8.26 -2.00
CA VAL A 32 -12.97 7.58 -0.72
C VAL A 32 -14.20 6.73 -0.40
N GLY A 33 -14.05 5.80 0.55
CA GLY A 33 -15.15 4.94 0.92
C GLY A 33 -15.72 4.17 -0.26
N GLU A 34 -17.05 4.13 -0.35
CA GLU A 34 -17.71 3.42 -1.43
C GLU A 34 -17.26 3.95 -2.79
N ASP A 35 -17.39 5.26 -2.99
CA ASP A 35 -16.98 5.88 -4.24
C ASP A 35 -15.76 5.19 -4.83
N ALA A 36 -14.77 4.91 -3.97
CA ALA A 36 -13.56 4.25 -4.41
C ALA A 36 -13.77 2.75 -4.56
N PRO A 37 -13.19 2.17 -5.62
CA PRO A 37 -13.29 0.74 -5.89
C PRO A 37 -12.52 -0.11 -4.89
N ARG A 38 -12.47 -1.42 -5.15
CA ARG A 38 -11.77 -2.34 -4.26
C ARG A 38 -10.48 -2.85 -4.91
N ARG A 39 -9.52 -3.22 -4.09
CA ARG A 39 -8.25 -3.73 -4.59
C ARG A 39 -8.45 -4.90 -5.55
N ALA A 40 -9.42 -5.76 -5.21
CA ALA A 40 -9.72 -6.92 -6.05
C ALA A 40 -10.08 -6.50 -7.47
N GLU A 41 -11.05 -5.59 -7.58
CA GLU A 41 -11.49 -5.10 -8.89
C GLU A 41 -10.60 -3.96 -9.36
N LEU A 42 -9.76 -3.45 -8.47
CA LEU A 42 -8.86 -2.35 -8.80
C LEU A 42 -8.11 -2.64 -10.10
N GLU A 43 -8.01 -3.92 -10.45
CA GLU A 43 -7.32 -4.33 -11.67
C GLU A 43 -8.20 -4.12 -12.89
N MET A 44 -9.49 -4.47 -12.76
CA MET A 44 -10.44 -4.32 -13.86
C MET A 44 -10.95 -2.88 -13.94
N TRP A 45 -10.84 -2.15 -12.83
CA TRP A 45 -11.29 -0.76 -12.79
C TRP A 45 -10.25 0.17 -13.41
N LEU A 46 -8.99 -0.04 -13.06
CA LEU A 46 -7.91 0.78 -13.58
C LEU A 46 -7.77 0.60 -15.09
N GLN A 47 -8.37 -0.46 -15.61
CA GLN A 47 -8.31 -0.74 -17.04
C GLN A 47 -9.03 0.35 -17.83
N GLY A 48 -10.25 0.67 -17.41
CA GLY A 48 -11.03 1.70 -18.09
C GLY A 48 -11.18 2.96 -17.27
N HIS A 49 -10.73 2.91 -16.02
CA HIS A 49 -10.82 4.06 -15.13
C HIS A 49 -9.43 4.52 -14.69
N PRO A 50 -8.44 4.34 -15.59
CA PRO A 50 -7.06 4.74 -15.33
C PRO A 50 -6.89 6.25 -15.27
N GLU A 51 -7.99 6.98 -15.39
CA GLU A 51 -7.95 8.43 -15.36
C GLU A 51 -7.63 8.94 -13.95
N PHE A 52 -7.55 8.02 -13.01
CA PHE A 52 -7.26 8.36 -11.62
C PHE A 52 -5.84 7.94 -11.25
N ALA A 53 -5.44 8.23 -10.02
CA ALA A 53 -4.11 7.89 -9.54
C ALA A 53 -4.10 7.66 -8.03
N VAL A 54 -3.58 6.52 -7.62
CA VAL A 54 -3.50 6.17 -6.20
C VAL A 54 -2.84 7.29 -5.40
N ASP A 55 -3.47 7.66 -4.29
CA ASP A 55 -2.93 8.71 -3.43
C ASP A 55 -1.56 8.32 -2.88
N PRO A 56 -0.63 9.29 -2.86
CA PRO A 56 0.73 9.07 -2.36
C PRO A 56 0.76 8.86 -0.85
N ARG A 57 -0.19 9.47 -0.15
CA ARG A 57 -0.26 9.35 1.30
C ARG A 57 -0.48 7.91 1.72
N PHE A 58 -1.45 7.24 1.10
CA PHE A 58 -1.75 5.86 1.42
C PHE A 58 -0.52 4.97 1.23
N LEU A 59 0.22 5.21 0.16
CA LEU A 59 1.41 4.44 -0.14
C LEU A 59 2.44 4.58 0.98
N ALA A 60 2.91 5.81 1.20
CA ALA A 60 3.89 6.08 2.24
C ALA A 60 3.60 5.23 3.49
N TYR A 61 2.41 5.41 4.06
CA TYR A 61 2.02 4.68 5.25
C TYR A 61 2.59 3.27 5.23
N MET A 62 2.28 2.52 4.18
CA MET A 62 2.77 1.15 4.05
C MET A 62 4.29 1.11 4.12
N GLU A 63 4.93 1.66 3.10
CA GLU A 63 6.40 1.68 3.05
C GLU A 63 6.98 1.91 4.43
N ASP A 64 6.44 2.88 5.15
CA ASP A 64 6.91 3.20 6.50
C ASP A 64 7.16 1.92 7.30
N ARG A 65 6.16 1.06 7.36
CA ARG A 65 6.27 -0.19 8.09
C ARG A 65 7.70 -0.74 8.01
N ARG A 66 8.18 -0.92 6.79
CA ARG A 66 9.52 -1.45 6.58
C ARG A 66 10.49 -0.92 7.63
N LYS A 67 10.59 0.39 7.73
CA LYS A 67 11.47 1.02 8.71
C LYS A 67 11.42 0.30 10.05
N GLN A 68 10.20 0.04 10.51
CA GLN A 68 10.01 -0.66 11.79
C GLN A 68 10.69 -2.01 11.77
N LYS A 69 11.19 -2.44 12.94
CA LYS A 69 11.87 -3.71 13.07
C LYS A 69 11.49 -4.40 14.37
N TRP A 70 11.33 -5.72 14.31
CA TRP A 70 10.96 -6.50 15.49
C TRP A 70 12.13 -7.34 15.96
N GLN A 71 12.07 -7.79 17.22
CA GLN A 71 13.13 -8.60 17.80
C GLN A 71 13.26 -9.93 17.05
N ARG A 72 14.50 -10.35 16.85
CA ARG A 72 14.77 -11.60 16.14
C ARG A 72 15.25 -12.68 17.10
N CYS A 73 15.23 -13.93 16.64
CA CYS A 73 15.66 -15.05 17.47
C CYS A 73 17.17 -15.07 17.62
N LYS A 74 17.65 -15.55 18.76
CA LYS A 74 19.09 -15.63 19.03
C LYS A 74 19.79 -16.44 17.94
N LYS A 75 19.16 -17.53 17.52
CA LYS A 75 19.72 -18.39 16.49
C LYS A 75 20.04 -17.60 15.23
N ASN A 76 21.33 -17.35 15.01
CA ASN A 76 21.76 -16.61 13.83
C ASN A 76 22.70 -17.45 12.97
N ASN A 77 22.99 -16.96 11.77
CA ASN A 77 23.86 -17.67 10.84
C ASN A 77 25.20 -16.93 10.69
N SER A 78 26.24 -17.67 10.33
CA SER A 78 27.56 -17.08 10.14
C SER A 78 27.66 -16.39 8.79
N GLY A 79 28.58 -15.42 8.70
CA GLY A 79 28.75 -14.69 7.45
C GLY A 79 30.21 -14.43 7.14
N PRO A 80 30.55 -14.41 5.85
CA PRO A 80 31.92 -14.17 5.39
C PRO A 80 32.37 -12.72 5.63
N SER A 81 33.18 -12.53 6.67
CA SER A 81 33.67 -11.20 7.02
C SER A 81 35.20 -11.14 6.87
N SER A 82 35.73 -9.92 6.94
CA SER A 82 37.17 -9.72 6.82
C SER A 82 37.74 -9.02 8.06
N GLY A 83 38.85 -9.55 8.57
CA GLY A 83 39.47 -8.97 9.75
C GLY A 83 40.88 -8.49 9.48
N GLY A 1 5.71 17.49 -15.00
CA GLY A 1 7.00 16.83 -14.85
C GLY A 1 7.30 16.45 -13.41
N SER A 2 7.03 15.19 -13.07
CA SER A 2 7.26 14.70 -11.71
C SER A 2 7.49 13.19 -11.71
N SER A 3 7.81 12.66 -10.54
CA SER A 3 8.06 11.23 -10.40
C SER A 3 6.77 10.48 -10.05
N GLY A 4 6.15 10.87 -8.95
CA GLY A 4 4.92 10.24 -8.51
C GLY A 4 4.93 8.74 -8.77
N SER A 5 5.64 8.00 -7.92
CA SER A 5 5.73 6.55 -8.06
C SER A 5 4.35 5.91 -7.92
N SER A 6 4.00 5.07 -8.89
CA SER A 6 2.71 4.39 -8.88
C SER A 6 2.89 2.87 -8.82
N GLY A 7 1.91 2.19 -8.22
CA GLY A 7 1.99 0.75 -8.11
C GLY A 7 3.41 0.26 -7.90
N GLU A 8 3.89 0.34 -6.66
CA GLU A 8 5.25 -0.10 -6.34
C GLU A 8 5.24 -1.55 -5.88
N PRO A 9 6.35 -2.26 -6.14
CA PRO A 9 6.50 -3.66 -5.75
C PRO A 9 6.64 -3.83 -4.24
N ASN A 10 5.57 -4.33 -3.62
CA ASN A 10 5.57 -4.54 -2.17
C ASN A 10 4.41 -5.44 -1.76
N HIS A 11 4.45 -5.93 -0.52
CA HIS A 11 3.41 -6.81 -0.01
C HIS A 11 2.18 -6.00 0.41
N LEU A 12 1.05 -6.27 -0.25
CA LEU A 12 -0.19 -5.56 0.06
C LEU A 12 -0.80 -6.08 1.36
N ASP A 13 -1.23 -5.14 2.20
CA ASP A 13 -1.84 -5.50 3.48
C ASP A 13 -3.37 -5.46 3.38
N VAL A 14 -3.88 -4.51 2.63
CA VAL A 14 -5.32 -4.36 2.46
C VAL A 14 -5.95 -5.67 1.99
N ASP A 15 -7.28 -5.71 1.98
CA ASP A 15 -8.00 -6.89 1.55
C ASP A 15 -8.91 -6.58 0.37
N LEU A 16 -9.33 -7.62 -0.35
CA LEU A 16 -10.20 -7.46 -1.50
C LEU A 16 -11.36 -6.51 -1.19
N GLU A 17 -11.88 -6.61 0.03
CA GLU A 17 -12.98 -5.76 0.46
C GLU A 17 -12.52 -4.33 0.71
N THR A 18 -11.33 -4.20 1.28
CA THR A 18 -10.76 -2.89 1.58
C THR A 18 -10.73 -2.01 0.32
N ARG A 19 -11.19 -0.77 0.46
CA ARG A 19 -11.21 0.16 -0.66
C ARG A 19 -9.85 0.82 -0.83
N ILE A 20 -9.71 1.58 -1.92
CA ILE A 20 -8.45 2.28 -2.21
C ILE A 20 -8.72 3.68 -2.75
N PRO A 21 -8.24 4.69 -2.01
CA PRO A 21 -8.42 6.10 -2.39
C PRO A 21 -7.58 6.47 -3.61
N VAL A 22 -8.16 7.26 -4.51
CA VAL A 22 -7.47 7.68 -5.71
C VAL A 22 -7.81 9.13 -6.07
N ILE A 23 -6.80 9.93 -6.37
CA ILE A 23 -7.00 11.32 -6.73
C ILE A 23 -6.90 11.52 -8.23
N ASN A 24 -8.02 11.90 -8.85
CA ASN A 24 -8.05 12.13 -10.30
C ASN A 24 -7.03 13.17 -10.71
N LYS A 25 -6.60 13.11 -11.97
CA LYS A 25 -5.62 14.06 -12.49
C LYS A 25 -6.28 15.08 -13.40
N VAL A 26 -7.33 14.66 -14.10
CA VAL A 26 -8.05 15.55 -15.00
C VAL A 26 -8.71 16.69 -14.24
N ASP A 27 -9.61 16.34 -13.32
CA ASP A 27 -10.31 17.35 -12.52
C ASP A 27 -9.64 17.52 -11.16
N GLY A 28 -9.24 16.40 -10.56
CA GLY A 28 -8.59 16.45 -9.27
C GLY A 28 -9.52 16.04 -8.14
N THR A 29 -10.42 15.11 -8.43
CA THR A 29 -11.37 14.63 -7.43
C THR A 29 -10.81 13.44 -6.66
N LEU A 30 -10.94 13.48 -5.35
CA LEU A 30 -10.45 12.40 -4.50
C LEU A 30 -11.57 11.44 -4.13
N LEU A 31 -11.38 10.16 -4.45
CA LEU A 31 -12.37 9.14 -4.15
C LEU A 31 -12.07 8.44 -2.83
N VAL A 32 -13.05 8.40 -1.94
CA VAL A 32 -12.89 7.76 -0.64
C VAL A 32 -14.14 7.01 -0.24
N GLY A 33 -13.97 5.92 0.50
CA GLY A 33 -15.10 5.12 0.94
C GLY A 33 -15.65 4.24 -0.16
N GLU A 34 -16.94 4.37 -0.43
CA GLU A 34 -17.59 3.58 -1.46
C GLU A 34 -17.27 4.12 -2.86
N ASP A 35 -17.03 5.43 -2.93
CA ASP A 35 -16.72 6.07 -4.20
C ASP A 35 -15.53 5.39 -4.87
N ALA A 36 -14.53 5.01 -4.07
CA ALA A 36 -13.34 4.35 -4.59
C ALA A 36 -13.60 2.86 -4.81
N PRO A 37 -12.94 2.30 -5.83
CA PRO A 37 -13.07 0.88 -6.17
C PRO A 37 -12.44 -0.03 -5.12
N ARG A 38 -12.43 -1.34 -5.39
CA ARG A 38 -11.86 -2.30 -4.47
C ARG A 38 -10.53 -2.84 -5.00
N ARG A 39 -9.61 -3.11 -4.09
CA ARG A 39 -8.29 -3.62 -4.47
C ARG A 39 -8.43 -4.81 -5.41
N ALA A 40 -9.43 -5.65 -5.16
CA ALA A 40 -9.67 -6.83 -5.98
C ALA A 40 -9.93 -6.44 -7.43
N GLU A 41 -10.98 -5.65 -7.65
CA GLU A 41 -11.34 -5.20 -8.99
C GLU A 41 -10.49 -4.01 -9.41
N LEU A 42 -9.40 -3.77 -8.68
CA LEU A 42 -8.51 -2.65 -8.98
C LEU A 42 -7.96 -2.77 -10.40
N GLU A 43 -7.66 -3.99 -10.82
CA GLU A 43 -7.14 -4.23 -12.16
C GLU A 43 -8.20 -3.95 -13.22
N MET A 44 -9.34 -4.61 -13.08
CA MET A 44 -10.43 -4.43 -14.03
C MET A 44 -10.95 -2.99 -14.01
N TRP A 45 -10.79 -2.33 -12.88
CA TRP A 45 -11.24 -0.95 -12.73
C TRP A 45 -10.23 0.02 -13.35
N LEU A 46 -8.96 -0.15 -13.01
CA LEU A 46 -7.91 0.71 -13.52
C LEU A 46 -7.83 0.62 -15.04
N GLN A 47 -8.45 -0.42 -15.61
CA GLN A 47 -8.46 -0.61 -17.05
C GLN A 47 -9.17 0.55 -17.75
N GLY A 48 -10.44 0.75 -17.41
CA GLY A 48 -11.20 1.83 -18.02
C GLY A 48 -11.31 3.04 -17.11
N HIS A 49 -10.79 2.92 -15.90
CA HIS A 49 -10.83 4.02 -14.94
C HIS A 49 -9.42 4.46 -14.56
N PRO A 50 -8.48 4.31 -15.51
CA PRO A 50 -7.08 4.69 -15.30
C PRO A 50 -6.90 6.21 -15.22
N GLU A 51 -7.99 6.94 -15.34
CA GLU A 51 -7.95 8.40 -15.28
C GLU A 51 -7.66 8.87 -13.86
N PHE A 52 -7.62 7.93 -12.93
CA PHE A 52 -7.36 8.25 -11.53
C PHE A 52 -5.94 7.85 -11.13
N ALA A 53 -5.55 8.21 -9.92
CA ALA A 53 -4.21 7.88 -9.42
C ALA A 53 -4.25 7.55 -7.92
N VAL A 54 -3.74 6.39 -7.57
CA VAL A 54 -3.71 5.96 -6.17
C VAL A 54 -3.03 7.00 -5.29
N ASP A 55 -3.73 7.40 -4.22
CA ASP A 55 -3.20 8.40 -3.30
C ASP A 55 -1.80 8.01 -2.82
N PRO A 56 -0.85 8.95 -2.92
CA PRO A 56 0.53 8.73 -2.49
C PRO A 56 0.66 8.61 -0.99
N ARG A 57 -0.35 9.08 -0.27
CA ARG A 57 -0.35 9.03 1.19
C ARG A 57 -0.49 7.59 1.68
N PHE A 58 -1.35 6.83 1.03
CA PHE A 58 -1.58 5.43 1.40
C PHE A 58 -0.33 4.59 1.16
N LEU A 59 0.25 4.72 -0.02
CA LEU A 59 1.45 3.97 -0.37
C LEU A 59 2.50 4.08 0.73
N ALA A 60 2.98 5.30 0.95
CA ALA A 60 3.98 5.55 1.99
C ALA A 60 3.73 4.69 3.22
N TYR A 61 2.57 4.88 3.85
CA TYR A 61 2.21 4.13 5.04
C TYR A 61 2.76 2.71 4.96
N MET A 62 2.66 2.11 3.79
CA MET A 62 3.15 0.74 3.58
C MET A 62 4.62 0.63 3.95
N GLU A 63 5.47 1.29 3.17
CA GLU A 63 6.90 1.27 3.41
C GLU A 63 7.21 1.28 4.90
N ASP A 64 6.69 2.29 5.59
CA ASP A 64 6.90 2.43 7.03
C ASP A 64 6.96 1.07 7.70
N ARG A 65 5.98 0.22 7.40
CA ARG A 65 5.93 -1.11 7.98
C ARG A 65 7.21 -1.88 7.70
N ARG A 66 7.56 -2.00 6.43
CA ARG A 66 8.77 -2.72 6.03
C ARG A 66 9.99 -2.20 6.80
N LYS A 67 10.32 -0.93 6.57
CA LYS A 67 11.45 -0.31 7.24
C LYS A 67 11.40 -0.55 8.74
N GLN A 68 10.23 -0.38 9.32
CA GLN A 68 10.04 -0.59 10.76
C GLN A 68 10.93 -1.71 11.26
N LYS A 69 10.93 -2.83 10.54
CA LYS A 69 11.73 -3.99 10.93
C LYS A 69 12.47 -4.56 9.72
N TRP A 70 13.79 -4.65 9.83
CA TRP A 70 14.61 -5.19 8.74
C TRP A 70 15.12 -6.58 9.07
N GLN A 71 15.53 -7.32 8.05
CA GLN A 71 16.04 -8.66 8.23
C GLN A 71 17.19 -8.68 9.24
N ARG A 72 18.16 -7.80 9.04
CA ARG A 72 19.31 -7.72 9.93
C ARG A 72 20.11 -9.02 9.91
N CYS A 73 20.29 -9.58 8.73
CA CYS A 73 21.04 -10.82 8.57
C CYS A 73 22.46 -10.56 8.11
N LYS A 74 23.37 -11.46 8.48
CA LYS A 74 24.78 -11.31 8.11
C LYS A 74 25.15 -12.31 7.01
N LYS A 75 26.15 -11.95 6.21
CA LYS A 75 26.61 -12.82 5.13
C LYS A 75 27.88 -13.56 5.54
N ASN A 76 28.13 -14.70 4.90
CA ASN A 76 29.31 -15.50 5.19
C ASN A 76 30.40 -15.26 4.15
N ASN A 77 31.44 -14.52 4.57
CA ASN A 77 32.55 -14.22 3.67
C ASN A 77 33.45 -15.44 3.47
N SER A 78 33.78 -15.72 2.21
CA SER A 78 34.62 -16.86 1.89
C SER A 78 35.91 -16.41 1.22
N GLY A 79 36.79 -17.36 0.91
CA GLY A 79 38.05 -17.04 0.27
C GLY A 79 39.17 -17.94 0.75
N PRO A 80 40.41 -17.44 0.63
CA PRO A 80 41.62 -18.19 1.04
C PRO A 80 41.71 -18.35 2.55
N SER A 81 41.12 -19.41 3.07
CA SER A 81 41.13 -19.67 4.51
C SER A 81 42.21 -20.69 4.86
N SER A 82 43.27 -20.23 5.52
CA SER A 82 44.37 -21.10 5.91
C SER A 82 44.05 -21.82 7.22
N GLY A 83 44.62 -23.02 7.37
CA GLY A 83 44.38 -23.80 8.58
C GLY A 83 44.84 -23.09 9.83
N GLY A 1 9.05 26.96 -1.73
CA GLY A 1 8.68 26.29 -2.95
C GLY A 1 7.46 25.39 -2.78
N SER A 2 7.46 24.28 -3.50
CA SER A 2 6.33 23.34 -3.43
C SER A 2 6.70 22.11 -2.61
N SER A 3 5.71 21.30 -2.27
CA SER A 3 5.93 20.10 -1.49
C SER A 3 6.79 19.09 -2.26
N GLY A 4 7.48 18.23 -1.51
CA GLY A 4 8.33 17.24 -2.14
C GLY A 4 7.65 15.89 -2.27
N SER A 5 8.45 14.85 -2.48
CA SER A 5 7.92 13.50 -2.63
C SER A 5 8.81 12.49 -1.92
N SER A 6 8.28 11.28 -1.72
CA SER A 6 9.02 10.22 -1.05
C SER A 6 8.79 8.87 -1.73
N GLY A 7 9.74 7.96 -1.56
CA GLY A 7 9.62 6.65 -2.17
C GLY A 7 8.44 5.86 -1.63
N GLU A 8 7.91 4.97 -2.45
CA GLU A 8 6.77 4.15 -2.06
C GLU A 8 6.89 2.73 -2.61
N PRO A 9 6.32 1.76 -1.88
CA PRO A 9 6.35 0.35 -2.28
C PRO A 9 5.49 0.07 -3.50
N ASN A 10 5.73 -1.06 -4.14
CA ASN A 10 4.97 -1.44 -5.33
C ASN A 10 3.66 -2.10 -4.95
N HIS A 11 3.73 -3.15 -4.14
CA HIS A 11 2.53 -3.87 -3.70
C HIS A 11 1.93 -3.21 -2.46
N LEU A 12 0.81 -3.74 -2.00
CA LEU A 12 0.13 -3.20 -0.83
C LEU A 12 -0.21 -4.31 0.16
N ASP A 13 -0.72 -3.92 1.33
CA ASP A 13 -1.10 -4.88 2.35
C ASP A 13 -2.60 -4.84 2.62
N VAL A 14 -3.34 -4.22 1.70
CA VAL A 14 -4.79 -4.11 1.84
C VAL A 14 -5.47 -5.43 1.51
N ASP A 15 -6.78 -5.48 1.75
CA ASP A 15 -7.56 -6.68 1.47
C ASP A 15 -8.55 -6.45 0.34
N LEU A 16 -8.95 -7.52 -0.33
CA LEU A 16 -9.90 -7.43 -1.43
C LEU A 16 -11.06 -6.52 -1.08
N GLU A 17 -11.54 -6.63 0.15
CA GLU A 17 -12.66 -5.82 0.63
C GLU A 17 -12.21 -4.38 0.85
N THR A 18 -11.01 -4.21 1.38
CA THR A 18 -10.48 -2.88 1.64
C THR A 18 -10.51 -2.00 0.39
N ARG A 19 -11.03 -0.79 0.52
CA ARG A 19 -11.12 0.13 -0.59
C ARG A 19 -9.77 0.77 -0.88
N ILE A 20 -9.66 1.43 -2.03
CA ILE A 20 -8.42 2.09 -2.41
C ILE A 20 -8.69 3.50 -2.93
N PRO A 21 -8.21 4.51 -2.18
CA PRO A 21 -8.38 5.92 -2.53
C PRO A 21 -7.55 6.31 -3.76
N VAL A 22 -8.12 7.18 -4.58
CA VAL A 22 -7.43 7.63 -5.79
C VAL A 22 -7.79 9.08 -6.11
N ILE A 23 -6.78 9.86 -6.47
CA ILE A 23 -6.99 11.28 -6.80
C ILE A 23 -6.92 11.49 -8.31
N ASN A 24 -8.05 11.87 -8.90
CA ASN A 24 -8.12 12.12 -10.34
C ASN A 24 -7.06 13.14 -10.75
N LYS A 25 -6.77 13.17 -12.05
CA LYS A 25 -5.78 14.10 -12.60
C LYS A 25 -6.44 15.17 -13.45
N VAL A 26 -7.49 14.78 -14.16
CA VAL A 26 -8.22 15.70 -15.02
C VAL A 26 -8.87 16.82 -14.21
N ASP A 27 -9.73 16.43 -13.27
CA ASP A 27 -10.41 17.39 -12.41
C ASP A 27 -9.68 17.56 -11.09
N GLY A 28 -9.24 16.44 -10.51
CA GLY A 28 -8.53 16.49 -9.26
C GLY A 28 -9.41 16.11 -8.08
N THR A 29 -10.30 15.16 -8.30
CA THR A 29 -11.22 14.71 -7.26
C THR A 29 -10.71 13.42 -6.61
N LEU A 30 -10.76 13.37 -5.28
CA LEU A 30 -10.31 12.19 -4.54
C LEU A 30 -11.49 11.29 -4.20
N LEU A 31 -11.34 10.00 -4.47
CA LEU A 31 -12.39 9.02 -4.19
C LEU A 31 -12.08 8.27 -2.90
N VAL A 32 -13.05 8.25 -1.98
CA VAL A 32 -12.89 7.56 -0.71
C VAL A 32 -14.14 6.74 -0.37
N GLY A 33 -14.01 5.87 0.62
CA GLY A 33 -15.12 5.04 1.03
C GLY A 33 -15.68 4.23 -0.12
N GLU A 34 -16.99 4.30 -0.31
CA GLU A 34 -17.66 3.57 -1.38
C GLU A 34 -17.22 4.08 -2.75
N ASP A 35 -17.40 5.37 -2.97
CA ASP A 35 -17.02 5.99 -4.24
C ASP A 35 -15.78 5.34 -4.81
N ALA A 36 -14.82 5.02 -3.94
CA ALA A 36 -13.58 4.38 -4.36
C ALA A 36 -13.77 2.90 -4.59
N PRO A 37 -13.08 2.36 -5.60
CA PRO A 37 -13.16 0.92 -5.94
C PRO A 37 -12.50 0.03 -4.89
N ARG A 38 -12.42 -1.25 -5.18
CA ARG A 38 -11.81 -2.20 -4.27
C ARG A 38 -10.51 -2.76 -4.84
N ARG A 39 -9.61 -3.17 -3.95
CA ARG A 39 -8.32 -3.73 -4.37
C ARG A 39 -8.52 -4.85 -5.38
N ALA A 40 -9.49 -5.71 -5.11
CA ALA A 40 -9.78 -6.83 -6.00
C ALA A 40 -10.10 -6.35 -7.41
N GLU A 41 -11.16 -5.55 -7.53
CA GLU A 41 -11.57 -5.03 -8.83
C GLU A 41 -10.74 -3.81 -9.20
N LEU A 42 -9.63 -3.62 -8.51
CA LEU A 42 -8.74 -2.49 -8.77
C LEU A 42 -8.15 -2.57 -10.18
N GLU A 43 -7.81 -3.78 -10.60
CA GLU A 43 -7.23 -3.98 -11.93
C GLU A 43 -8.27 -3.69 -13.02
N MET A 44 -9.31 -4.51 -13.07
CA MET A 44 -10.36 -4.34 -14.06
C MET A 44 -10.84 -2.89 -14.11
N TRP A 45 -10.79 -2.22 -12.96
CA TRP A 45 -11.22 -0.83 -12.86
C TRP A 45 -10.17 0.11 -13.47
N LEU A 46 -8.91 -0.07 -13.06
CA LEU A 46 -7.82 0.75 -13.56
C LEU A 46 -7.68 0.61 -15.08
N GLN A 47 -8.29 -0.45 -15.62
CA GLN A 47 -8.23 -0.70 -17.06
C GLN A 47 -8.91 0.42 -17.83
N GLY A 48 -10.18 0.66 -17.52
CA GLY A 48 -10.93 1.70 -18.20
C GLY A 48 -11.10 2.94 -17.35
N HIS A 49 -10.66 2.86 -16.10
CA HIS A 49 -10.77 3.99 -15.17
C HIS A 49 -9.39 4.46 -14.73
N PRO A 50 -8.40 4.30 -15.61
CA PRO A 50 -7.01 4.70 -15.32
C PRO A 50 -6.85 6.22 -15.26
N GLU A 51 -7.96 6.94 -15.39
CA GLU A 51 -7.94 8.39 -15.35
C GLU A 51 -7.62 8.89 -13.94
N PHE A 52 -7.52 7.95 -13.01
CA PHE A 52 -7.23 8.29 -11.61
C PHE A 52 -5.82 7.85 -11.23
N ALA A 53 -5.43 8.14 -9.99
CA ALA A 53 -4.11 7.76 -9.51
C ALA A 53 -4.13 7.52 -8.00
N VAL A 54 -3.64 6.35 -7.59
CA VAL A 54 -3.60 6.00 -6.17
C VAL A 54 -2.93 7.09 -5.35
N ASP A 55 -3.59 7.51 -4.29
CA ASP A 55 -3.06 8.56 -3.41
C ASP A 55 -1.69 8.16 -2.87
N PRO A 56 -0.71 9.04 -3.05
CA PRO A 56 0.66 8.81 -2.58
C PRO A 56 0.78 8.84 -1.07
N ARG A 57 -0.06 9.67 -0.44
CA ARG A 57 -0.05 9.80 1.02
C ARG A 57 -0.48 8.49 1.68
N PHE A 58 -1.48 7.83 1.09
CA PHE A 58 -1.98 6.58 1.63
C PHE A 58 -0.95 5.46 1.48
N LEU A 59 -0.22 5.50 0.37
CA LEU A 59 0.81 4.50 0.10
C LEU A 59 1.97 4.62 1.09
N ALA A 60 2.51 5.82 1.21
CA ALA A 60 3.63 6.08 2.12
C ALA A 60 3.45 5.29 3.42
N TYR A 61 2.25 5.34 3.98
CA TYR A 61 1.96 4.64 5.22
C TYR A 61 2.66 3.28 5.25
N MET A 62 2.29 2.40 4.34
CA MET A 62 2.88 1.07 4.26
C MET A 62 4.38 1.12 4.55
N GLU A 63 5.10 1.89 3.75
CA GLU A 63 6.54 2.03 3.93
C GLU A 63 6.90 2.23 5.39
N ASP A 64 6.12 3.08 6.07
CA ASP A 64 6.34 3.36 7.49
C ASP A 64 6.33 2.08 8.32
N ARG A 65 5.23 1.34 8.21
CA ARG A 65 5.08 0.09 8.95
C ARG A 65 6.09 -0.95 8.46
N ARG A 66 6.49 -0.84 7.20
CA ARG A 66 7.44 -1.76 6.61
C ARG A 66 8.77 -1.73 7.36
N LYS A 67 9.34 -0.54 7.49
CA LYS A 67 10.61 -0.37 8.19
C LYS A 67 10.62 -1.17 9.49
N GLN A 68 9.70 -0.85 10.39
CA GLN A 68 9.61 -1.54 11.67
C GLN A 68 8.88 -2.88 11.52
N LYS A 69 9.05 -3.74 12.51
CA LYS A 69 8.42 -5.06 12.49
C LYS A 69 8.08 -5.52 13.91
N TRP A 70 6.96 -6.22 14.04
CA TRP A 70 6.53 -6.72 15.34
C TRP A 70 7.38 -7.91 15.78
N GLN A 71 7.40 -8.95 14.96
CA GLN A 71 8.18 -10.15 15.25
C GLN A 71 9.64 -9.79 15.56
N ARG A 72 10.39 -10.76 16.06
CA ARG A 72 11.79 -10.56 16.39
C ARG A 72 12.70 -11.29 15.40
N CYS A 73 13.88 -10.74 15.17
CA CYS A 73 14.85 -11.34 14.25
C CYS A 73 15.97 -12.02 15.02
N LYS A 74 16.39 -11.38 16.12
CA LYS A 74 17.47 -11.92 16.94
C LYS A 74 17.14 -13.35 17.41
N LYS A 75 18.00 -14.29 17.05
CA LYS A 75 17.80 -15.69 17.45
C LYS A 75 19.09 -16.29 17.98
N ASN A 76 18.96 -17.26 18.87
CA ASN A 76 20.11 -17.93 19.46
C ASN A 76 20.73 -18.93 18.50
N ASN A 77 22.01 -19.23 18.69
CA ASN A 77 22.71 -20.16 17.82
C ASN A 77 22.35 -21.61 18.19
N SER A 78 22.82 -22.55 17.38
CA SER A 78 22.55 -23.96 17.62
C SER A 78 23.65 -24.83 17.01
N GLY A 79 23.77 -26.05 17.52
CA GLY A 79 24.79 -26.97 17.02
C GLY A 79 24.24 -28.37 16.81
N PRO A 80 24.80 -29.06 15.80
CA PRO A 80 24.37 -30.44 15.48
C PRO A 80 24.80 -31.44 16.54
N SER A 81 26.07 -31.38 16.93
CA SER A 81 26.60 -32.30 17.94
C SER A 81 26.47 -33.74 17.48
N SER A 82 26.79 -33.99 16.22
CA SER A 82 26.70 -35.33 15.65
C SER A 82 28.09 -35.91 15.41
N GLY A 83 28.15 -37.21 15.12
CA GLY A 83 29.42 -37.85 14.87
C GLY A 83 30.38 -36.97 14.10
N GLY A 1 10.47 -2.00 19.81
CA GLY A 1 10.29 -3.17 20.66
C GLY A 1 11.41 -4.18 20.50
N SER A 2 11.12 -5.26 19.76
CA SER A 2 12.11 -6.31 19.53
C SER A 2 12.71 -6.18 18.13
N SER A 3 13.89 -6.77 17.95
CA SER A 3 14.57 -6.74 16.67
C SER A 3 15.53 -7.91 16.53
N GLY A 4 15.12 -8.92 15.77
CA GLY A 4 15.96 -10.09 15.57
C GLY A 4 15.29 -11.14 14.71
N SER A 5 14.52 -10.70 13.73
CA SER A 5 13.81 -11.62 12.85
C SER A 5 13.91 -11.15 11.40
N SER A 6 14.59 -11.95 10.57
CA SER A 6 14.76 -11.62 9.17
C SER A 6 13.43 -11.33 8.50
N GLY A 7 13.46 -10.62 7.38
CA GLY A 7 12.24 -10.28 6.67
C GLY A 7 12.46 -10.14 5.18
N GLU A 8 11.42 -9.75 4.46
CA GLU A 8 11.50 -9.57 3.01
C GLU A 8 10.28 -8.82 2.48
N PRO A 9 10.47 -8.12 1.36
CA PRO A 9 9.40 -7.34 0.73
C PRO A 9 8.33 -8.23 0.10
N ASN A 10 7.11 -8.14 0.63
CA ASN A 10 6.00 -8.95 0.12
C ASN A 10 4.93 -8.05 -0.49
N HIS A 11 3.90 -8.67 -1.06
CA HIS A 11 2.80 -7.94 -1.67
C HIS A 11 1.97 -7.22 -0.62
N LEU A 12 0.96 -6.48 -1.07
CA LEU A 12 0.09 -5.74 -0.17
C LEU A 12 -0.78 -6.69 0.65
N ASP A 13 -0.87 -6.42 1.95
CA ASP A 13 -1.67 -7.26 2.84
C ASP A 13 -3.11 -6.75 2.90
N VAL A 14 -3.49 -5.92 1.94
CA VAL A 14 -4.84 -5.36 1.89
C VAL A 14 -5.88 -6.47 1.76
N ASP A 15 -7.15 -6.07 1.75
CA ASP A 15 -8.24 -7.04 1.63
C ASP A 15 -9.16 -6.68 0.47
N LEU A 16 -9.62 -7.70 -0.25
CA LEU A 16 -10.50 -7.49 -1.40
C LEU A 16 -11.52 -6.41 -1.10
N GLU A 17 -12.07 -6.42 0.11
CA GLU A 17 -13.07 -5.44 0.52
C GLU A 17 -12.43 -4.06 0.69
N THR A 18 -11.18 -4.05 1.16
CA THR A 18 -10.46 -2.80 1.37
C THR A 18 -10.46 -1.93 0.12
N ARG A 19 -10.96 -0.71 0.25
CA ARG A 19 -11.03 0.21 -0.87
C ARG A 19 -9.69 0.88 -1.10
N ILE A 20 -9.51 1.47 -2.28
CA ILE A 20 -8.26 2.15 -2.63
C ILE A 20 -8.52 3.56 -3.10
N PRO A 21 -8.02 4.55 -2.35
CA PRO A 21 -8.18 5.96 -2.68
C PRO A 21 -7.39 6.37 -3.91
N VAL A 22 -7.97 7.22 -4.74
CA VAL A 22 -7.32 7.69 -5.95
C VAL A 22 -7.72 9.13 -6.28
N ILE A 23 -6.73 9.96 -6.58
CA ILE A 23 -6.98 11.35 -6.91
C ILE A 23 -6.88 11.59 -8.42
N ASN A 24 -8.02 11.91 -9.03
CA ASN A 24 -8.07 12.16 -10.47
C ASN A 24 -7.07 13.25 -10.86
N LYS A 25 -6.80 13.35 -12.15
CA LYS A 25 -5.86 14.35 -12.66
C LYS A 25 -6.60 15.41 -13.48
N VAL A 26 -7.68 15.00 -14.14
CA VAL A 26 -8.47 15.91 -14.96
C VAL A 26 -9.03 17.06 -14.13
N ASP A 27 -9.76 16.72 -13.08
CA ASP A 27 -10.35 17.72 -12.20
C ASP A 27 -9.66 17.71 -10.83
N GLY A 28 -9.30 16.52 -10.35
CA GLY A 28 -8.64 16.41 -9.07
C GLY A 28 -9.59 15.96 -7.98
N THR A 29 -10.26 14.84 -8.19
CA THR A 29 -11.20 14.30 -7.22
C THR A 29 -10.61 13.12 -6.48
N LEU A 30 -10.72 13.14 -5.15
CA LEU A 30 -10.18 12.06 -4.32
C LEU A 30 -11.30 11.11 -3.89
N LEU A 31 -11.25 9.88 -4.39
CA LEU A 31 -12.25 8.87 -4.06
C LEU A 31 -11.92 8.19 -2.73
N VAL A 32 -12.93 7.98 -1.91
CA VAL A 32 -12.76 7.33 -0.62
C VAL A 32 -13.97 6.50 -0.25
N GLY A 33 -13.74 5.38 0.42
CA GLY A 33 -14.82 4.50 0.83
C GLY A 33 -15.56 3.91 -0.35
N GLU A 34 -16.88 4.02 -0.33
CA GLU A 34 -17.70 3.48 -1.42
C GLU A 34 -17.41 4.20 -2.74
N ASP A 35 -17.18 5.50 -2.65
CA ASP A 35 -16.89 6.30 -3.84
C ASP A 35 -15.84 5.62 -4.71
N ALA A 36 -14.80 5.08 -4.07
CA ALA A 36 -13.73 4.39 -4.79
C ALA A 36 -14.01 2.90 -4.90
N PRO A 37 -13.43 2.26 -5.92
CA PRO A 37 -13.60 0.83 -6.15
C PRO A 37 -12.92 -0.03 -5.10
N ARG A 38 -13.04 -1.34 -5.24
CA ARG A 38 -12.43 -2.27 -4.30
C ARG A 38 -11.07 -2.76 -4.80
N ARG A 39 -10.12 -2.91 -3.88
CA ARG A 39 -8.79 -3.36 -4.24
C ARG A 39 -8.85 -4.57 -5.16
N ALA A 40 -9.83 -5.45 -4.91
CA ALA A 40 -10.00 -6.64 -5.72
C ALA A 40 -10.25 -6.30 -7.18
N GLU A 41 -11.35 -5.62 -7.44
CA GLU A 41 -11.70 -5.23 -8.81
C GLU A 41 -10.94 -3.96 -9.21
N LEU A 42 -9.91 -3.63 -8.45
CA LEU A 42 -9.10 -2.45 -8.73
C LEU A 42 -8.32 -2.63 -10.03
N GLU A 43 -7.82 -3.84 -10.25
CA GLU A 43 -7.05 -4.14 -11.45
C GLU A 43 -7.87 -3.86 -12.71
N MET A 44 -9.00 -4.55 -12.83
CA MET A 44 -9.88 -4.38 -13.98
C MET A 44 -10.42 -2.96 -14.05
N TRP A 45 -10.60 -2.34 -12.89
CA TRP A 45 -11.11 -0.98 -12.82
C TRP A 45 -10.10 0.01 -13.39
N LEU A 46 -8.83 -0.21 -13.08
CA LEU A 46 -7.76 0.67 -13.58
C LEU A 46 -7.61 0.54 -15.09
N GLN A 47 -8.20 -0.51 -15.66
CA GLN A 47 -8.12 -0.75 -17.09
C GLN A 47 -8.88 0.33 -17.86
N GLY A 48 -10.11 0.59 -17.43
CA GLY A 48 -10.92 1.60 -18.09
C GLY A 48 -11.07 2.87 -17.27
N HIS A 49 -10.60 2.82 -16.02
CA HIS A 49 -10.69 3.97 -15.13
C HIS A 49 -9.29 4.43 -14.71
N PRO A 50 -8.32 4.27 -15.63
CA PRO A 50 -6.93 4.67 -15.37
C PRO A 50 -6.76 6.18 -15.32
N GLU A 51 -7.85 6.90 -15.50
CA GLU A 51 -7.83 8.35 -15.48
C GLU A 51 -7.54 8.88 -14.07
N PHE A 52 -7.48 7.96 -13.11
CA PHE A 52 -7.22 8.31 -11.72
C PHE A 52 -5.79 7.93 -11.33
N ALA A 53 -5.43 8.23 -10.09
CA ALA A 53 -4.09 7.92 -9.58
C ALA A 53 -4.12 7.70 -8.07
N VAL A 54 -3.65 6.53 -7.65
CA VAL A 54 -3.63 6.21 -6.23
C VAL A 54 -2.88 7.27 -5.43
N ASP A 55 -3.51 7.76 -4.37
CA ASP A 55 -2.91 8.78 -3.53
C ASP A 55 -1.56 8.32 -2.99
N PRO A 56 -0.60 9.25 -2.92
CA PRO A 56 0.75 8.95 -2.43
C PRO A 56 0.78 8.69 -0.93
N ARG A 57 -0.21 9.22 -0.22
CA ARG A 57 -0.30 9.04 1.22
C ARG A 57 -0.47 7.57 1.57
N PHE A 58 -1.46 6.92 0.94
CA PHE A 58 -1.74 5.52 1.19
C PHE A 58 -0.48 4.67 0.99
N LEU A 59 0.29 5.00 -0.06
CA LEU A 59 1.51 4.27 -0.36
C LEU A 59 2.53 4.42 0.77
N ALA A 60 2.84 5.66 1.12
CA ALA A 60 3.80 5.94 2.19
C ALA A 60 3.63 4.95 3.35
N TYR A 61 2.40 4.81 3.83
CA TYR A 61 2.12 3.89 4.93
C TYR A 61 3.01 2.66 4.86
N MET A 62 3.00 2.00 3.71
CA MET A 62 3.81 0.80 3.51
C MET A 62 5.24 1.02 4.00
N GLU A 63 5.92 2.00 3.40
CA GLU A 63 7.29 2.31 3.77
C GLU A 63 7.49 2.16 5.28
N ASP A 64 6.62 2.81 6.05
CA ASP A 64 6.70 2.76 7.50
C ASP A 64 7.19 1.39 7.97
N ARG A 65 6.52 0.34 7.48
CA ARG A 65 6.88 -1.02 7.85
C ARG A 65 8.35 -1.29 7.60
N ARG A 66 8.85 -0.82 6.46
CA ARG A 66 10.24 -1.01 6.09
C ARG A 66 11.17 -0.62 7.25
N LYS A 67 10.99 0.60 7.75
CA LYS A 67 11.80 1.11 8.85
C LYS A 67 12.04 0.02 9.89
N GLN A 68 10.97 -0.69 10.25
CA GLN A 68 11.07 -1.76 11.24
C GLN A 68 12.27 -2.65 10.96
N LYS A 69 12.42 -3.05 9.70
CA LYS A 69 13.53 -3.91 9.29
C LYS A 69 14.03 -3.54 7.90
N TRP A 70 15.32 -3.29 7.79
CA TRP A 70 15.92 -2.93 6.50
C TRP A 70 16.73 -4.08 5.93
N GLN A 71 16.97 -4.04 4.63
CA GLN A 71 17.72 -5.10 3.96
C GLN A 71 19.08 -5.31 4.65
N ARG A 72 19.69 -6.46 4.38
CA ARG A 72 20.98 -6.80 4.98
C ARG A 72 21.84 -5.55 5.12
N CYS A 73 21.83 -4.70 4.10
CA CYS A 73 22.61 -3.47 4.11
C CYS A 73 22.01 -2.46 5.06
N LYS A 74 22.87 -1.77 5.81
CA LYS A 74 22.43 -0.76 6.77
C LYS A 74 22.06 0.53 6.06
N LYS A 75 20.78 0.89 6.12
CA LYS A 75 20.29 2.11 5.49
C LYS A 75 20.97 3.33 6.09
N ASN A 76 21.07 3.38 7.41
CA ASN A 76 21.70 4.49 8.10
C ASN A 76 23.22 4.48 7.89
N ASN A 77 23.86 5.60 8.22
CA ASN A 77 25.31 5.71 8.06
C ASN A 77 25.84 6.92 8.82
N SER A 78 27.11 6.87 9.20
CA SER A 78 27.74 7.96 9.94
C SER A 78 27.68 9.25 9.14
N GLY A 79 27.76 10.37 9.86
CA GLY A 79 27.72 11.68 9.20
C GLY A 79 28.41 11.66 7.85
N PRO A 80 29.74 11.62 7.86
CA PRO A 80 30.55 11.61 6.63
C PRO A 80 30.41 10.30 5.86
N SER A 81 29.56 10.30 4.84
CA SER A 81 29.35 9.11 4.03
C SER A 81 29.18 9.47 2.56
N SER A 82 29.95 8.79 1.70
CA SER A 82 29.89 9.04 0.27
C SER A 82 29.38 7.81 -0.48
N GLY A 83 28.12 7.88 -0.90
CA GLY A 83 27.53 6.77 -1.62
C GLY A 83 26.80 7.21 -2.88
N GLY A 1 4.31 15.77 -7.67
CA GLY A 1 2.97 15.62 -8.20
C GLY A 1 2.61 14.16 -8.44
N SER A 2 3.30 13.53 -9.38
CA SER A 2 3.04 12.14 -9.71
C SER A 2 4.34 11.42 -10.07
N SER A 3 4.53 10.22 -9.51
CA SER A 3 5.73 9.44 -9.77
C SER A 3 5.55 8.56 -11.01
N GLY A 4 4.51 7.72 -10.98
CA GLY A 4 4.24 6.85 -12.10
C GLY A 4 3.56 5.56 -11.69
N SER A 5 2.53 5.17 -12.42
CA SER A 5 1.79 3.95 -12.12
C SER A 5 2.63 2.71 -12.40
N SER A 6 3.13 2.61 -13.62
CA SER A 6 3.96 1.48 -14.01
C SER A 6 5.24 1.42 -13.19
N GLY A 7 5.30 0.46 -12.26
CA GLY A 7 6.47 0.31 -11.42
C GLY A 7 6.14 0.45 -9.95
N GLU A 8 5.45 -0.53 -9.40
CA GLU A 8 5.07 -0.51 -7.99
C GLU A 8 5.65 -1.71 -7.25
N PRO A 9 6.07 -1.49 -6.00
CA PRO A 9 6.66 -2.54 -5.16
C PRO A 9 5.63 -3.58 -4.74
N ASN A 10 4.35 -3.20 -4.76
CA ASN A 10 3.28 -4.11 -4.38
C ASN A 10 3.53 -4.72 -3.00
N HIS A 11 3.99 -3.88 -2.07
CA HIS A 11 4.27 -4.34 -0.71
C HIS A 11 3.12 -4.00 0.23
N LEU A 12 1.96 -3.67 -0.36
CA LEU A 12 0.78 -3.33 0.43
C LEU A 12 0.19 -4.57 1.10
N ASP A 13 -0.22 -5.54 0.28
CA ASP A 13 -0.80 -6.77 0.80
C ASP A 13 -2.10 -6.50 1.54
N VAL A 14 -2.92 -5.60 0.98
CA VAL A 14 -4.18 -5.24 1.60
C VAL A 14 -5.23 -6.33 1.36
N ASP A 15 -6.42 -6.13 1.91
CA ASP A 15 -7.51 -7.08 1.76
C ASP A 15 -8.45 -6.66 0.63
N LEU A 16 -8.79 -7.61 -0.23
CA LEU A 16 -9.69 -7.33 -1.35
C LEU A 16 -10.77 -6.35 -0.96
N GLU A 17 -11.49 -6.67 0.12
CA GLU A 17 -12.57 -5.81 0.61
C GLU A 17 -12.05 -4.39 0.84
N THR A 18 -10.83 -4.28 1.34
CA THR A 18 -10.24 -2.97 1.60
C THR A 18 -10.30 -2.07 0.37
N ARG A 19 -10.92 -0.91 0.54
CA ARG A 19 -11.06 0.04 -0.55
C ARG A 19 -9.72 0.66 -0.90
N ILE A 20 -9.69 1.47 -1.96
CA ILE A 20 -8.47 2.13 -2.38
C ILE A 20 -8.76 3.53 -2.94
N PRO A 21 -8.39 4.55 -2.16
CA PRO A 21 -8.60 5.96 -2.54
C PRO A 21 -7.70 6.38 -3.70
N VAL A 22 -8.25 7.18 -4.61
CA VAL A 22 -7.49 7.66 -5.75
C VAL A 22 -7.84 9.11 -6.08
N ILE A 23 -6.84 9.88 -6.48
CA ILE A 23 -7.05 11.29 -6.82
C ILE A 23 -6.93 11.50 -8.32
N ASN A 24 -8.05 11.87 -8.94
CA ASN A 24 -8.08 12.11 -10.38
C ASN A 24 -7.08 13.20 -10.77
N LYS A 25 -6.69 13.21 -12.04
CA LYS A 25 -5.74 14.20 -12.54
C LYS A 25 -6.44 15.23 -13.41
N VAL A 26 -7.45 14.79 -14.16
CA VAL A 26 -8.20 15.68 -15.04
C VAL A 26 -8.90 16.77 -14.24
N ASP A 27 -9.77 16.35 -13.31
CA ASP A 27 -10.50 17.28 -12.47
C ASP A 27 -9.81 17.47 -11.13
N GLY A 28 -9.35 16.38 -10.55
CA GLY A 28 -8.68 16.44 -9.26
C GLY A 28 -9.58 16.03 -8.12
N THR A 29 -10.41 15.01 -8.35
CA THR A 29 -11.33 14.54 -7.32
C THR A 29 -10.74 13.36 -6.56
N LEU A 30 -10.86 13.39 -5.23
CA LEU A 30 -10.34 12.32 -4.39
C LEU A 30 -11.44 11.33 -4.03
N LEU A 31 -11.24 10.07 -4.39
CA LEU A 31 -12.22 9.03 -4.10
C LEU A 31 -11.93 8.38 -2.74
N VAL A 32 -12.98 8.24 -1.93
CA VAL A 32 -12.84 7.63 -0.60
C VAL A 32 -14.09 6.84 -0.23
N GLY A 33 -13.92 5.86 0.64
CA GLY A 33 -15.03 5.04 1.07
C GLY A 33 -15.63 4.23 -0.07
N GLU A 34 -16.89 4.47 -0.38
CA GLU A 34 -17.57 3.75 -1.45
C GLU A 34 -17.12 4.26 -2.82
N ASP A 35 -17.23 5.57 -3.03
CA ASP A 35 -16.85 6.19 -4.29
C ASP A 35 -15.62 5.49 -4.87
N ALA A 36 -14.66 5.15 -4.00
CA ALA A 36 -13.45 4.48 -4.43
C ALA A 36 -13.69 3.00 -4.67
N PRO A 37 -13.01 2.43 -5.67
CA PRO A 37 -13.14 1.01 -6.02
C PRO A 37 -12.52 0.10 -4.98
N ARG A 38 -12.38 -1.18 -5.31
CA ARG A 38 -11.80 -2.15 -4.40
C ARG A 38 -10.48 -2.69 -4.94
N ARG A 39 -9.60 -3.11 -4.03
CA ARG A 39 -8.30 -3.64 -4.42
C ARG A 39 -8.46 -4.83 -5.36
N ALA A 40 -9.50 -5.62 -5.14
CA ALA A 40 -9.77 -6.79 -5.98
C ALA A 40 -10.12 -6.37 -7.41
N GLU A 41 -11.11 -5.50 -7.55
CA GLU A 41 -11.54 -5.02 -8.86
C GLU A 41 -10.69 -3.85 -9.31
N LEU A 42 -9.53 -3.68 -8.68
CA LEU A 42 -8.62 -2.58 -9.02
C LEU A 42 -8.03 -2.79 -10.41
N GLU A 43 -7.69 -4.03 -10.73
CA GLU A 43 -7.12 -4.35 -12.03
C GLU A 43 -8.13 -4.08 -13.15
N MET A 44 -9.38 -4.47 -12.92
CA MET A 44 -10.43 -4.27 -13.91
C MET A 44 -10.88 -2.82 -13.93
N TRP A 45 -10.70 -2.12 -12.82
CA TRP A 45 -11.10 -0.72 -12.71
C TRP A 45 -10.03 0.18 -13.33
N LEU A 46 -8.77 -0.17 -13.13
CA LEU A 46 -7.66 0.61 -13.67
C LEU A 46 -7.52 0.38 -15.17
N GLN A 47 -8.42 -0.41 -15.73
CA GLN A 47 -8.40 -0.71 -17.16
C GLN A 47 -9.11 0.38 -17.95
N GLY A 48 -10.31 0.73 -17.50
CA GLY A 48 -11.08 1.77 -18.18
C GLY A 48 -11.19 3.04 -17.37
N HIS A 49 -10.80 2.97 -16.10
CA HIS A 49 -10.85 4.13 -15.21
C HIS A 49 -9.45 4.50 -14.73
N PRO A 50 -8.44 4.29 -15.59
CA PRO A 50 -7.05 4.61 -15.27
C PRO A 50 -6.79 6.11 -15.20
N GLU A 51 -7.84 6.89 -15.40
CA GLU A 51 -7.74 8.34 -15.37
C GLU A 51 -7.44 8.82 -13.95
N PHE A 52 -7.51 7.91 -12.98
CA PHE A 52 -7.25 8.24 -11.59
C PHE A 52 -5.86 7.80 -11.18
N ALA A 53 -5.50 8.08 -9.93
CA ALA A 53 -4.18 7.70 -9.41
C ALA A 53 -4.24 7.47 -7.90
N VAL A 54 -3.76 6.30 -7.48
CA VAL A 54 -3.76 5.95 -6.06
C VAL A 54 -3.10 7.04 -5.23
N ASP A 55 -3.76 7.43 -4.15
CA ASP A 55 -3.23 8.47 -3.26
C ASP A 55 -1.92 8.02 -2.63
N PRO A 56 -0.90 8.91 -2.67
CA PRO A 56 0.41 8.64 -2.12
C PRO A 56 0.40 8.58 -0.59
N ARG A 57 -0.23 9.57 0.03
CA ARG A 57 -0.31 9.64 1.48
C ARG A 57 -0.75 8.29 2.06
N PHE A 58 -1.69 7.64 1.38
CA PHE A 58 -2.20 6.35 1.83
C PHE A 58 -1.09 5.31 1.85
N LEU A 59 -0.43 5.13 0.71
CA LEU A 59 0.64 4.16 0.60
C LEU A 59 1.53 4.17 1.84
N ALA A 60 1.81 5.37 2.35
CA ALA A 60 2.63 5.53 3.54
C ALA A 60 2.02 4.80 4.73
N TYR A 61 0.71 4.97 4.91
CA TYR A 61 0.00 4.34 6.01
C TYR A 61 0.60 2.97 6.33
N MET A 62 0.54 2.07 5.35
CA MET A 62 1.08 0.73 5.52
C MET A 62 2.47 0.76 6.13
N GLU A 63 3.37 1.51 5.49
CA GLU A 63 4.74 1.63 5.98
C GLU A 63 4.78 1.69 7.51
N ASP A 64 4.02 2.62 8.08
CA ASP A 64 3.96 2.78 9.53
C ASP A 64 3.47 1.50 10.19
N ARG A 65 2.40 0.93 9.65
CA ARG A 65 1.83 -0.29 10.20
C ARG A 65 2.93 -1.19 10.75
N ARG A 66 3.82 -1.64 9.87
CA ARG A 66 4.91 -2.52 10.27
C ARG A 66 5.50 -2.09 11.62
N LYS A 67 6.01 -0.87 11.67
CA LYS A 67 6.59 -0.33 12.90
C LYS A 67 5.80 -0.80 14.12
N GLN A 68 4.50 -0.54 14.11
CA GLN A 68 3.64 -0.94 15.23
C GLN A 68 3.81 -2.42 15.55
N LYS A 69 3.39 -2.80 16.75
CA LYS A 69 3.50 -4.19 17.18
C LYS A 69 2.42 -4.54 18.19
N TRP A 70 2.22 -5.82 18.43
CA TRP A 70 1.20 -6.28 19.38
C TRP A 70 1.84 -6.66 20.72
N GLN A 71 1.02 -6.76 21.75
CA GLN A 71 1.50 -7.12 23.07
C GLN A 71 0.36 -7.65 23.95
N ARG A 72 0.72 -8.28 25.05
CA ARG A 72 -0.27 -8.84 25.98
C ARG A 72 -1.22 -9.79 25.23
N CYS A 73 -0.66 -10.68 24.44
CA CYS A 73 -1.45 -11.64 23.67
C CYS A 73 -1.12 -13.07 24.11
N LYS A 74 -2.09 -13.96 23.92
CA LYS A 74 -1.91 -15.36 24.28
C LYS A 74 -1.87 -16.25 23.04
N LYS A 75 -1.13 -17.35 23.12
CA LYS A 75 -1.01 -18.28 22.01
C LYS A 75 -2.03 -19.41 22.13
N ASN A 76 -2.43 -19.96 20.99
CA ASN A 76 -3.39 -21.06 20.97
C ASN A 76 -2.72 -22.38 21.34
N ASN A 77 -1.63 -22.70 20.66
CA ASN A 77 -0.89 -23.93 20.92
C ASN A 77 -0.33 -23.94 22.34
N SER A 78 -0.94 -24.73 23.21
CA SER A 78 -0.49 -24.81 24.60
C SER A 78 -0.36 -26.28 25.04
N GLY A 79 0.30 -26.49 26.16
CA GLY A 79 0.49 -27.84 26.67
C GLY A 79 -0.80 -28.64 26.67
N PRO A 80 -0.69 -29.95 26.38
CA PRO A 80 -1.85 -30.85 26.34
C PRO A 80 -2.43 -31.10 27.72
N SER A 81 -1.57 -31.20 28.72
CA SER A 81 -2.00 -31.44 30.09
C SER A 81 -2.65 -32.82 30.21
N SER A 82 -2.04 -33.82 29.58
CA SER A 82 -2.56 -35.18 29.61
C SER A 82 -2.09 -35.90 30.87
N GLY A 83 -2.87 -36.88 31.31
CA GLY A 83 -2.52 -37.64 32.50
C GLY A 83 -1.06 -38.05 32.51
N GLY A 1 -5.07 -16.74 18.00
CA GLY A 1 -3.78 -16.43 18.61
C GLY A 1 -3.61 -14.94 18.84
N SER A 2 -2.37 -14.53 19.09
CA SER A 2 -2.06 -13.13 19.34
C SER A 2 -1.66 -12.41 18.05
N SER A 3 -1.56 -11.10 18.12
CA SER A 3 -1.19 -10.30 16.95
C SER A 3 0.04 -9.44 17.25
N GLY A 4 0.54 -8.76 16.22
CA GLY A 4 1.70 -7.91 16.39
C GLY A 4 2.69 -8.04 15.24
N SER A 5 2.87 -9.26 14.75
CA SER A 5 3.79 -9.52 13.65
C SER A 5 3.03 -9.92 12.39
N SER A 6 2.98 -9.00 11.42
CA SER A 6 2.29 -9.26 10.16
C SER A 6 3.26 -9.75 9.09
N GLY A 7 3.08 -11.00 8.67
CA GLY A 7 3.95 -11.57 7.66
C GLY A 7 3.52 -11.20 6.25
N GLU A 8 3.86 -10.00 5.82
CA GLU A 8 3.51 -9.53 4.49
C GLU A 8 4.73 -8.96 3.77
N PRO A 9 4.85 -9.29 2.48
CA PRO A 9 5.97 -8.82 1.64
C PRO A 9 5.88 -7.32 1.36
N ASN A 10 6.99 -6.75 0.89
CA ASN A 10 7.03 -5.33 0.58
C ASN A 10 5.70 -4.86 0.00
N HIS A 11 5.13 -5.67 -0.88
CA HIS A 11 3.85 -5.33 -1.51
C HIS A 11 2.78 -5.10 -0.46
N LEU A 12 1.94 -4.10 -0.69
CA LEU A 12 0.86 -3.78 0.25
C LEU A 12 0.15 -5.04 0.72
N ASP A 13 -0.25 -5.87 -0.24
CA ASP A 13 -0.94 -7.12 0.08
C ASP A 13 -2.18 -6.85 0.91
N VAL A 14 -2.89 -5.76 0.59
CA VAL A 14 -4.10 -5.40 1.31
C VAL A 14 -5.19 -6.44 1.12
N ASP A 15 -6.31 -6.25 1.82
CA ASP A 15 -7.43 -7.18 1.71
C ASP A 15 -8.40 -6.74 0.63
N LEU A 16 -9.01 -7.72 -0.05
CA LEU A 16 -9.96 -7.43 -1.12
C LEU A 16 -10.97 -6.38 -0.67
N GLU A 17 -11.33 -6.41 0.60
CA GLU A 17 -12.30 -5.46 1.14
C GLU A 17 -11.70 -4.07 1.24
N THR A 18 -10.43 -4.01 1.65
CA THR A 18 -9.73 -2.73 1.78
C THR A 18 -9.83 -1.92 0.50
N ARG A 19 -10.55 -0.81 0.56
CA ARG A 19 -10.72 0.07 -0.59
C ARG A 19 -9.39 0.72 -0.98
N ILE A 20 -9.40 1.43 -2.10
CA ILE A 20 -8.20 2.10 -2.58
C ILE A 20 -8.53 3.49 -3.13
N PRO A 21 -8.22 4.53 -2.34
CA PRO A 21 -8.46 5.92 -2.73
C PRO A 21 -7.56 6.38 -3.87
N VAL A 22 -8.11 7.20 -4.76
CA VAL A 22 -7.34 7.71 -5.90
C VAL A 22 -7.74 9.15 -6.22
N ILE A 23 -6.75 9.98 -6.50
CA ILE A 23 -6.99 11.38 -6.83
C ILE A 23 -6.89 11.62 -8.33
N ASN A 24 -8.01 11.99 -8.94
CA ASN A 24 -8.05 12.25 -10.38
C ASN A 24 -7.00 13.29 -10.77
N LYS A 25 -6.59 13.27 -12.03
CA LYS A 25 -5.60 14.21 -12.53
C LYS A 25 -6.26 15.26 -13.42
N VAL A 26 -7.35 14.88 -14.08
CA VAL A 26 -8.07 15.79 -14.96
C VAL A 26 -8.75 16.90 -14.16
N ASP A 27 -9.61 16.51 -13.22
CA ASP A 27 -10.32 17.48 -12.39
C ASP A 27 -9.63 17.65 -11.04
N GLY A 28 -9.23 16.53 -10.43
CA GLY A 28 -8.56 16.59 -9.15
C GLY A 28 -9.48 16.23 -8.00
N THR A 29 -10.07 15.03 -8.06
CA THR A 29 -10.98 14.57 -7.02
C THR A 29 -10.51 13.26 -6.43
N LEU A 30 -10.47 13.19 -5.09
CA LEU A 30 -10.03 11.99 -4.40
C LEU A 30 -11.23 11.14 -3.98
N LEU A 31 -11.33 9.94 -4.55
CA LEU A 31 -12.43 9.04 -4.23
C LEU A 31 -12.11 8.20 -3.00
N VAL A 32 -13.08 8.06 -2.10
CA VAL A 32 -12.90 7.29 -0.89
C VAL A 32 -14.09 6.38 -0.64
N GLY A 33 -13.88 5.33 0.16
CA GLY A 33 -14.95 4.40 0.47
C GLY A 33 -15.62 3.87 -0.77
N GLU A 34 -16.94 3.71 -0.71
CA GLU A 34 -17.70 3.19 -1.84
C GLU A 34 -17.37 3.96 -3.11
N ASP A 35 -17.34 5.29 -3.01
CA ASP A 35 -17.03 6.14 -4.15
C ASP A 35 -15.90 5.54 -4.99
N ALA A 36 -14.95 4.89 -4.33
CA ALA A 36 -13.83 4.27 -5.01
C ALA A 36 -13.91 2.75 -4.93
N PRO A 37 -13.30 2.07 -5.91
CA PRO A 37 -13.28 0.60 -5.97
C PRO A 37 -12.42 -0.01 -4.88
N ARG A 38 -12.25 -1.33 -4.94
CA ARG A 38 -11.45 -2.04 -3.95
C ARG A 38 -10.29 -2.77 -4.62
N ARG A 39 -9.33 -3.22 -3.82
CA ARG A 39 -8.17 -3.94 -4.33
C ARG A 39 -8.60 -4.99 -5.36
N ALA A 40 -9.60 -5.78 -5.00
CA ALA A 40 -10.10 -6.83 -5.89
C ALA A 40 -10.43 -6.26 -7.26
N GLU A 41 -11.44 -5.40 -7.32
CA GLU A 41 -11.86 -4.79 -8.58
C GLU A 41 -10.98 -3.59 -8.91
N LEU A 42 -9.81 -3.52 -8.28
CA LEU A 42 -8.89 -2.42 -8.51
C LEU A 42 -8.28 -2.51 -9.92
N GLU A 43 -8.00 -3.73 -10.36
CA GLU A 43 -7.43 -3.95 -11.68
C GLU A 43 -8.45 -3.64 -12.77
N MET A 44 -9.53 -4.42 -12.80
CA MET A 44 -10.58 -4.24 -13.80
C MET A 44 -10.98 -2.77 -13.89
N TRP A 45 -10.92 -2.07 -12.76
CA TRP A 45 -11.28 -0.66 -12.72
C TRP A 45 -10.17 0.21 -13.28
N LEU A 46 -8.93 -0.12 -12.94
CA LEU A 46 -7.78 0.63 -13.43
C LEU A 46 -7.53 0.36 -14.91
N GLN A 47 -8.39 -0.45 -15.50
CA GLN A 47 -8.26 -0.79 -16.92
C GLN A 47 -8.92 0.27 -17.79
N GLY A 48 -10.16 0.62 -17.46
CA GLY A 48 -10.87 1.62 -18.23
C GLY A 48 -11.08 2.91 -17.45
N HIS A 49 -10.76 2.87 -16.16
CA HIS A 49 -10.91 4.05 -15.30
C HIS A 49 -9.56 4.49 -14.75
N PRO A 50 -8.50 4.28 -15.54
CA PRO A 50 -7.14 4.65 -15.14
C PRO A 50 -6.93 6.16 -15.10
N GLU A 51 -8.00 6.91 -15.39
CA GLU A 51 -7.94 8.36 -15.39
C GLU A 51 -7.59 8.90 -14.00
N PHE A 52 -7.61 8.01 -13.01
CA PHE A 52 -7.31 8.38 -11.63
C PHE A 52 -5.91 7.92 -11.25
N ALA A 53 -5.51 8.24 -10.01
CA ALA A 53 -4.19 7.86 -9.51
C ALA A 53 -4.21 7.69 -8.00
N VAL A 54 -3.78 6.52 -7.53
CA VAL A 54 -3.74 6.24 -6.10
C VAL A 54 -3.00 7.34 -5.33
N ASP A 55 -3.73 8.04 -4.48
CA ASP A 55 -3.14 9.10 -3.68
C ASP A 55 -1.90 8.62 -2.92
N PRO A 56 -0.88 9.48 -2.84
CA PRO A 56 0.37 9.15 -2.14
C PRO A 56 0.19 9.06 -0.64
N ARG A 57 -0.87 9.69 -0.14
CA ARG A 57 -1.15 9.68 1.29
C ARG A 57 -1.42 8.26 1.79
N PHE A 58 -1.93 7.41 0.90
CA PHE A 58 -2.23 6.03 1.25
C PHE A 58 -0.97 5.18 1.26
N LEU A 59 -0.21 5.25 0.17
CA LEU A 59 1.02 4.49 0.06
C LEU A 59 1.90 4.67 1.29
N ALA A 60 2.10 5.92 1.69
CA ALA A 60 2.90 6.23 2.86
C ALA A 60 2.66 5.23 3.99
N TYR A 61 1.39 5.06 4.35
CA TYR A 61 1.02 4.13 5.41
C TYR A 61 1.93 2.91 5.41
N MET A 62 1.96 2.19 4.30
CA MET A 62 2.80 1.01 4.18
C MET A 62 4.21 1.28 4.70
N GLU A 63 4.90 2.19 4.05
CA GLU A 63 6.26 2.54 4.44
C GLU A 63 6.34 2.80 5.95
N ASP A 64 5.25 3.31 6.51
CA ASP A 64 5.19 3.60 7.94
C ASP A 64 5.26 2.32 8.76
N ARG A 65 4.33 1.41 8.50
CA ARG A 65 4.28 0.13 9.21
C ARG A 65 5.56 -0.66 9.01
N ARG A 66 6.15 -0.51 7.82
CA ARG A 66 7.38 -1.22 7.50
C ARG A 66 8.41 -1.05 8.61
N LYS A 67 8.47 0.13 9.20
CA LYS A 67 9.40 0.42 10.27
C LYS A 67 9.53 -0.77 11.21
N GLN A 68 8.41 -1.44 11.48
CA GLN A 68 8.40 -2.60 12.35
C GLN A 68 9.35 -3.68 11.85
N LYS A 69 9.88 -4.47 12.78
CA LYS A 69 10.80 -5.55 12.42
C LYS A 69 10.82 -6.62 13.51
N TRP A 70 11.14 -7.85 13.10
CA TRP A 70 11.19 -8.97 14.04
C TRP A 70 12.46 -8.91 14.88
N GLN A 71 12.61 -9.86 15.81
CA GLN A 71 13.78 -9.91 16.67
C GLN A 71 13.98 -11.31 17.22
N ARG A 72 15.24 -11.70 17.41
CA ARG A 72 15.57 -13.01 17.93
C ARG A 72 15.34 -13.09 19.44
N CYS A 73 15.56 -14.26 20.02
CA CYS A 73 15.37 -14.45 21.45
C CYS A 73 16.68 -14.20 22.20
N LYS A 74 16.63 -14.30 23.52
CA LYS A 74 17.80 -14.08 24.36
C LYS A 74 18.64 -15.35 24.46
N LYS A 75 19.95 -15.18 24.59
CA LYS A 75 20.86 -16.31 24.70
C LYS A 75 22.25 -15.86 25.19
N ASN A 76 23.10 -16.82 25.52
CA ASN A 76 24.44 -16.53 25.99
C ASN A 76 25.27 -15.89 24.89
N ASN A 77 25.71 -14.65 25.10
CA ASN A 77 26.51 -13.93 24.13
C ASN A 77 27.11 -12.67 24.74
N SER A 78 28.22 -12.20 24.15
CA SER A 78 28.88 -11.00 24.64
C SER A 78 27.91 -9.84 24.74
N GLY A 79 27.92 -9.16 25.89
CA GLY A 79 27.03 -8.04 26.10
C GLY A 79 27.75 -6.70 25.96
N PRO A 80 27.26 -5.86 25.04
CA PRO A 80 27.84 -4.53 24.79
C PRO A 80 27.61 -3.57 25.95
N SER A 81 28.20 -2.38 25.86
CA SER A 81 28.06 -1.37 26.90
C SER A 81 26.59 -0.98 27.07
N SER A 82 26.17 -0.82 28.32
CA SER A 82 24.79 -0.45 28.62
C SER A 82 24.51 0.99 28.17
N GLY A 83 25.44 1.89 28.48
CA GLY A 83 25.27 3.28 28.11
C GLY A 83 24.72 3.43 26.70
N GLY A 1 5.30 18.09 -23.54
CA GLY A 1 6.39 17.25 -24.00
C GLY A 1 6.75 16.17 -23.01
N SER A 2 6.92 16.56 -21.75
CA SER A 2 7.28 15.62 -20.70
C SER A 2 6.09 15.32 -19.80
N SER A 3 5.71 14.05 -19.74
CA SER A 3 4.58 13.64 -18.91
C SER A 3 5.04 13.27 -17.51
N GLY A 4 6.11 12.50 -17.42
CA GLY A 4 6.64 12.08 -16.13
C GLY A 4 5.78 11.03 -15.47
N SER A 5 5.88 9.79 -15.95
CA SER A 5 5.10 8.69 -15.40
C SER A 5 5.72 8.19 -14.10
N SER A 6 4.87 7.95 -13.11
CA SER A 6 5.32 7.46 -11.81
C SER A 6 5.30 5.94 -11.75
N GLY A 7 6.47 5.33 -11.66
CA GLY A 7 6.56 3.88 -11.60
C GLY A 7 6.68 3.37 -10.17
N GLU A 8 5.66 2.64 -9.72
CA GLU A 8 5.65 2.10 -8.38
C GLU A 8 6.85 1.18 -8.16
N PRO A 9 7.74 1.59 -7.23
CA PRO A 9 8.95 0.82 -6.91
C PRO A 9 8.63 -0.48 -6.17
N ASN A 10 7.83 -0.36 -5.10
CA ASN A 10 7.46 -1.52 -4.31
C ASN A 10 5.99 -1.85 -4.50
N HIS A 11 5.62 -3.10 -4.23
CA HIS A 11 4.25 -3.55 -4.38
C HIS A 11 3.47 -3.38 -3.07
N LEU A 12 2.15 -3.42 -3.16
CA LEU A 12 1.30 -3.27 -1.98
C LEU A 12 0.41 -4.50 -1.78
N ASP A 13 0.08 -4.78 -0.54
CA ASP A 13 -0.75 -5.93 -0.20
C ASP A 13 -1.91 -5.52 0.70
N VAL A 14 -3.13 -5.58 0.15
CA VAL A 14 -4.32 -5.21 0.92
C VAL A 14 -5.40 -6.28 0.79
N ASP A 15 -6.51 -6.07 1.47
CA ASP A 15 -7.63 -7.02 1.44
C ASP A 15 -8.66 -6.59 0.41
N LEU A 16 -9.08 -7.54 -0.42
CA LEU A 16 -10.07 -7.25 -1.46
C LEU A 16 -11.12 -6.26 -0.97
N GLU A 17 -11.73 -6.56 0.18
CA GLU A 17 -12.74 -5.68 0.76
C GLU A 17 -12.19 -4.27 0.95
N THR A 18 -10.93 -4.17 1.37
CA THR A 18 -10.29 -2.89 1.59
C THR A 18 -10.40 -2.00 0.35
N ARG A 19 -10.89 -0.78 0.55
CA ARG A 19 -11.05 0.16 -0.55
C ARG A 19 -9.70 0.76 -0.95
N ILE A 20 -9.66 1.40 -2.12
CA ILE A 20 -8.44 2.01 -2.62
C ILE A 20 -8.69 3.45 -3.06
N PRO A 21 -8.18 4.42 -2.28
CA PRO A 21 -8.33 5.84 -2.58
C PRO A 21 -7.52 6.27 -3.79
N VAL A 22 -8.09 7.17 -4.58
CA VAL A 22 -7.41 7.67 -5.78
C VAL A 22 -7.77 9.13 -6.05
N ILE A 23 -6.80 9.88 -6.57
CA ILE A 23 -7.01 11.29 -6.87
C ILE A 23 -6.95 11.53 -8.37
N ASN A 24 -8.09 11.94 -8.94
CA ASN A 24 -8.17 12.22 -10.38
C ASN A 24 -7.13 13.26 -10.78
N LYS A 25 -6.75 13.24 -12.06
CA LYS A 25 -5.78 14.18 -12.59
C LYS A 25 -6.45 15.24 -13.45
N VAL A 26 -7.52 14.86 -14.13
CA VAL A 26 -8.26 15.78 -14.98
C VAL A 26 -8.87 16.92 -14.17
N ASP A 27 -9.75 16.57 -13.23
CA ASP A 27 -10.40 17.57 -12.40
C ASP A 27 -9.69 17.68 -11.05
N GLY A 28 -9.30 16.55 -10.48
CA GLY A 28 -8.62 16.55 -9.20
C GLY A 28 -9.52 16.13 -8.06
N THR A 29 -10.40 15.17 -8.32
CA THR A 29 -11.33 14.69 -7.31
C THR A 29 -10.79 13.43 -6.62
N LEU A 30 -10.77 13.46 -5.29
CA LEU A 30 -10.27 12.32 -4.51
C LEU A 30 -11.42 11.38 -4.14
N LEU A 31 -11.26 10.11 -4.47
CA LEU A 31 -12.28 9.11 -4.17
C LEU A 31 -11.96 8.38 -2.87
N VAL A 32 -12.97 8.20 -2.02
CA VAL A 32 -12.79 7.51 -0.75
C VAL A 32 -14.03 6.71 -0.38
N GLY A 33 -13.90 5.85 0.62
CA GLY A 33 -15.02 5.04 1.06
C GLY A 33 -15.59 4.19 -0.07
N GLU A 34 -16.90 4.29 -0.26
CA GLU A 34 -17.58 3.53 -1.31
C GLU A 34 -17.15 4.02 -2.70
N ASP A 35 -17.25 5.33 -2.90
CA ASP A 35 -16.88 5.93 -4.19
C ASP A 35 -15.67 5.22 -4.79
N ALA A 36 -14.67 4.95 -3.95
CA ALA A 36 -13.46 4.27 -4.41
C ALA A 36 -13.72 2.80 -4.70
N PRO A 37 -13.05 2.28 -5.73
CA PRO A 37 -13.21 0.87 -6.14
C PRO A 37 -12.61 -0.09 -5.13
N ARG A 38 -12.83 -1.39 -5.34
CA ARG A 38 -12.33 -2.41 -4.45
C ARG A 38 -10.97 -2.91 -4.91
N ARG A 39 -10.16 -3.40 -3.96
CA ARG A 39 -8.83 -3.90 -4.28
C ARG A 39 -8.91 -5.05 -5.28
N ALA A 40 -9.90 -5.92 -5.11
CA ALA A 40 -10.08 -7.06 -6.00
C ALA A 40 -10.33 -6.60 -7.43
N GLU A 41 -11.27 -5.68 -7.60
CA GLU A 41 -11.61 -5.16 -8.92
C GLU A 41 -10.76 -3.94 -9.26
N LEU A 42 -9.66 -3.75 -8.51
CA LEU A 42 -8.78 -2.62 -8.73
C LEU A 42 -8.11 -2.71 -10.10
N GLU A 43 -7.74 -3.92 -10.50
CA GLU A 43 -7.09 -4.13 -11.79
C GLU A 43 -8.07 -3.87 -12.94
N MET A 44 -9.23 -4.52 -12.87
CA MET A 44 -10.24 -4.37 -13.90
C MET A 44 -10.75 -2.93 -13.95
N TRP A 45 -10.64 -2.22 -12.84
CA TRP A 45 -11.08 -0.84 -12.75
C TRP A 45 -10.06 0.10 -13.36
N LEU A 46 -8.80 -0.04 -12.94
CA LEU A 46 -7.73 0.80 -13.44
C LEU A 46 -7.59 0.66 -14.95
N GLN A 47 -8.18 -0.40 -15.50
CA GLN A 47 -8.12 -0.65 -16.93
C GLN A 47 -8.83 0.45 -17.71
N GLY A 48 -10.12 0.62 -17.43
CA GLY A 48 -10.91 1.64 -18.11
C GLY A 48 -11.09 2.89 -17.27
N HIS A 49 -10.63 2.83 -16.03
CA HIS A 49 -10.73 3.97 -15.12
C HIS A 49 -9.35 4.46 -14.70
N PRO A 50 -8.38 4.33 -15.61
CA PRO A 50 -7.00 4.75 -15.35
C PRO A 50 -6.86 6.27 -15.29
N GLU A 51 -7.99 6.97 -15.42
CA GLU A 51 -7.99 8.43 -15.38
C GLU A 51 -7.68 8.94 -13.98
N PHE A 52 -7.54 8.02 -13.03
CA PHE A 52 -7.24 8.36 -11.65
C PHE A 52 -5.82 7.93 -11.29
N ALA A 53 -5.41 8.24 -10.05
CA ALA A 53 -4.09 7.88 -9.56
C ALA A 53 -4.08 7.71 -8.06
N VAL A 54 -3.67 6.53 -7.60
CA VAL A 54 -3.62 6.24 -6.17
C VAL A 54 -2.82 7.30 -5.42
N ASP A 55 -3.43 7.84 -4.36
CA ASP A 55 -2.78 8.86 -3.55
C ASP A 55 -1.41 8.40 -3.08
N PRO A 56 -0.43 9.30 -3.13
CA PRO A 56 0.94 9.01 -2.71
C PRO A 56 1.07 8.83 -1.19
N ARG A 57 0.18 9.49 -0.46
CA ARG A 57 0.18 9.41 1.00
C ARG A 57 -0.21 8.01 1.46
N PHE A 58 -1.25 7.46 0.85
CA PHE A 58 -1.74 6.12 1.19
C PHE A 58 -0.66 5.07 0.94
N LEU A 59 0.04 5.21 -0.18
CA LEU A 59 1.10 4.27 -0.55
C LEU A 59 2.13 4.16 0.57
N ALA A 60 2.70 5.30 0.96
CA ALA A 60 3.70 5.33 2.02
C ALA A 60 3.38 4.31 3.10
N TYR A 61 2.19 4.39 3.67
CA TYR A 61 1.77 3.48 4.71
C TYR A 61 2.34 2.08 4.49
N MET A 62 1.96 1.48 3.36
CA MET A 62 2.43 0.14 3.01
C MET A 62 3.86 -0.07 3.48
N GLU A 63 4.78 0.71 2.93
CA GLU A 63 6.19 0.62 3.30
C GLU A 63 6.35 0.44 4.80
N ASP A 64 5.86 1.41 5.56
CA ASP A 64 5.94 1.37 7.02
C ASP A 64 5.61 -0.03 7.53
N ARG A 65 4.56 -0.63 6.99
CA ARG A 65 4.14 -1.96 7.39
C ARG A 65 5.33 -2.91 7.47
N ARG A 66 6.00 -3.11 6.34
CA ARG A 66 7.16 -3.99 6.28
C ARG A 66 8.10 -3.72 7.44
N LYS A 67 8.44 -2.45 7.64
CA LYS A 67 9.35 -2.06 8.72
C LYS A 67 8.88 -2.63 10.05
N GLN A 68 7.60 -2.43 10.36
CA GLN A 68 7.03 -2.92 11.60
C GLN A 68 7.46 -4.35 11.87
N LYS A 69 7.18 -5.23 10.92
CA LYS A 69 7.55 -6.65 11.06
C LYS A 69 8.16 -7.17 9.77
N TRP A 70 9.29 -7.84 9.89
CA TRP A 70 9.98 -8.40 8.73
C TRP A 70 9.59 -9.85 8.51
N GLN A 71 10.11 -10.45 7.45
CA GLN A 71 9.80 -11.84 7.12
C GLN A 71 11.01 -12.73 7.35
N ARG A 72 10.76 -13.98 7.76
CA ARG A 72 11.85 -14.92 8.01
C ARG A 72 12.77 -14.42 9.12
N CYS A 73 12.17 -13.87 10.17
CA CYS A 73 12.95 -13.35 11.30
C CYS A 73 13.66 -14.47 12.04
N LYS A 74 14.63 -14.11 12.87
CA LYS A 74 15.38 -15.09 13.64
C LYS A 74 14.47 -15.87 14.59
N LYS A 75 14.66 -17.18 14.64
CA LYS A 75 13.85 -18.04 15.50
C LYS A 75 14.63 -19.28 15.93
N ASN A 76 14.43 -19.71 17.17
CA ASN A 76 15.11 -20.88 17.69
C ASN A 76 14.20 -22.11 17.65
N ASN A 77 14.69 -23.18 17.04
CA ASN A 77 13.92 -24.41 16.93
C ASN A 77 14.72 -25.61 17.46
N SER A 78 14.02 -26.68 17.78
CA SER A 78 14.66 -27.89 18.30
C SER A 78 15.28 -28.70 17.16
N GLY A 79 16.25 -29.55 17.51
CA GLY A 79 16.91 -30.36 16.51
C GLY A 79 16.12 -31.62 16.18
N PRO A 80 16.39 -32.18 14.99
CA PRO A 80 15.70 -33.39 14.51
C PRO A 80 16.10 -34.63 15.31
N SER A 81 15.62 -35.79 14.88
CA SER A 81 15.92 -37.04 15.55
C SER A 81 16.88 -37.89 14.71
N SER A 82 18.08 -38.10 15.23
CA SER A 82 19.09 -38.88 14.53
C SER A 82 18.95 -40.37 14.86
N GLY A 83 19.73 -41.20 14.17
CA GLY A 83 19.67 -42.63 14.41
C GLY A 83 19.41 -43.42 13.14
N GLY A 1 -1.36 -11.10 16.76
CA GLY A 1 -1.81 -11.93 15.66
C GLY A 1 -3.28 -11.76 15.36
N SER A 2 -3.59 -10.81 14.49
CA SER A 2 -4.97 -10.52 14.12
C SER A 2 -5.15 -10.54 12.61
N SER A 3 -6.37 -10.79 12.15
CA SER A 3 -6.67 -10.83 10.72
C SER A 3 -5.82 -9.80 9.97
N GLY A 4 -5.84 -8.56 10.45
CA GLY A 4 -5.08 -7.51 9.80
C GLY A 4 -5.93 -6.63 8.91
N SER A 5 -6.59 -5.64 9.51
CA SER A 5 -7.45 -4.73 8.78
C SER A 5 -6.63 -3.86 7.83
N SER A 6 -5.60 -3.23 8.37
CA SER A 6 -4.74 -2.36 7.56
C SER A 6 -4.04 -3.15 6.47
N GLY A 7 -3.85 -4.44 6.70
CA GLY A 7 -3.20 -5.29 5.72
C GLY A 7 -1.93 -5.91 6.25
N GLU A 8 -1.10 -6.44 5.35
CA GLU A 8 0.15 -7.06 5.73
C GLU A 8 1.06 -6.07 6.45
N PRO A 9 1.91 -6.58 7.35
CA PRO A 9 2.84 -5.76 8.12
C PRO A 9 3.96 -5.18 7.25
N ASN A 10 4.57 -6.05 6.44
CA ASN A 10 5.66 -5.62 5.57
C ASN A 10 5.11 -5.07 4.25
N HIS A 11 4.30 -5.88 3.57
CA HIS A 11 3.71 -5.46 2.30
C HIS A 11 2.47 -4.61 2.54
N LEU A 12 2.03 -3.92 1.48
CA LEU A 12 0.85 -3.06 1.57
C LEU A 12 -0.39 -3.79 1.09
N ASP A 13 -0.26 -5.08 0.85
CA ASP A 13 -1.37 -5.90 0.39
C ASP A 13 -2.58 -5.76 1.31
N VAL A 14 -3.60 -5.05 0.84
CA VAL A 14 -4.81 -4.83 1.63
C VAL A 14 -5.83 -5.93 1.37
N ASP A 15 -6.96 -5.85 2.07
CA ASP A 15 -8.02 -6.84 1.92
C ASP A 15 -8.92 -6.50 0.74
N LEU A 16 -9.22 -7.49 -0.08
CA LEU A 16 -10.08 -7.29 -1.24
C LEU A 16 -11.21 -6.32 -0.92
N GLU A 17 -11.94 -6.61 0.15
CA GLU A 17 -13.06 -5.77 0.57
C GLU A 17 -12.60 -4.33 0.80
N THR A 18 -11.39 -4.18 1.33
CA THR A 18 -10.83 -2.87 1.60
C THR A 18 -10.87 -1.99 0.36
N ARG A 19 -11.25 -0.72 0.55
CA ARG A 19 -11.34 0.23 -0.55
C ARG A 19 -9.96 0.82 -0.86
N ILE A 20 -9.88 1.54 -1.97
CA ILE A 20 -8.63 2.16 -2.39
C ILE A 20 -8.86 3.57 -2.90
N PRO A 21 -8.40 4.57 -2.13
CA PRO A 21 -8.55 5.99 -2.49
C PRO A 21 -7.67 6.38 -3.68
N VAL A 22 -8.19 7.25 -4.53
CA VAL A 22 -7.44 7.71 -5.69
C VAL A 22 -7.76 9.16 -6.01
N ILE A 23 -6.76 9.89 -6.51
CA ILE A 23 -6.94 11.29 -6.85
C ILE A 23 -6.86 11.51 -8.37
N ASN A 24 -7.99 11.89 -8.96
CA ASN A 24 -8.05 12.13 -10.39
C ASN A 24 -6.99 13.14 -10.82
N LYS A 25 -6.69 13.15 -12.12
CA LYS A 25 -5.69 14.07 -12.67
C LYS A 25 -6.35 15.12 -13.55
N VAL A 26 -7.45 14.75 -14.19
CA VAL A 26 -8.18 15.67 -15.06
C VAL A 26 -8.83 16.79 -14.26
N ASP A 27 -9.66 16.41 -13.30
CA ASP A 27 -10.36 17.37 -12.45
C ASP A 27 -9.63 17.56 -11.13
N GLY A 28 -9.20 16.45 -10.54
CA GLY A 28 -8.49 16.52 -9.28
C GLY A 28 -9.38 16.16 -8.10
N THR A 29 -10.26 15.19 -8.30
CA THR A 29 -11.18 14.76 -7.25
C THR A 29 -10.65 13.52 -6.54
N LEU A 30 -10.71 13.53 -5.21
CA LEU A 30 -10.24 12.40 -4.40
C LEU A 30 -11.39 11.49 -4.03
N LEU A 31 -11.28 10.21 -4.41
CA LEU A 31 -12.31 9.23 -4.11
C LEU A 31 -12.07 8.58 -2.75
N VAL A 32 -13.16 8.21 -2.07
CA VAL A 32 -13.06 7.58 -0.76
C VAL A 32 -14.33 6.82 -0.42
N GLY A 33 -14.27 6.02 0.63
CA GLY A 33 -15.44 5.25 1.05
C GLY A 33 -15.86 4.24 -0.01
N GLU A 34 -17.16 4.22 -0.30
CA GLU A 34 -17.71 3.29 -1.29
C GLU A 34 -17.35 3.75 -2.71
N ASP A 35 -17.28 5.07 -2.90
CA ASP A 35 -16.96 5.63 -4.20
C ASP A 35 -15.71 4.98 -4.78
N ALA A 36 -14.70 4.80 -3.93
CA ALA A 36 -13.45 4.18 -4.37
C ALA A 36 -13.63 2.70 -4.64
N PRO A 37 -12.95 2.21 -5.69
CA PRO A 37 -13.03 0.79 -6.09
C PRO A 37 -12.34 -0.12 -5.09
N ARG A 38 -12.59 -1.42 -5.22
CA ARG A 38 -12.00 -2.41 -4.32
C ARG A 38 -10.68 -2.93 -4.88
N ARG A 39 -9.69 -3.09 -4.00
CA ARG A 39 -8.38 -3.58 -4.41
C ARG A 39 -8.52 -4.73 -5.40
N ALA A 40 -9.44 -5.64 -5.13
CA ALA A 40 -9.67 -6.78 -6.00
C ALA A 40 -9.99 -6.34 -7.42
N GLU A 41 -11.00 -5.48 -7.55
CA GLU A 41 -11.40 -4.98 -8.87
C GLU A 41 -10.54 -3.80 -9.28
N LEU A 42 -9.39 -3.64 -8.63
CA LEU A 42 -8.48 -2.55 -8.94
C LEU A 42 -7.89 -2.70 -10.34
N GLU A 43 -7.69 -3.95 -10.76
CA GLU A 43 -7.13 -4.23 -12.08
C GLU A 43 -8.17 -3.96 -13.16
N MET A 44 -9.35 -4.53 -13.00
CA MET A 44 -10.43 -4.36 -13.97
C MET A 44 -10.91 -2.91 -13.99
N TRP A 45 -10.81 -2.24 -12.84
CA TRP A 45 -11.24 -0.85 -12.73
C TRP A 45 -10.23 0.08 -13.37
N LEU A 46 -8.95 -0.10 -13.04
CA LEU A 46 -7.89 0.73 -13.59
C LEU A 46 -7.83 0.61 -15.11
N GLN A 47 -8.43 -0.45 -15.63
CA GLN A 47 -8.46 -0.69 -17.07
C GLN A 47 -9.16 0.46 -17.80
N GLY A 48 -10.40 0.73 -17.39
CA GLY A 48 -11.16 1.79 -18.01
C GLY A 48 -11.26 3.03 -17.14
N HIS A 49 -10.73 2.92 -15.93
CA HIS A 49 -10.77 4.04 -14.99
C HIS A 49 -9.35 4.49 -14.63
N PRO A 50 -8.42 4.33 -15.58
CA PRO A 50 -7.02 4.71 -15.39
C PRO A 50 -6.83 6.23 -15.32
N GLU A 51 -7.94 6.95 -15.39
CA GLU A 51 -7.91 8.41 -15.34
C GLU A 51 -7.59 8.89 -13.92
N PHE A 52 -7.49 7.95 -12.99
CA PHE A 52 -7.19 8.28 -11.60
C PHE A 52 -5.76 7.90 -11.24
N ALA A 53 -5.37 8.18 -10.00
CA ALA A 53 -4.03 7.87 -9.53
C ALA A 53 -4.02 7.61 -8.03
N VAL A 54 -3.54 6.44 -7.64
CA VAL A 54 -3.48 6.06 -6.23
C VAL A 54 -2.77 7.14 -5.41
N ASP A 55 -3.43 7.56 -4.33
CA ASP A 55 -2.87 8.58 -3.46
C ASP A 55 -1.51 8.15 -2.92
N PRO A 56 -0.52 9.05 -3.03
CA PRO A 56 0.85 8.79 -2.56
C PRO A 56 0.94 8.73 -1.04
N ARG A 57 0.28 9.68 -0.37
CA ARG A 57 0.28 9.74 1.08
C ARG A 57 -0.11 8.39 1.67
N PHE A 58 -1.09 7.74 1.07
CA PHE A 58 -1.55 6.44 1.54
C PHE A 58 -0.45 5.39 1.45
N LEU A 59 0.37 5.49 0.41
CA LEU A 59 1.48 4.56 0.21
C LEU A 59 2.53 4.73 1.30
N ALA A 60 3.11 5.92 1.36
CA ALA A 60 4.15 6.21 2.36
C ALA A 60 3.77 5.63 3.72
N TYR A 61 2.53 5.83 4.13
CA TYR A 61 2.05 5.33 5.40
C TYR A 61 2.69 3.99 5.74
N MET A 62 2.45 2.99 4.88
CA MET A 62 3.01 1.66 5.08
C MET A 62 4.49 1.74 5.40
N GLU A 63 5.26 2.38 4.51
CA GLU A 63 6.69 2.52 4.69
C GLU A 63 7.03 2.80 6.16
N ASP A 64 6.25 3.67 6.78
CA ASP A 64 6.47 4.03 8.18
C ASP A 64 6.33 2.80 9.08
N ARG A 65 5.38 1.94 8.75
CA ARG A 65 5.14 0.73 9.52
C ARG A 65 6.20 -0.33 9.23
N ARG A 66 6.46 -0.55 7.94
CA ARG A 66 7.45 -1.54 7.52
C ARG A 66 8.76 -1.34 8.27
N LYS A 67 9.36 -0.17 8.11
CA LYS A 67 10.62 0.14 8.77
C LYS A 67 10.54 -0.17 10.27
N GLN A 68 9.35 0.00 10.85
CA GLN A 68 9.15 -0.26 12.26
C GLN A 68 9.43 -1.72 12.59
N LYS A 69 9.60 -2.01 13.88
CA LYS A 69 9.87 -3.38 14.32
C LYS A 69 8.95 -3.76 15.48
N TRP A 70 8.43 -4.99 15.43
CA TRP A 70 7.54 -5.48 16.47
C TRP A 70 8.33 -6.13 17.60
N GLN A 71 9.17 -7.10 17.25
CA GLN A 71 9.97 -7.80 18.23
C GLN A 71 11.46 -7.68 17.91
N ARG A 72 12.29 -7.80 18.93
CA ARG A 72 13.74 -7.71 18.75
C ARG A 72 14.42 -9.03 19.08
N CYS A 73 15.54 -9.30 18.42
CA CYS A 73 16.29 -10.54 18.65
C CYS A 73 17.48 -10.28 19.57
N LYS A 74 17.49 -10.93 20.72
CA LYS A 74 18.58 -10.79 21.68
C LYS A 74 18.79 -12.07 22.47
N LYS A 75 20.00 -12.24 22.99
CA LYS A 75 20.32 -13.44 23.77
C LYS A 75 19.15 -13.85 24.65
N ASN A 76 18.60 -12.89 25.39
CA ASN A 76 17.47 -13.16 26.27
C ASN A 76 16.41 -13.99 25.57
N ASN A 77 16.06 -13.60 24.35
CA ASN A 77 15.07 -14.32 23.57
C ASN A 77 15.52 -15.75 23.29
N SER A 78 16.69 -15.88 22.68
CA SER A 78 17.24 -17.20 22.34
C SER A 78 17.57 -17.97 23.61
N GLY A 79 17.61 -19.30 23.49
CA GLY A 79 17.90 -20.15 24.63
C GLY A 79 17.95 -21.62 24.27
N PRO A 80 16.87 -22.34 24.63
CA PRO A 80 16.76 -23.77 24.34
C PRO A 80 16.59 -24.06 22.86
N SER A 81 17.71 -24.21 22.16
CA SER A 81 17.69 -24.49 20.73
C SER A 81 18.91 -25.31 20.31
N SER A 82 18.72 -26.20 19.34
CA SER A 82 19.80 -27.05 18.85
C SER A 82 21.11 -26.27 18.78
N GLY A 83 21.05 -25.11 18.14
CA GLY A 83 22.24 -24.28 18.00
C GLY A 83 21.99 -22.83 18.38
N GLY A 1 -18.59 -6.41 16.66
CA GLY A 1 -17.86 -5.26 16.16
C GLY A 1 -16.40 -5.27 16.59
N SER A 2 -15.85 -4.07 16.83
CA SER A 2 -14.46 -3.96 17.24
C SER A 2 -14.35 -3.87 18.77
N SER A 3 -13.15 -4.13 19.28
CA SER A 3 -12.91 -4.08 20.71
C SER A 3 -12.53 -2.67 21.16
N GLY A 4 -11.50 -2.13 20.53
CA GLY A 4 -11.04 -0.79 20.86
C GLY A 4 -9.80 -0.80 21.73
N SER A 5 -8.79 -1.56 21.32
CA SER A 5 -7.55 -1.65 22.07
C SER A 5 -6.56 -0.57 21.64
N SER A 6 -5.45 -0.46 22.38
CA SER A 6 -4.44 0.54 22.07
C SER A 6 -3.04 -0.06 22.20
N GLY A 7 -2.17 0.27 21.26
CA GLY A 7 -0.81 -0.24 21.28
C GLY A 7 -0.50 -1.12 20.09
N GLU A 8 -0.17 -0.49 18.97
CA GLU A 8 0.15 -1.24 17.76
C GLU A 8 0.90 -0.34 16.76
N PRO A 9 1.73 -0.98 15.91
CA PRO A 9 2.52 -0.27 14.91
C PRO A 9 1.66 0.30 13.79
N ASN A 10 0.34 0.18 13.94
CA ASN A 10 -0.59 0.67 12.94
C ASN A 10 -0.39 -0.03 11.60
N HIS A 11 -0.25 -1.35 11.66
CA HIS A 11 -0.05 -2.14 10.44
C HIS A 11 -1.23 -1.99 9.49
N LEU A 12 -0.98 -2.19 8.20
CA LEU A 12 -2.02 -2.07 7.19
C LEU A 12 -2.13 -3.34 6.37
N ASP A 13 -3.34 -3.86 6.24
CA ASP A 13 -3.59 -5.08 5.47
C ASP A 13 -4.87 -4.97 4.66
N VAL A 14 -4.73 -4.71 3.37
CA VAL A 14 -5.89 -4.57 2.49
C VAL A 14 -6.26 -5.92 1.86
N ASP A 15 -7.48 -6.01 1.36
CA ASP A 15 -7.96 -7.24 0.73
C ASP A 15 -8.93 -6.93 -0.40
N LEU A 16 -9.38 -7.98 -1.09
CA LEU A 16 -10.31 -7.81 -2.21
C LEU A 16 -11.52 -6.98 -1.79
N GLU A 17 -11.71 -6.84 -0.48
CA GLU A 17 -12.83 -6.08 0.06
C GLU A 17 -12.40 -4.65 0.39
N THR A 18 -11.20 -4.52 0.94
CA THR A 18 -10.67 -3.21 1.30
C THR A 18 -10.71 -2.24 0.13
N ARG A 19 -10.94 -0.97 0.41
CA ARG A 19 -11.00 0.05 -0.63
C ARG A 19 -9.66 0.78 -0.75
N ILE A 20 -9.52 1.56 -1.81
CA ILE A 20 -8.30 2.32 -2.04
C ILE A 20 -8.59 3.70 -2.63
N PRO A 21 -8.14 4.75 -1.93
CA PRO A 21 -8.34 6.13 -2.37
C PRO A 21 -7.53 6.47 -3.61
N VAL A 22 -8.14 7.23 -4.53
CA VAL A 22 -7.47 7.63 -5.75
C VAL A 22 -7.81 9.07 -6.12
N ILE A 23 -6.77 9.85 -6.43
CA ILE A 23 -6.96 11.25 -6.80
C ILE A 23 -6.87 11.43 -8.32
N ASN A 24 -7.98 11.85 -8.91
CA ASN A 24 -8.02 12.07 -10.36
C ASN A 24 -7.00 13.13 -10.78
N LYS A 25 -6.70 13.15 -12.08
CA LYS A 25 -5.74 14.12 -12.61
C LYS A 25 -6.44 15.17 -13.45
N VAL A 26 -7.47 14.75 -14.18
CA VAL A 26 -8.24 15.66 -15.03
C VAL A 26 -8.83 16.80 -14.22
N ASP A 27 -9.72 16.45 -13.29
CA ASP A 27 -10.38 17.45 -12.45
C ASP A 27 -9.68 17.54 -11.09
N GLY A 28 -9.28 16.40 -10.55
CA GLY A 28 -8.61 16.37 -9.27
C GLY A 28 -9.54 15.98 -8.14
N THR A 29 -10.41 15.00 -8.39
CA THR A 29 -11.35 14.54 -7.40
C THR A 29 -10.82 13.32 -6.65
N LEU A 30 -10.90 13.36 -5.33
CA LEU A 30 -10.42 12.25 -4.51
C LEU A 30 -11.57 11.32 -4.13
N LEU A 31 -11.39 10.03 -4.37
CA LEU A 31 -12.41 9.03 -4.05
C LEU A 31 -12.10 8.35 -2.72
N VAL A 32 -13.07 8.38 -1.81
CA VAL A 32 -12.91 7.76 -0.50
C VAL A 32 -14.16 6.97 -0.11
N GLY A 33 -13.96 5.94 0.71
CA GLY A 33 -15.08 5.12 1.15
C GLY A 33 -15.61 4.24 0.04
N GLU A 34 -16.91 4.35 -0.23
CA GLU A 34 -17.55 3.56 -1.27
C GLU A 34 -17.25 4.12 -2.66
N ASP A 35 -17.16 5.44 -2.74
CA ASP A 35 -16.88 6.11 -4.00
C ASP A 35 -15.72 5.44 -4.72
N ALA A 36 -14.71 5.02 -3.96
CA ALA A 36 -13.54 4.36 -4.52
C ALA A 36 -13.77 2.86 -4.68
N PRO A 37 -13.25 2.29 -5.77
CA PRO A 37 -13.39 0.86 -6.06
C PRO A 37 -12.59 -0.01 -5.10
N ARG A 38 -12.75 -1.33 -5.21
CA ARG A 38 -12.06 -2.27 -4.36
C ARG A 38 -10.72 -2.68 -4.98
N ARG A 39 -9.77 -3.07 -4.14
CA ARG A 39 -8.46 -3.48 -4.61
C ARG A 39 -8.58 -4.63 -5.61
N ALA A 40 -9.42 -5.61 -5.29
CA ALA A 40 -9.63 -6.76 -6.16
C ALA A 40 -9.94 -6.32 -7.58
N GLU A 41 -11.07 -5.64 -7.76
CA GLU A 41 -11.48 -5.16 -9.07
C GLU A 41 -10.55 -4.07 -9.57
N LEU A 42 -9.94 -3.36 -8.63
CA LEU A 42 -9.02 -2.27 -8.98
C LEU A 42 -8.27 -2.58 -10.26
N GLU A 43 -7.96 -3.86 -10.47
CA GLU A 43 -7.24 -4.29 -11.66
C GLU A 43 -8.04 -3.98 -12.93
N MET A 44 -9.22 -4.58 -13.03
CA MET A 44 -10.09 -4.36 -14.18
C MET A 44 -10.60 -2.93 -14.23
N TRP A 45 -10.80 -2.33 -13.05
CA TRP A 45 -11.28 -0.97 -12.95
C TRP A 45 -10.24 0.01 -13.49
N LEU A 46 -8.98 -0.26 -13.18
CA LEU A 46 -7.88 0.60 -13.64
C LEU A 46 -7.70 0.50 -15.14
N GLN A 47 -8.32 -0.50 -15.75
CA GLN A 47 -8.23 -0.70 -17.19
C GLN A 47 -8.97 0.40 -17.94
N GLY A 48 -10.19 0.68 -17.51
CA GLY A 48 -10.98 1.71 -18.15
C GLY A 48 -11.11 2.96 -17.31
N HIS A 49 -10.65 2.88 -16.06
CA HIS A 49 -10.73 4.00 -15.14
C HIS A 49 -9.33 4.43 -14.70
N PRO A 50 -8.35 4.28 -15.61
CA PRO A 50 -6.96 4.64 -15.34
C PRO A 50 -6.76 6.15 -15.25
N GLU A 51 -7.85 6.90 -15.45
CA GLU A 51 -7.79 8.35 -15.39
C GLU A 51 -7.51 8.83 -13.97
N PHE A 52 -7.51 7.90 -13.02
CA PHE A 52 -7.26 8.22 -11.62
C PHE A 52 -5.85 7.80 -11.21
N ALA A 53 -5.49 8.08 -9.96
CA ALA A 53 -4.18 7.74 -9.45
C ALA A 53 -4.21 7.58 -7.92
N VAL A 54 -3.86 6.40 -7.46
CA VAL A 54 -3.84 6.11 -6.03
C VAL A 54 -3.05 7.17 -5.26
N ASP A 55 -3.57 7.57 -4.10
CA ASP A 55 -2.90 8.57 -3.28
C ASP A 55 -1.44 8.20 -3.03
N PRO A 56 -0.55 9.18 -3.17
CA PRO A 56 0.90 8.98 -2.97
C PRO A 56 1.24 8.74 -1.51
N ARG A 57 0.43 9.29 -0.61
CA ARG A 57 0.66 9.14 0.82
C ARG A 57 0.37 7.71 1.26
N PHE A 58 -0.55 7.05 0.57
CA PHE A 58 -0.92 5.67 0.90
C PHE A 58 0.12 4.69 0.36
N LEU A 59 0.64 4.99 -0.83
CA LEU A 59 1.65 4.13 -1.45
C LEU A 59 3.00 4.26 -0.75
N ALA A 60 3.57 5.46 -0.81
CA ALA A 60 4.86 5.72 -0.17
C ALA A 60 4.94 5.03 1.18
N TYR A 61 3.85 5.07 1.94
CA TYR A 61 3.81 4.46 3.26
C TYR A 61 4.23 3.00 3.19
N MET A 62 3.42 2.18 2.52
CA MET A 62 3.70 0.76 2.38
C MET A 62 5.21 0.52 2.17
N GLU A 63 5.80 1.28 1.26
CA GLU A 63 7.22 1.15 0.97
C GLU A 63 8.04 1.28 2.24
N ASP A 64 7.77 2.32 3.02
CA ASP A 64 8.49 2.56 4.27
C ASP A 64 8.49 1.31 5.14
N ARG A 65 7.35 0.62 5.17
CA ARG A 65 7.21 -0.59 5.97
C ARG A 65 8.53 -1.37 6.00
N ARG A 66 9.16 -1.48 4.84
CA ARG A 66 10.43 -2.21 4.74
C ARG A 66 11.59 -1.36 5.25
N LYS A 67 11.64 -0.10 4.82
CA LYS A 67 12.70 0.81 5.23
C LYS A 67 12.87 0.79 6.74
N GLN A 68 11.84 0.34 7.45
CA GLN A 68 11.87 0.27 8.90
C GLN A 68 12.89 -0.76 9.38
N LYS A 69 12.62 -2.03 9.10
CA LYS A 69 13.51 -3.12 9.50
C LYS A 69 14.58 -3.34 8.44
N TRP A 70 14.78 -2.35 7.57
CA TRP A 70 15.78 -2.43 6.51
C TRP A 70 17.14 -2.81 7.08
N GLN A 71 18.11 -3.03 6.20
CA GLN A 71 19.46 -3.40 6.61
C GLN A 71 20.27 -2.16 6.97
N ARG A 72 20.60 -2.03 8.26
CA ARG A 72 21.37 -0.88 8.73
C ARG A 72 22.65 -1.34 9.42
N CYS A 73 23.60 -0.42 9.59
CA CYS A 73 24.86 -0.73 10.24
C CYS A 73 25.37 0.45 11.05
N LYS A 74 26.48 0.25 11.75
CA LYS A 74 27.07 1.30 12.56
C LYS A 74 27.58 2.46 11.70
N LYS A 75 27.08 3.66 11.98
CA LYS A 75 27.48 4.84 11.22
C LYS A 75 28.42 5.72 12.05
N ASN A 76 28.91 6.79 11.43
CA ASN A 76 29.82 7.70 12.11
C ASN A 76 29.14 9.04 12.37
N ASN A 77 29.61 9.74 13.42
CA ASN A 77 29.04 11.03 13.78
C ASN A 77 29.38 12.09 12.73
N SER A 78 28.40 12.92 12.39
CA SER A 78 28.60 13.97 11.40
C SER A 78 28.52 15.35 12.05
N GLY A 79 28.92 16.37 11.30
CA GLY A 79 28.88 17.73 11.81
C GLY A 79 27.51 18.13 12.31
N PRO A 80 27.48 18.89 13.41
CA PRO A 80 26.23 19.35 14.02
C PRO A 80 25.52 20.40 13.15
N SER A 81 24.45 20.98 13.69
CA SER A 81 23.68 21.99 12.97
C SER A 81 24.36 23.35 13.07
N SER A 82 23.82 24.32 12.33
CA SER A 82 24.37 25.67 12.32
C SER A 82 23.36 26.68 11.80
N GLY A 83 23.57 27.95 12.11
CA GLY A 83 22.66 28.99 11.66
C GLY A 83 22.28 28.83 10.20
N GLY A 1 13.25 -10.60 9.60
CA GLY A 1 12.12 -9.98 10.27
C GLY A 1 10.80 -10.66 9.94
N SER A 2 9.71 -9.92 10.04
CA SER A 2 8.38 -10.45 9.76
C SER A 2 7.84 -9.88 8.46
N SER A 3 7.01 -10.67 7.78
CA SER A 3 6.41 -10.25 6.51
C SER A 3 7.50 -9.98 5.47
N GLY A 4 8.52 -10.83 5.46
CA GLY A 4 9.60 -10.67 4.51
C GLY A 4 9.35 -11.43 3.22
N SER A 5 9.19 -10.70 2.12
CA SER A 5 8.94 -11.30 0.82
C SER A 5 9.10 -10.27 -0.29
N SER A 6 9.46 -10.76 -1.48
CA SER A 6 9.65 -9.88 -2.63
C SER A 6 8.33 -9.24 -3.06
N GLY A 7 8.41 -8.28 -3.97
CA GLY A 7 7.21 -7.61 -4.45
C GLY A 7 7.53 -6.42 -5.33
N GLU A 8 6.50 -5.84 -5.93
CA GLU A 8 6.68 -4.68 -6.81
C GLU A 8 5.56 -3.67 -6.59
N PRO A 9 5.84 -2.40 -6.93
CA PRO A 9 4.87 -1.31 -6.80
C PRO A 9 3.71 -1.42 -7.79
N ASN A 10 3.73 -2.49 -8.58
CA ASN A 10 2.68 -2.72 -9.57
C ASN A 10 1.38 -3.15 -8.91
N HIS A 11 1.46 -4.16 -8.05
CA HIS A 11 0.30 -4.66 -7.34
C HIS A 11 0.36 -4.30 -5.86
N LEU A 12 -0.75 -4.51 -5.16
CA LEU A 12 -0.82 -4.20 -3.73
C LEU A 12 -1.15 -5.45 -2.93
N ASP A 13 -0.43 -5.63 -1.82
CA ASP A 13 -0.65 -6.79 -0.96
C ASP A 13 -1.83 -6.55 -0.02
N VAL A 14 -2.64 -5.55 -0.33
CA VAL A 14 -3.80 -5.22 0.48
C VAL A 14 -4.88 -6.29 0.36
N ASP A 15 -5.98 -6.11 1.08
CA ASP A 15 -7.08 -7.05 1.06
C ASP A 15 -8.01 -6.77 -0.11
N LEU A 16 -8.12 -7.72 -1.03
CA LEU A 16 -8.98 -7.57 -2.20
C LEU A 16 -10.29 -6.89 -1.83
N GLU A 17 -10.69 -7.03 -0.57
CA GLU A 17 -11.92 -6.41 -0.09
C GLU A 17 -11.70 -4.94 0.25
N THR A 18 -10.56 -4.65 0.87
CA THR A 18 -10.23 -3.28 1.24
C THR A 18 -10.33 -2.34 0.05
N ARG A 19 -10.75 -1.11 0.30
CA ARG A 19 -10.88 -0.11 -0.76
C ARG A 19 -9.54 0.57 -1.03
N ILE A 20 -9.49 1.30 -2.15
CA ILE A 20 -8.26 2.00 -2.53
C ILE A 20 -8.58 3.41 -3.05
N PRO A 21 -8.13 4.42 -2.30
CA PRO A 21 -8.35 5.83 -2.68
C PRO A 21 -7.53 6.23 -3.89
N VAL A 22 -8.07 7.17 -4.66
CA VAL A 22 -7.39 7.66 -5.86
C VAL A 22 -7.78 9.10 -6.17
N ILE A 23 -6.79 9.91 -6.53
CA ILE A 23 -7.04 11.32 -6.86
C ILE A 23 -7.02 11.54 -8.36
N ASN A 24 -8.13 12.02 -8.90
CA ASN A 24 -8.25 12.28 -10.33
C ASN A 24 -7.19 13.27 -10.79
N LYS A 25 -6.86 13.24 -12.07
CA LYS A 25 -5.87 14.13 -12.64
C LYS A 25 -6.52 15.17 -13.54
N VAL A 26 -7.62 14.80 -14.19
CA VAL A 26 -8.34 15.70 -15.07
C VAL A 26 -8.97 16.84 -14.29
N ASP A 27 -9.77 16.50 -13.29
CA ASP A 27 -10.44 17.50 -12.46
C ASP A 27 -9.66 17.73 -11.16
N GLY A 28 -9.28 16.65 -10.49
CA GLY A 28 -8.54 16.76 -9.26
C GLY A 28 -9.37 16.37 -8.05
N THR A 29 -10.23 15.38 -8.22
CA THR A 29 -11.10 14.92 -7.14
C THR A 29 -10.43 13.80 -6.35
N LEU A 30 -11.00 13.48 -5.19
CA LEU A 30 -10.46 12.43 -4.34
C LEU A 30 -11.56 11.47 -3.88
N LEU A 31 -11.46 10.22 -4.32
CA LEU A 31 -12.45 9.20 -3.97
C LEU A 31 -12.08 8.54 -2.65
N VAL A 32 -13.11 8.19 -1.87
CA VAL A 32 -12.91 7.54 -0.58
C VAL A 32 -14.14 6.74 -0.16
N GLY A 33 -13.91 5.63 0.52
CA GLY A 33 -15.01 4.80 0.97
C GLY A 33 -15.63 4.00 -0.16
N GLU A 34 -16.91 4.26 -0.43
CA GLU A 34 -17.62 3.56 -1.49
C GLU A 34 -17.20 4.07 -2.87
N ASP A 35 -17.19 5.39 -3.03
CA ASP A 35 -16.80 6.01 -4.28
C ASP A 35 -15.59 5.30 -4.89
N ALA A 36 -14.64 4.92 -4.04
CA ALA A 36 -13.44 4.23 -4.48
C ALA A 36 -13.70 2.75 -4.72
N PRO A 37 -13.00 2.18 -5.71
CA PRO A 37 -13.15 0.76 -6.07
C PRO A 37 -12.60 -0.17 -4.99
N ARG A 38 -12.63 -1.46 -5.27
CA ARG A 38 -12.12 -2.46 -4.32
C ARG A 38 -10.87 -3.14 -4.87
N ARG A 39 -9.86 -3.28 -4.01
CA ARG A 39 -8.60 -3.91 -4.41
C ARG A 39 -8.86 -5.08 -5.35
N ALA A 40 -9.94 -5.82 -5.09
CA ALA A 40 -10.29 -6.96 -5.91
C ALA A 40 -10.57 -6.54 -7.35
N GLU A 41 -11.48 -5.58 -7.51
CA GLU A 41 -11.84 -5.08 -8.84
C GLU A 41 -11.00 -3.85 -9.21
N LEU A 42 -9.89 -3.68 -8.50
CA LEU A 42 -9.00 -2.55 -8.76
C LEU A 42 -8.24 -2.73 -10.08
N GLU A 43 -7.89 -3.98 -10.37
CA GLU A 43 -7.17 -4.29 -11.60
C GLU A 43 -8.04 -4.05 -12.83
N MET A 44 -9.30 -4.47 -12.73
CA MET A 44 -10.25 -4.31 -13.82
C MET A 44 -10.73 -2.86 -13.92
N TRP A 45 -10.68 -2.15 -12.80
CA TRP A 45 -11.11 -0.76 -12.76
C TRP A 45 -10.03 0.15 -13.33
N LEU A 46 -8.77 -0.14 -13.01
CA LEU A 46 -7.65 0.65 -13.49
C LEU A 46 -7.40 0.41 -14.97
N GLN A 47 -8.23 -0.44 -15.57
CA GLN A 47 -8.11 -0.74 -16.99
C GLN A 47 -8.80 0.32 -17.84
N GLY A 48 -10.04 0.64 -17.48
CA GLY A 48 -10.78 1.64 -18.22
C GLY A 48 -10.99 2.92 -17.42
N HIS A 49 -10.65 2.87 -16.15
CA HIS A 49 -10.80 4.03 -15.28
C HIS A 49 -9.45 4.49 -14.73
N PRO A 50 -8.39 4.28 -15.53
CA PRO A 50 -7.03 4.66 -15.15
C PRO A 50 -6.83 6.17 -15.14
N GLU A 51 -7.91 6.90 -15.41
CA GLU A 51 -7.85 8.37 -15.42
C GLU A 51 -7.51 8.91 -14.04
N PHE A 52 -7.52 8.03 -13.05
CA PHE A 52 -7.21 8.42 -11.67
C PHE A 52 -5.80 8.01 -11.28
N ALA A 53 -5.40 8.34 -10.06
CA ALA A 53 -4.07 8.00 -9.57
C ALA A 53 -4.08 7.78 -8.07
N VAL A 54 -3.60 6.62 -7.64
CA VAL A 54 -3.54 6.28 -6.23
C VAL A 54 -2.81 7.35 -5.42
N ASP A 55 -3.45 7.85 -4.38
CA ASP A 55 -2.85 8.87 -3.53
C ASP A 55 -1.48 8.43 -3.02
N PRO A 56 -0.51 9.34 -3.07
CA PRO A 56 0.86 9.06 -2.61
C PRO A 56 0.94 8.91 -1.10
N ARG A 57 -0.01 9.50 -0.40
CA ARG A 57 -0.04 9.43 1.07
C ARG A 57 -0.28 8.00 1.53
N PHE A 58 -0.99 7.23 0.71
CA PHE A 58 -1.29 5.84 1.04
C PHE A 58 -0.08 4.94 0.82
N LEU A 59 0.47 5.01 -0.39
CA LEU A 59 1.64 4.19 -0.74
C LEU A 59 2.63 4.14 0.43
N ALA A 60 2.90 5.29 1.01
CA ALA A 60 3.83 5.37 2.14
C ALA A 60 3.53 4.29 3.17
N TYR A 61 2.29 4.27 3.66
CA TYR A 61 1.88 3.29 4.65
C TYR A 61 2.61 1.96 4.44
N MET A 62 2.50 1.42 3.22
CA MET A 62 3.14 0.16 2.90
C MET A 62 4.59 0.14 3.37
N GLU A 63 5.39 1.07 2.83
CA GLU A 63 6.80 1.16 3.21
C GLU A 63 6.97 1.03 4.71
N ASP A 64 6.37 1.94 5.46
CA ASP A 64 6.46 1.93 6.91
C ASP A 64 6.53 0.50 7.43
N ARG A 65 5.57 -0.33 7.02
CA ARG A 65 5.52 -1.72 7.45
C ARG A 65 6.93 -2.28 7.63
N ARG A 66 7.78 -2.09 6.62
CA ARG A 66 9.15 -2.58 6.66
C ARG A 66 9.91 -1.96 7.82
N LYS A 67 10.06 -0.65 7.80
CA LYS A 67 10.77 0.06 8.86
C LYS A 67 10.48 -0.55 10.22
N GLN A 68 9.20 -0.77 10.50
CA GLN A 68 8.79 -1.36 11.77
C GLN A 68 9.38 -2.76 11.93
N LYS A 69 9.75 -3.09 13.17
CA LYS A 69 10.33 -4.40 13.47
C LYS A 69 10.35 -4.66 14.97
N TRP A 70 10.57 -5.91 15.35
CA TRP A 70 10.62 -6.29 16.76
C TRP A 70 12.02 -6.10 17.32
N GLN A 71 13.02 -6.68 16.65
CA GLN A 71 14.40 -6.56 17.09
C GLN A 71 14.82 -5.10 17.19
N ARG A 72 15.83 -4.83 18.01
CA ARG A 72 16.34 -3.48 18.19
C ARG A 72 16.66 -2.83 16.85
N CYS A 73 16.86 -1.52 16.86
CA CYS A 73 17.18 -0.78 15.65
C CYS A 73 18.65 -0.35 15.63
N LYS A 74 19.27 -0.46 14.47
CA LYS A 74 20.67 -0.09 14.32
C LYS A 74 20.83 1.07 13.34
N LYS A 75 21.89 1.85 13.51
CA LYS A 75 22.16 2.99 12.64
C LYS A 75 22.63 2.53 11.27
N ASN A 76 22.43 3.38 10.26
CA ASN A 76 22.84 3.06 8.90
C ASN A 76 24.29 3.45 8.66
N ASN A 77 24.88 2.91 7.59
CA ASN A 77 26.26 3.21 7.25
C ASN A 77 26.44 4.69 6.91
N SER A 78 27.64 5.19 7.07
CA SER A 78 27.95 6.59 6.78
C SER A 78 28.37 6.76 5.32
N GLY A 79 27.50 7.35 4.52
CA GLY A 79 27.81 7.56 3.11
C GLY A 79 28.10 9.01 2.81
N PRO A 80 27.09 9.73 2.30
CA PRO A 80 27.22 11.15 1.94
C PRO A 80 27.37 12.04 3.17
N SER A 81 28.52 12.70 3.29
CA SER A 81 28.78 13.59 4.41
C SER A 81 28.50 15.03 4.05
N SER A 82 28.31 15.87 5.06
CA SER A 82 28.02 17.28 4.85
C SER A 82 29.30 18.11 4.90
N GLY A 83 29.18 19.40 4.62
CA GLY A 83 30.34 20.28 4.64
C GLY A 83 31.04 20.27 5.99
N GLY A 1 4.29 10.09 24.84
CA GLY A 1 3.73 9.29 23.77
C GLY A 1 4.67 8.20 23.30
N SER A 2 5.23 7.45 24.24
CA SER A 2 6.17 6.38 23.92
C SER A 2 5.42 5.16 23.37
N SER A 3 5.82 4.73 22.18
CA SER A 3 5.19 3.58 21.54
C SER A 3 6.18 2.85 20.64
N GLY A 4 6.09 1.52 20.61
CA GLY A 4 6.98 0.73 19.78
C GLY A 4 6.41 0.45 18.41
N SER A 5 7.16 -0.26 17.59
CA SER A 5 6.72 -0.60 16.23
C SER A 5 6.72 -2.11 16.03
N SER A 6 5.67 -2.60 15.38
CA SER A 6 5.54 -4.03 15.11
C SER A 6 4.63 -4.29 13.92
N GLY A 7 5.22 -4.60 12.77
CA GLY A 7 4.44 -4.85 11.58
C GLY A 7 4.93 -6.07 10.81
N GLU A 8 4.19 -6.46 9.79
CA GLU A 8 4.56 -7.62 8.98
C GLU A 8 5.38 -7.19 7.76
N PRO A 9 6.47 -7.92 7.50
CA PRO A 9 7.36 -7.63 6.37
C PRO A 9 6.70 -7.96 5.03
N ASN A 10 5.45 -8.38 5.07
CA ASN A 10 4.71 -8.72 3.86
C ASN A 10 4.58 -7.51 2.95
N HIS A 11 4.19 -7.75 1.69
CA HIS A 11 4.02 -6.68 0.72
C HIS A 11 2.90 -5.73 1.15
N LEU A 12 2.71 -4.68 0.37
CA LEU A 12 1.66 -3.70 0.67
C LEU A 12 0.29 -4.21 0.23
N ASP A 13 0.23 -5.49 -0.12
CA ASP A 13 -1.02 -6.10 -0.55
C ASP A 13 -2.12 -5.85 0.47
N VAL A 14 -3.32 -5.54 -0.02
CA VAL A 14 -4.45 -5.28 0.85
C VAL A 14 -5.55 -6.32 0.65
N ASP A 15 -6.63 -6.20 1.43
CA ASP A 15 -7.74 -7.13 1.32
C ASP A 15 -8.72 -6.69 0.24
N LEU A 16 -9.10 -7.64 -0.62
CA LEU A 16 -10.02 -7.35 -1.71
C LEU A 16 -11.08 -6.34 -1.28
N GLU A 17 -11.69 -6.59 -0.11
CA GLU A 17 -12.72 -5.71 0.41
C GLU A 17 -12.14 -4.32 0.69
N THR A 18 -10.93 -4.28 1.23
CA THR A 18 -10.28 -3.02 1.55
C THR A 18 -10.27 -2.08 0.35
N ARG A 19 -10.98 -0.96 0.47
CA ARG A 19 -11.06 0.01 -0.61
C ARG A 19 -9.70 0.68 -0.83
N ILE A 20 -9.56 1.36 -1.97
CA ILE A 20 -8.32 2.05 -2.30
C ILE A 20 -8.59 3.48 -2.79
N PRO A 21 -8.10 4.47 -2.03
CA PRO A 21 -8.28 5.88 -2.36
C PRO A 21 -7.46 6.28 -3.59
N VAL A 22 -8.03 7.15 -4.41
CA VAL A 22 -7.36 7.63 -5.62
C VAL A 22 -7.75 9.07 -5.94
N ILE A 23 -6.85 9.79 -6.61
CA ILE A 23 -7.11 11.17 -6.98
C ILE A 23 -7.09 11.34 -8.49
N ASN A 24 -8.21 11.80 -9.05
CA ASN A 24 -8.32 12.00 -10.49
C ASN A 24 -7.27 13.01 -10.97
N LYS A 25 -6.96 12.95 -12.26
CA LYS A 25 -5.98 13.85 -12.85
C LYS A 25 -6.66 14.91 -13.70
N VAL A 26 -7.77 14.55 -14.34
CA VAL A 26 -8.52 15.47 -15.17
C VAL A 26 -9.16 16.57 -14.34
N ASP A 27 -10.09 16.19 -13.48
CA ASP A 27 -10.77 17.15 -12.62
C ASP A 27 -9.99 17.37 -11.33
N GLY A 28 -9.47 16.29 -10.77
CA GLY A 28 -8.71 16.39 -9.53
C GLY A 28 -9.55 16.05 -8.31
N THR A 29 -10.43 15.07 -8.46
CA THR A 29 -11.31 14.66 -7.36
C THR A 29 -10.71 13.46 -6.63
N LEU A 30 -10.79 13.48 -5.30
CA LEU A 30 -10.26 12.39 -4.49
C LEU A 30 -11.38 11.46 -4.03
N LEU A 31 -11.26 10.18 -4.39
CA LEU A 31 -12.26 9.18 -4.03
C LEU A 31 -11.89 8.51 -2.70
N VAL A 32 -12.84 8.51 -1.77
CA VAL A 32 -12.63 7.90 -0.47
C VAL A 32 -13.91 7.24 0.04
N GLY A 33 -13.75 6.16 0.80
CA GLY A 33 -14.89 5.45 1.34
C GLY A 33 -15.47 4.45 0.36
N GLU A 34 -16.75 4.61 0.03
CA GLU A 34 -17.42 3.71 -0.89
C GLU A 34 -17.19 4.17 -2.34
N ASP A 35 -17.33 5.46 -2.58
CA ASP A 35 -17.14 6.02 -3.92
C ASP A 35 -16.00 5.31 -4.64
N ALA A 36 -14.93 5.03 -3.90
CA ALA A 36 -13.77 4.36 -4.48
C ALA A 36 -14.01 2.85 -4.61
N PRO A 37 -13.49 2.27 -5.70
CA PRO A 37 -13.64 0.84 -5.98
C PRO A 37 -12.85 -0.03 -5.01
N ARG A 38 -12.81 -1.33 -5.28
CA ARG A 38 -12.09 -2.26 -4.43
C ARG A 38 -10.77 -2.69 -5.09
N ARG A 39 -9.87 -3.24 -4.28
CA ARG A 39 -8.57 -3.68 -4.78
C ARG A 39 -8.74 -4.78 -5.82
N ALA A 40 -9.49 -5.82 -5.47
CA ALA A 40 -9.74 -6.93 -6.37
C ALA A 40 -10.10 -6.43 -7.77
N GLU A 41 -11.11 -5.58 -7.85
CA GLU A 41 -11.56 -5.03 -9.13
C GLU A 41 -10.60 -3.95 -9.62
N LEU A 42 -9.96 -3.27 -8.68
CA LEU A 42 -9.01 -2.20 -9.02
C LEU A 42 -8.29 -2.52 -10.32
N GLU A 43 -8.01 -3.80 -10.54
CA GLU A 43 -7.32 -4.24 -11.75
C GLU A 43 -8.13 -3.89 -13.00
N MET A 44 -9.31 -4.50 -13.12
CA MET A 44 -10.18 -4.26 -14.26
C MET A 44 -10.67 -2.81 -14.28
N TRP A 45 -10.78 -2.22 -13.10
CA TRP A 45 -11.24 -0.84 -12.99
C TRP A 45 -10.18 0.12 -13.50
N LEU A 46 -8.92 -0.16 -13.17
CA LEU A 46 -7.81 0.70 -13.60
C LEU A 46 -7.60 0.60 -15.10
N GLN A 47 -8.17 -0.44 -15.71
CA GLN A 47 -8.04 -0.65 -17.15
C GLN A 47 -8.75 0.46 -17.92
N GLY A 48 -9.97 0.78 -17.50
CA GLY A 48 -10.73 1.82 -18.16
C GLY A 48 -10.86 3.07 -17.32
N HIS A 49 -10.45 2.99 -16.07
CA HIS A 49 -10.52 4.11 -15.15
C HIS A 49 -9.13 4.52 -14.67
N PRO A 50 -8.14 4.37 -15.57
CA PRO A 50 -6.75 4.72 -15.26
C PRO A 50 -6.54 6.23 -15.14
N GLU A 51 -7.63 6.98 -15.28
CA GLU A 51 -7.56 8.44 -15.18
C GLU A 51 -7.30 8.87 -13.76
N PHE A 52 -7.27 7.91 -12.83
CA PHE A 52 -7.04 8.21 -11.43
C PHE A 52 -5.64 7.76 -11.01
N ALA A 53 -5.26 8.13 -9.79
CA ALA A 53 -3.94 7.76 -9.26
C ALA A 53 -4.01 7.50 -7.76
N VAL A 54 -3.47 6.35 -7.36
CA VAL A 54 -3.46 5.97 -5.94
C VAL A 54 -2.89 7.08 -5.07
N ASP A 55 -3.64 7.49 -4.07
CA ASP A 55 -3.21 8.55 -3.16
C ASP A 55 -1.82 8.25 -2.60
N PRO A 56 -0.93 9.25 -2.66
CA PRO A 56 0.44 9.12 -2.17
C PRO A 56 0.51 9.02 -0.65
N ARG A 57 -0.53 9.52 0.02
CA ARG A 57 -0.60 9.49 1.47
C ARG A 57 -0.66 8.05 1.98
N PHE A 58 -1.40 7.21 1.28
CA PHE A 58 -1.55 5.81 1.66
C PHE A 58 -0.22 5.07 1.52
N LEU A 59 0.37 5.15 0.34
CA LEU A 59 1.64 4.49 0.07
C LEU A 59 2.62 4.69 1.23
N ALA A 60 2.85 5.96 1.58
CA ALA A 60 3.75 6.30 2.67
C ALA A 60 3.55 5.37 3.86
N TYR A 61 2.33 5.39 4.41
CA TYR A 61 2.02 4.56 5.56
C TYR A 61 2.75 3.21 5.49
N MET A 62 2.69 2.58 4.33
CA MET A 62 3.35 1.29 4.12
C MET A 62 4.86 1.43 4.30
N GLU A 63 5.45 2.42 3.62
CA GLU A 63 6.88 2.65 3.70
C GLU A 63 7.38 2.49 5.13
N ASP A 64 6.77 3.21 6.06
CA ASP A 64 7.14 3.14 7.46
C ASP A 64 7.18 1.71 7.95
N ARG A 65 6.30 0.87 7.40
CA ARG A 65 6.23 -0.54 7.79
C ARG A 65 7.48 -1.28 7.32
N ARG A 66 7.64 -1.40 6.01
CA ARG A 66 8.78 -2.09 5.44
C ARG A 66 10.08 -1.53 5.98
N LYS A 67 10.10 -0.22 6.21
CA LYS A 67 11.29 0.45 6.74
C LYS A 67 11.98 -0.40 7.80
N GLN A 68 11.18 -1.11 8.59
CA GLN A 68 11.71 -1.96 9.64
C GLN A 68 12.69 -2.97 9.08
N LYS A 69 13.30 -3.76 9.96
CA LYS A 69 14.28 -4.76 9.55
C LYS A 69 14.26 -5.97 10.50
N TRP A 70 14.88 -7.05 10.08
CA TRP A 70 14.92 -8.27 10.89
C TRP A 70 16.33 -8.50 11.44
N GLN A 71 17.15 -7.46 11.42
CA GLN A 71 18.52 -7.55 11.91
C GLN A 71 18.55 -7.74 13.43
N ARG A 72 19.62 -8.35 13.92
CA ARG A 72 19.77 -8.59 15.34
C ARG A 72 19.22 -7.42 16.16
N CYS A 73 19.78 -6.24 15.93
CA CYS A 73 19.36 -5.04 16.65
C CYS A 73 17.87 -4.78 16.43
N LYS A 74 17.10 -4.90 17.51
CA LYS A 74 15.66 -4.68 17.44
C LYS A 74 15.07 -4.44 18.83
N LYS A 75 13.83 -3.98 18.88
CA LYS A 75 13.16 -3.71 20.15
C LYS A 75 12.36 -4.93 20.61
N ASN A 76 12.79 -5.53 21.71
CA ASN A 76 12.10 -6.70 22.25
C ASN A 76 12.23 -6.74 23.77
N ASN A 77 11.51 -7.67 24.39
CA ASN A 77 11.53 -7.82 25.85
C ASN A 77 12.62 -8.79 26.28
N SER A 78 13.09 -8.65 27.51
CA SER A 78 14.13 -9.52 28.04
C SER A 78 13.58 -10.91 28.34
N GLY A 79 14.46 -11.91 28.28
CA GLY A 79 14.04 -13.27 28.54
C GLY A 79 15.07 -14.30 28.09
N PRO A 80 15.99 -14.65 28.99
CA PRO A 80 17.06 -15.62 28.71
C PRO A 80 16.51 -17.04 28.56
N SER A 81 17.21 -17.86 27.77
CA SER A 81 16.80 -19.24 27.53
C SER A 81 17.93 -20.04 26.89
N SER A 82 17.71 -21.34 26.73
CA SER A 82 18.70 -22.22 26.13
C SER A 82 18.73 -22.05 24.61
N GLY A 83 17.61 -22.34 23.97
CA GLY A 83 17.53 -22.22 22.53
C GLY A 83 16.10 -22.16 22.03
N GLY A 1 3.69 -7.30 15.95
CA GLY A 1 2.43 -8.03 16.10
C GLY A 1 2.48 -9.40 15.48
N SER A 2 2.03 -10.40 16.23
CA SER A 2 2.03 -11.78 15.76
C SER A 2 1.55 -11.86 14.31
N SER A 3 0.36 -11.32 14.06
CA SER A 3 -0.21 -11.33 12.72
C SER A 3 0.72 -10.65 11.73
N GLY A 4 1.17 -9.44 12.07
CA GLY A 4 2.06 -8.71 11.20
C GLY A 4 3.03 -9.61 10.47
N SER A 5 3.22 -9.35 9.18
CA SER A 5 4.12 -10.15 8.36
C SER A 5 5.54 -9.60 8.42
N SER A 6 6.53 -10.48 8.32
CA SER A 6 7.92 -10.09 8.38
C SER A 6 8.24 -9.07 7.28
N GLY A 7 8.02 -9.46 6.03
CA GLY A 7 8.29 -8.58 4.92
C GLY A 7 7.31 -8.78 3.77
N GLU A 8 6.97 -7.69 3.09
CA GLU A 8 6.04 -7.75 1.96
C GLU A 8 6.74 -7.39 0.66
N PRO A 9 6.29 -8.01 -0.45
CA PRO A 9 6.86 -7.78 -1.78
C PRO A 9 6.54 -6.38 -2.31
N ASN A 10 7.15 -6.03 -3.43
CA ASN A 10 6.94 -4.72 -4.04
C ASN A 10 5.46 -4.34 -3.98
N HIS A 11 4.58 -5.29 -4.25
CA HIS A 11 3.15 -5.05 -4.23
C HIS A 11 2.68 -4.70 -2.82
N LEU A 12 1.50 -4.10 -2.73
CA LEU A 12 0.95 -3.70 -1.43
C LEU A 12 0.20 -4.86 -0.78
N ASP A 13 -0.19 -4.67 0.47
CA ASP A 13 -0.91 -5.71 1.22
C ASP A 13 -2.21 -5.15 1.80
N VAL A 14 -3.33 -5.56 1.21
CA VAL A 14 -4.63 -5.11 1.68
C VAL A 14 -5.69 -6.20 1.50
N ASP A 15 -6.90 -5.91 1.95
CA ASP A 15 -8.01 -6.86 1.84
C ASP A 15 -8.94 -6.48 0.69
N LEU A 16 -9.39 -7.50 -0.05
CA LEU A 16 -10.29 -7.28 -1.17
C LEU A 16 -11.36 -6.24 -0.83
N GLU A 17 -11.80 -6.24 0.43
CA GLU A 17 -12.81 -5.30 0.88
C GLU A 17 -12.22 -3.90 1.06
N THR A 18 -11.00 -3.85 1.57
CA THR A 18 -10.32 -2.58 1.79
C THR A 18 -10.30 -1.73 0.53
N ARG A 19 -11.05 -0.64 0.54
CA ARG A 19 -11.12 0.26 -0.61
C ARG A 19 -9.76 0.90 -0.89
N ILE A 20 -9.63 1.51 -2.06
CA ILE A 20 -8.39 2.16 -2.43
C ILE A 20 -8.63 3.59 -2.92
N PRO A 21 -8.22 4.57 -2.12
CA PRO A 21 -8.38 5.99 -2.44
C PRO A 21 -7.48 6.42 -3.59
N VAL A 22 -8.04 7.21 -4.51
CA VAL A 22 -7.28 7.70 -5.66
C VAL A 22 -7.64 9.14 -5.97
N ILE A 23 -6.71 9.86 -6.60
CA ILE A 23 -6.93 11.25 -6.95
C ILE A 23 -6.98 11.43 -8.47
N ASN A 24 -8.12 11.87 -8.98
CA ASN A 24 -8.29 12.08 -10.42
C ASN A 24 -7.25 13.05 -10.95
N LYS A 25 -7.01 13.01 -12.26
CA LYS A 25 -6.04 13.89 -12.89
C LYS A 25 -6.74 14.99 -13.68
N VAL A 26 -7.88 14.66 -14.27
CA VAL A 26 -8.65 15.63 -15.05
C VAL A 26 -9.24 16.71 -14.16
N ASP A 27 -10.13 16.31 -13.27
CA ASP A 27 -10.78 17.25 -12.34
C ASP A 27 -9.92 17.46 -11.10
N GLY A 28 -9.39 16.36 -10.57
CA GLY A 28 -8.56 16.45 -9.38
C GLY A 28 -9.32 16.11 -8.12
N THR A 29 -10.26 15.17 -8.23
CA THR A 29 -11.06 14.76 -7.08
C THR A 29 -10.51 13.51 -6.42
N LEU A 30 -10.58 13.45 -5.10
CA LEU A 30 -10.08 12.31 -4.35
C LEU A 30 -11.22 11.35 -3.98
N LEU A 31 -11.17 10.15 -4.53
CA LEU A 31 -12.20 9.15 -4.25
C LEU A 31 -11.94 8.45 -2.92
N VAL A 32 -13.02 8.22 -2.17
CA VAL A 32 -12.90 7.57 -0.86
C VAL A 32 -14.19 6.80 -0.53
N GLY A 33 -14.09 5.91 0.46
CA GLY A 33 -15.25 5.13 0.86
C GLY A 33 -15.77 4.26 -0.26
N GLU A 34 -17.08 4.30 -0.47
CA GLU A 34 -17.72 3.50 -1.52
C GLU A 34 -17.26 3.96 -2.91
N ASP A 35 -17.33 5.27 -3.14
CA ASP A 35 -16.93 5.83 -4.42
C ASP A 35 -15.64 5.19 -4.92
N ALA A 36 -14.69 4.99 -4.00
CA ALA A 36 -13.41 4.38 -4.34
C ALA A 36 -13.58 2.91 -4.70
N PRO A 37 -12.77 2.43 -5.65
CA PRO A 37 -12.82 1.04 -6.11
C PRO A 37 -12.29 0.07 -5.04
N ARG A 38 -12.33 -1.22 -5.35
CA ARG A 38 -11.87 -2.25 -4.43
C ARG A 38 -10.62 -2.94 -4.96
N ARG A 39 -9.71 -3.29 -4.07
CA ARG A 39 -8.47 -3.96 -4.44
C ARG A 39 -8.75 -5.12 -5.39
N ALA A 40 -9.85 -5.83 -5.15
CA ALA A 40 -10.23 -6.96 -5.98
C ALA A 40 -10.47 -6.53 -7.42
N GLU A 41 -11.40 -5.59 -7.61
CA GLU A 41 -11.72 -5.10 -8.94
C GLU A 41 -10.87 -3.89 -9.30
N LEU A 42 -9.83 -3.66 -8.50
CA LEU A 42 -8.92 -2.53 -8.72
C LEU A 42 -8.21 -2.67 -10.07
N GLU A 43 -7.93 -3.91 -10.46
CA GLU A 43 -7.26 -4.19 -11.72
C GLU A 43 -8.15 -3.84 -12.90
N MET A 44 -9.30 -4.50 -12.98
CA MET A 44 -10.25 -4.26 -14.06
C MET A 44 -10.73 -2.82 -14.06
N TRP A 45 -10.69 -2.19 -12.89
CA TRP A 45 -11.12 -0.80 -12.76
C TRP A 45 -10.05 0.16 -13.29
N LEU A 46 -8.79 -0.16 -13.00
CA LEU A 46 -7.68 0.67 -13.45
C LEU A 46 -7.46 0.52 -14.95
N GLN A 47 -8.28 -0.30 -15.58
CA GLN A 47 -8.18 -0.53 -17.01
C GLN A 47 -8.88 0.57 -17.80
N GLY A 48 -10.14 0.81 -17.46
CA GLY A 48 -10.91 1.83 -18.14
C GLY A 48 -11.08 3.09 -17.31
N HIS A 49 -10.68 3.01 -16.04
CA HIS A 49 -10.79 4.15 -15.13
C HIS A 49 -9.41 4.58 -14.63
N PRO A 50 -8.40 4.43 -15.49
CA PRO A 50 -7.02 4.80 -15.17
C PRO A 50 -6.83 6.31 -15.07
N GLU A 51 -7.93 7.05 -15.24
CA GLU A 51 -7.89 8.51 -15.18
C GLU A 51 -7.53 8.97 -13.77
N PHE A 52 -7.50 8.02 -12.83
CA PHE A 52 -7.17 8.34 -11.45
C PHE A 52 -5.77 7.87 -11.10
N ALA A 53 -5.31 8.20 -9.90
CA ALA A 53 -3.99 7.81 -9.44
C ALA A 53 -3.98 7.52 -7.94
N VAL A 54 -3.45 6.36 -7.57
CA VAL A 54 -3.39 5.96 -6.16
C VAL A 54 -2.73 7.04 -5.32
N ASP A 55 -3.42 7.46 -4.26
CA ASP A 55 -2.90 8.49 -3.37
C ASP A 55 -1.50 8.13 -2.89
N PRO A 56 -0.55 9.04 -3.10
CA PRO A 56 0.85 8.85 -2.69
C PRO A 56 1.02 8.87 -1.17
N ARG A 57 0.18 9.66 -0.50
CA ARG A 57 0.24 9.77 0.95
C ARG A 57 -0.07 8.44 1.62
N PHE A 58 -1.05 7.72 1.07
CA PHE A 58 -1.44 6.43 1.62
C PHE A 58 -0.28 5.44 1.57
N LEU A 59 0.47 5.47 0.46
CA LEU A 59 1.61 4.59 0.28
C LEU A 59 2.61 4.76 1.43
N ALA A 60 3.15 5.96 1.56
CA ALA A 60 4.11 6.25 2.60
C ALA A 60 3.79 5.51 3.89
N TYR A 61 2.57 5.73 4.40
CA TYR A 61 2.13 5.08 5.63
C TYR A 61 2.71 3.67 5.73
N MET A 62 2.29 2.81 4.80
CA MET A 62 2.76 1.42 4.79
C MET A 62 4.20 1.33 5.27
N GLU A 63 5.08 2.16 4.70
CA GLU A 63 6.49 2.16 5.08
C GLU A 63 6.65 1.95 6.57
N ASP A 64 6.01 2.81 7.37
CA ASP A 64 6.08 2.71 8.82
C ASP A 64 6.01 1.25 9.26
N ARG A 65 5.09 0.50 8.69
CA ARG A 65 4.92 -0.91 9.03
C ARG A 65 6.27 -1.56 9.30
N ARG A 66 7.26 -1.22 8.49
CA ARG A 66 8.60 -1.79 8.64
C ARG A 66 9.37 -1.06 9.75
N LYS A 67 9.39 0.26 9.67
CA LYS A 67 10.09 1.08 10.66
C LYS A 67 9.81 0.58 12.07
N GLN A 68 8.52 0.42 12.38
CA GLN A 68 8.11 -0.06 13.71
C GLN A 68 8.64 -1.46 13.97
N LYS A 69 8.83 -2.23 12.90
CA LYS A 69 9.34 -3.59 13.02
C LYS A 69 10.86 -3.61 12.97
N TRP A 70 11.48 -2.44 13.13
CA TRP A 70 12.93 -2.33 13.10
C TRP A 70 13.58 -3.29 14.09
N GLN A 71 14.46 -4.14 13.60
CA GLN A 71 15.14 -5.11 14.44
C GLN A 71 16.60 -5.25 14.04
N ARG A 72 17.42 -5.78 14.94
CA ARG A 72 18.83 -5.97 14.69
C ARG A 72 19.25 -7.42 14.92
N CYS A 73 20.31 -7.85 14.24
CA CYS A 73 20.79 -9.22 14.38
C CYS A 73 22.16 -9.24 15.04
N LYS A 74 22.60 -10.42 15.48
CA LYS A 74 23.89 -10.58 16.12
C LYS A 74 24.93 -11.11 15.14
N LYS A 75 26.20 -11.00 15.51
CA LYS A 75 27.29 -11.47 14.67
C LYS A 75 27.41 -12.99 14.72
N ASN A 76 28.12 -13.56 13.76
CA ASN A 76 28.31 -15.01 13.70
C ASN A 76 29.64 -15.40 14.31
N ASN A 77 29.89 -16.71 14.40
CA ASN A 77 31.13 -17.21 14.96
C ASN A 77 32.33 -16.78 14.13
N SER A 78 33.50 -16.71 14.77
CA SER A 78 34.72 -16.30 14.09
C SER A 78 35.34 -17.47 13.33
N GLY A 79 36.24 -17.15 12.41
CA GLY A 79 36.90 -18.19 11.63
C GLY A 79 38.38 -18.32 11.96
N PRO A 80 39.03 -19.32 11.35
CA PRO A 80 40.46 -19.58 11.57
C PRO A 80 41.34 -18.50 10.95
N SER A 81 42.65 -18.72 10.98
CA SER A 81 43.60 -17.77 10.42
C SER A 81 44.42 -18.41 9.31
N SER A 82 44.96 -17.58 8.42
CA SER A 82 45.77 -18.07 7.31
C SER A 82 47.09 -18.64 7.80
N GLY A 83 47.83 -19.28 6.90
CA GLY A 83 49.11 -19.86 7.26
C GLY A 83 50.14 -18.81 7.59
N GLY A 1 -4.71 -12.02 10.56
CA GLY A 1 -4.77 -11.84 9.12
C GLY A 1 -4.12 -12.99 8.37
N SER A 2 -3.64 -12.70 7.16
CA SER A 2 -3.00 -13.72 6.34
C SER A 2 -1.48 -13.60 6.43
N SER A 3 -0.80 -14.75 6.34
CA SER A 3 0.66 -14.79 6.41
C SER A 3 1.23 -15.70 5.34
N GLY A 4 2.38 -15.31 4.79
CA GLY A 4 3.02 -16.11 3.77
C GLY A 4 4.49 -16.35 4.05
N SER A 5 5.31 -16.30 3.00
CA SER A 5 6.74 -16.52 3.13
C SER A 5 7.51 -15.21 2.97
N SER A 6 8.17 -14.78 4.05
CA SER A 6 8.93 -13.55 4.03
C SER A 6 10.13 -13.66 3.08
N GLY A 7 10.44 -12.57 2.39
CA GLY A 7 11.56 -12.57 1.46
C GLY A 7 11.30 -11.71 0.25
N GLU A 8 10.22 -11.99 -0.47
CA GLU A 8 9.88 -11.24 -1.66
C GLU A 8 9.26 -9.88 -1.30
N PRO A 9 9.98 -8.80 -1.63
CA PRO A 9 9.52 -7.43 -1.35
C PRO A 9 8.31 -7.04 -2.19
N ASN A 10 7.22 -6.68 -1.52
CA ASN A 10 6.00 -6.27 -2.21
C ASN A 10 5.81 -4.76 -2.12
N HIS A 11 5.08 -4.21 -3.10
CA HIS A 11 4.82 -2.78 -3.14
C HIS A 11 3.72 -2.39 -2.16
N LEU A 12 2.65 -3.19 -2.14
CA LEU A 12 1.52 -2.95 -1.25
C LEU A 12 0.82 -4.24 -0.88
N ASP A 13 0.15 -4.24 0.27
CA ASP A 13 -0.57 -5.43 0.73
C ASP A 13 -1.86 -5.03 1.42
N VAL A 14 -2.99 -5.38 0.81
CA VAL A 14 -4.30 -5.07 1.37
C VAL A 14 -5.28 -6.21 1.14
N ASP A 15 -6.50 -6.04 1.64
CA ASP A 15 -7.54 -7.06 1.49
C ASP A 15 -8.52 -6.67 0.38
N LEU A 16 -8.95 -7.66 -0.39
CA LEU A 16 -9.89 -7.42 -1.48
C LEU A 16 -11.00 -6.49 -1.05
N GLU A 17 -11.55 -6.72 0.14
CA GLU A 17 -12.63 -5.90 0.67
C GLU A 17 -12.14 -4.47 0.92
N THR A 18 -10.87 -4.35 1.30
CA THR A 18 -10.28 -3.04 1.58
C THR A 18 -10.34 -2.14 0.34
N ARG A 19 -10.82 -0.92 0.53
CA ARG A 19 -10.94 0.03 -0.56
C ARG A 19 -9.59 0.72 -0.82
N ILE A 20 -9.52 1.46 -1.93
CA ILE A 20 -8.29 2.16 -2.30
C ILE A 20 -8.60 3.55 -2.86
N PRO A 21 -8.12 4.58 -2.16
CA PRO A 21 -8.32 5.98 -2.58
C PRO A 21 -7.55 6.33 -3.84
N VAL A 22 -8.06 7.31 -4.59
CA VAL A 22 -7.42 7.74 -5.83
C VAL A 22 -7.80 9.18 -6.17
N ILE A 23 -6.81 9.96 -6.57
CA ILE A 23 -7.03 11.35 -6.94
C ILE A 23 -6.92 11.56 -8.44
N ASN A 24 -8.04 11.90 -9.08
CA ASN A 24 -8.06 12.12 -10.52
C ASN A 24 -7.03 13.18 -10.92
N LYS A 25 -6.72 13.25 -12.21
CA LYS A 25 -5.76 14.21 -12.73
C LYS A 25 -6.46 15.28 -13.57
N VAL A 26 -7.54 14.90 -14.22
CA VAL A 26 -8.30 15.81 -15.06
C VAL A 26 -8.87 16.96 -14.23
N ASP A 27 -9.64 16.62 -13.21
CA ASP A 27 -10.25 17.62 -12.34
C ASP A 27 -9.61 17.60 -10.96
N GLY A 28 -9.21 16.41 -10.51
CA GLY A 28 -8.59 16.28 -9.22
C GLY A 28 -9.58 15.88 -8.14
N THR A 29 -10.25 14.75 -8.34
CA THR A 29 -11.23 14.26 -7.38
C THR A 29 -10.68 13.09 -6.57
N LEU A 30 -10.84 13.15 -5.25
CA LEU A 30 -10.35 12.09 -4.38
C LEU A 30 -11.50 11.16 -3.98
N LEU A 31 -11.35 9.87 -4.31
CA LEU A 31 -12.36 8.88 -3.97
C LEU A 31 -12.04 8.20 -2.64
N VAL A 32 -13.04 8.13 -1.76
CA VAL A 32 -12.86 7.50 -0.46
C VAL A 32 -14.09 6.69 -0.07
N GLY A 33 -13.87 5.58 0.63
CA GLY A 33 -14.98 4.74 1.05
C GLY A 33 -15.67 4.06 -0.11
N GLU A 34 -16.99 4.11 -0.12
CA GLU A 34 -17.77 3.48 -1.20
C GLU A 34 -17.45 4.12 -2.54
N ASP A 35 -17.39 5.45 -2.57
CA ASP A 35 -17.09 6.18 -3.79
C ASP A 35 -15.98 5.49 -4.57
N ALA A 36 -14.94 5.05 -3.86
CA ALA A 36 -13.81 4.38 -4.48
C ALA A 36 -14.03 2.87 -4.54
N PRO A 37 -13.57 2.25 -5.64
CA PRO A 37 -13.71 0.80 -5.83
C PRO A 37 -12.81 0.01 -4.89
N ARG A 38 -12.87 -1.31 -5.00
CA ARG A 38 -12.07 -2.20 -4.15
C ARG A 38 -10.77 -2.58 -4.86
N ARG A 39 -9.83 -3.10 -4.08
CA ARG A 39 -8.53 -3.51 -4.63
C ARG A 39 -8.70 -4.61 -5.66
N ALA A 40 -9.45 -5.66 -5.29
CA ALA A 40 -9.69 -6.79 -6.18
C ALA A 40 -10.10 -6.31 -7.57
N GLU A 41 -11.12 -5.47 -7.62
CA GLU A 41 -11.61 -4.94 -8.89
C GLU A 41 -10.67 -3.86 -9.43
N LEU A 42 -10.04 -3.12 -8.53
CA LEU A 42 -9.12 -2.06 -8.90
C LEU A 42 -8.34 -2.44 -10.17
N GLU A 43 -8.07 -3.73 -10.32
CA GLU A 43 -7.34 -4.22 -11.48
C GLU A 43 -8.10 -3.93 -12.77
N MET A 44 -9.27 -4.57 -12.92
CA MET A 44 -10.09 -4.37 -14.10
C MET A 44 -10.60 -2.93 -14.18
N TRP A 45 -10.80 -2.31 -13.03
CA TRP A 45 -11.28 -0.94 -12.97
C TRP A 45 -10.24 0.03 -13.53
N LEU A 46 -8.98 -0.23 -13.22
CA LEU A 46 -7.88 0.61 -13.69
C LEU A 46 -7.68 0.47 -15.19
N GLN A 47 -8.27 -0.58 -15.75
CA GLN A 47 -8.16 -0.84 -17.19
C GLN A 47 -8.86 0.25 -17.99
N GLY A 48 -10.04 0.64 -17.56
CA GLY A 48 -10.79 1.67 -18.25
C GLY A 48 -10.95 2.93 -17.41
N HIS A 49 -10.54 2.86 -16.15
CA HIS A 49 -10.64 4.00 -15.26
C HIS A 49 -9.25 4.43 -14.77
N PRO A 50 -8.24 4.23 -15.63
CA PRO A 50 -6.85 4.60 -15.32
C PRO A 50 -6.65 6.10 -15.27
N GLU A 51 -7.73 6.84 -15.47
CA GLU A 51 -7.66 8.30 -15.46
C GLU A 51 -7.37 8.82 -14.06
N PHE A 52 -7.39 7.92 -13.08
CA PHE A 52 -7.12 8.28 -11.69
C PHE A 52 -5.71 7.86 -11.29
N ALA A 53 -5.35 8.18 -10.05
CA ALA A 53 -4.03 7.83 -9.53
C ALA A 53 -4.06 7.68 -8.02
N VAL A 54 -3.59 6.53 -7.53
CA VAL A 54 -3.56 6.27 -6.10
C VAL A 54 -2.86 7.40 -5.35
N ASP A 55 -3.52 7.88 -4.29
CA ASP A 55 -2.96 8.96 -3.49
C ASP A 55 -1.60 8.56 -2.91
N PRO A 56 -0.65 9.51 -2.92
CA PRO A 56 0.70 9.28 -2.40
C PRO A 56 0.73 9.14 -0.88
N ARG A 57 -0.01 10.02 -0.20
CA ARG A 57 -0.07 9.99 1.25
C ARG A 57 -0.35 8.58 1.76
N PHE A 58 -1.41 7.96 1.23
CA PHE A 58 -1.79 6.61 1.63
C PHE A 58 -0.59 5.67 1.56
N LEU A 59 0.22 5.83 0.52
CA LEU A 59 1.40 4.99 0.34
C LEU A 59 2.38 5.16 1.50
N ALA A 60 2.76 6.41 1.76
CA ALA A 60 3.69 6.71 2.85
C ALA A 60 3.39 5.86 4.08
N TYR A 61 2.13 5.85 4.50
CA TYR A 61 1.72 5.08 5.66
C TYR A 61 2.49 3.77 5.75
N MET A 62 2.65 3.11 4.60
CA MET A 62 3.36 1.84 4.54
C MET A 62 4.78 2.00 5.07
N GLU A 63 5.56 2.86 4.44
CA GLU A 63 6.94 3.10 4.84
C GLU A 63 7.05 3.22 6.36
N ASP A 64 6.29 4.14 6.93
CA ASP A 64 6.29 4.35 8.37
C ASP A 64 6.45 3.03 9.11
N ARG A 65 5.90 1.96 8.54
CA ARG A 65 5.98 0.64 9.14
C ARG A 65 7.41 0.34 9.60
N ARG A 66 8.33 0.33 8.64
CA ARG A 66 9.73 0.05 8.94
C ARG A 66 10.31 1.09 9.90
N LYS A 67 9.77 2.30 9.84
CA LYS A 67 10.23 3.38 10.69
C LYS A 67 9.87 3.10 12.16
N GLN A 68 8.76 2.41 12.36
CA GLN A 68 8.30 2.07 13.71
C GLN A 68 8.92 0.76 14.18
N LYS A 69 9.92 0.28 13.44
CA LYS A 69 10.60 -0.96 13.78
C LYS A 69 12.09 -0.85 13.51
N TRP A 70 12.89 -0.87 14.57
CA TRP A 70 14.34 -0.78 14.44
C TRP A 70 14.95 -2.15 14.19
N GLN A 71 16.02 -2.18 13.39
CA GLN A 71 16.70 -3.44 13.07
C GLN A 71 17.71 -3.79 14.15
N ARG A 72 18.02 -5.09 14.25
CA ARG A 72 18.97 -5.57 15.25
C ARG A 72 20.41 -5.40 14.75
N CYS A 73 20.70 -5.99 13.59
CA CYS A 73 22.03 -5.90 13.00
C CYS A 73 21.97 -5.36 11.58
N LYS A 74 23.13 -5.03 11.02
CA LYS A 74 23.21 -4.50 9.67
C LYS A 74 22.85 -5.58 8.65
N LYS A 75 22.74 -5.17 7.39
CA LYS A 75 22.39 -6.10 6.31
C LYS A 75 23.00 -5.64 4.99
N ASN A 76 23.91 -6.45 4.45
CA ASN A 76 24.57 -6.13 3.18
C ASN A 76 23.57 -6.20 2.03
N ASN A 77 23.99 -5.70 0.87
CA ASN A 77 23.15 -5.70 -0.32
C ASN A 77 23.38 -6.96 -1.16
N SER A 78 22.41 -7.30 -1.99
CA SER A 78 22.51 -8.49 -2.84
C SER A 78 23.30 -8.17 -4.11
N GLY A 79 23.65 -9.22 -4.85
CA GLY A 79 24.41 -9.03 -6.07
C GLY A 79 25.67 -9.88 -6.11
N PRO A 80 26.40 -9.82 -7.25
CA PRO A 80 27.62 -10.58 -7.43
C PRO A 80 28.77 -10.05 -6.56
N SER A 81 29.00 -10.72 -5.44
CA SER A 81 30.07 -10.32 -4.52
C SER A 81 31.32 -9.91 -5.28
N SER A 82 31.84 -10.83 -6.07
CA SER A 82 33.05 -10.58 -6.86
C SER A 82 32.77 -9.55 -7.96
N GLY A 83 33.73 -8.65 -8.17
CA GLY A 83 33.57 -7.63 -9.19
C GLY A 83 33.80 -6.23 -8.65
N GLY A 1 -7.47 7.88 10.66
CA GLY A 1 -7.42 6.61 11.37
C GLY A 1 -8.40 6.56 12.53
N SER A 2 -9.01 5.40 12.72
CA SER A 2 -9.98 5.22 13.80
C SER A 2 -9.29 4.69 15.06
N SER A 3 -8.40 3.72 14.88
CA SER A 3 -7.68 3.13 16.01
C SER A 3 -6.26 2.75 15.60
N GLY A 4 -5.38 2.64 16.58
CA GLY A 4 -4.00 2.27 16.31
C GLY A 4 -3.68 0.85 16.72
N SER A 5 -2.58 0.68 17.45
CA SER A 5 -2.16 -0.64 17.90
C SER A 5 -2.09 -1.62 16.73
N SER A 6 -1.61 -1.14 15.60
CA SER A 6 -1.49 -1.96 14.40
C SER A 6 -0.09 -1.87 13.80
N GLY A 7 0.54 -3.02 13.60
CA GLY A 7 1.88 -3.04 13.04
C GLY A 7 2.40 -4.45 12.84
N GLU A 8 2.14 -5.01 11.66
CA GLU A 8 2.58 -6.36 11.35
C GLU A 8 3.60 -6.35 10.20
N PRO A 9 4.62 -7.20 10.32
CA PRO A 9 5.68 -7.31 9.31
C PRO A 9 5.18 -7.94 8.01
N ASN A 10 4.78 -7.09 7.06
CA ASN A 10 4.29 -7.56 5.78
C ASN A 10 4.27 -6.43 4.76
N HIS A 11 4.03 -6.79 3.50
CA HIS A 11 3.98 -5.80 2.42
C HIS A 11 2.78 -4.88 2.59
N LEU A 12 2.64 -3.92 1.67
CA LEU A 12 1.54 -2.97 1.72
C LEU A 12 0.25 -3.61 1.20
N ASP A 13 0.28 -4.92 1.01
CA ASP A 13 -0.89 -5.66 0.53
C ASP A 13 -2.12 -5.34 1.38
N VAL A 14 -3.29 -5.44 0.77
CA VAL A 14 -4.54 -5.16 1.47
C VAL A 14 -5.57 -6.25 1.19
N ASP A 15 -6.74 -6.12 1.82
CA ASP A 15 -7.81 -7.10 1.65
C ASP A 15 -8.77 -6.66 0.55
N LEU A 16 -9.26 -7.61 -0.23
CA LEU A 16 -10.19 -7.32 -1.32
C LEU A 16 -11.23 -6.31 -0.88
N GLU A 17 -11.91 -6.62 0.22
CA GLU A 17 -12.95 -5.73 0.75
C GLU A 17 -12.41 -4.31 0.94
N THR A 18 -11.18 -4.23 1.44
CA THR A 18 -10.54 -2.92 1.66
C THR A 18 -10.58 -2.07 0.40
N ARG A 19 -11.01 -0.83 0.55
CA ARG A 19 -11.10 0.10 -0.57
C ARG A 19 -9.75 0.77 -0.82
N ILE A 20 -9.64 1.46 -1.95
CA ILE A 20 -8.40 2.16 -2.30
C ILE A 20 -8.69 3.56 -2.83
N PRO A 21 -8.25 4.58 -2.08
CA PRO A 21 -8.44 5.98 -2.46
C PRO A 21 -7.60 6.38 -3.66
N VAL A 22 -8.16 7.26 -4.49
CA VAL A 22 -7.46 7.72 -5.68
C VAL A 22 -7.80 9.17 -5.99
N ILE A 23 -6.80 9.94 -6.42
CA ILE A 23 -6.99 11.34 -6.75
C ILE A 23 -6.92 11.57 -8.26
N ASN A 24 -8.05 11.92 -8.86
CA ASN A 24 -8.10 12.17 -10.30
C ASN A 24 -7.06 13.21 -10.70
N LYS A 25 -6.64 13.16 -11.97
CA LYS A 25 -5.65 14.09 -12.48
C LYS A 25 -6.31 15.13 -13.38
N VAL A 26 -7.36 14.73 -14.09
CA VAL A 26 -8.09 15.63 -14.98
C VAL A 26 -8.76 16.76 -14.19
N ASP A 27 -9.62 16.37 -13.26
CA ASP A 27 -10.34 17.35 -12.44
C ASP A 27 -9.63 17.55 -11.10
N GLY A 28 -9.24 16.44 -10.48
CA GLY A 28 -8.56 16.51 -9.21
C GLY A 28 -9.47 16.14 -8.05
N THR A 29 -10.35 15.17 -8.27
CA THR A 29 -11.29 14.73 -7.24
C THR A 29 -10.75 13.50 -6.52
N LEU A 30 -10.89 13.50 -5.20
CA LEU A 30 -10.42 12.39 -4.38
C LEU A 30 -11.56 11.43 -4.07
N LEU A 31 -11.38 10.17 -4.42
CA LEU A 31 -12.40 9.15 -4.17
C LEU A 31 -12.10 8.38 -2.89
N VAL A 32 -13.06 8.37 -1.97
CA VAL A 32 -12.90 7.67 -0.71
C VAL A 32 -14.18 6.94 -0.31
N GLY A 33 -14.06 5.99 0.61
CA GLY A 33 -15.21 5.23 1.05
C GLY A 33 -15.75 4.31 -0.02
N GLU A 34 -17.00 4.50 -0.41
CA GLU A 34 -17.63 3.67 -1.43
C GLU A 34 -17.21 4.12 -2.82
N ASP A 35 -17.24 5.43 -3.05
CA ASP A 35 -16.86 6.00 -4.35
C ASP A 35 -15.63 5.28 -4.91
N ALA A 36 -14.65 5.02 -4.05
CA ALA A 36 -13.44 4.34 -4.46
C ALA A 36 -13.68 2.85 -4.66
N PRO A 37 -13.05 2.28 -5.70
CA PRO A 37 -13.17 0.86 -6.02
C PRO A 37 -12.48 -0.03 -5.00
N ARG A 38 -12.46 -1.33 -5.27
CA ARG A 38 -11.83 -2.29 -4.37
C ARG A 38 -10.52 -2.81 -4.96
N ARG A 39 -9.61 -3.24 -4.09
CA ARG A 39 -8.31 -3.75 -4.51
C ARG A 39 -8.49 -4.93 -5.46
N ALA A 40 -9.49 -5.76 -5.19
CA ALA A 40 -9.76 -6.93 -6.03
C ALA A 40 -10.07 -6.52 -7.47
N GLU A 41 -11.08 -5.67 -7.63
CA GLU A 41 -11.47 -5.19 -8.94
C GLU A 41 -10.62 -4.01 -9.39
N LEU A 42 -9.48 -3.83 -8.71
CA LEU A 42 -8.58 -2.73 -9.03
C LEU A 42 -8.01 -2.87 -10.44
N GLU A 43 -7.71 -4.10 -10.83
CA GLU A 43 -7.16 -4.38 -12.15
C GLU A 43 -8.20 -4.10 -13.23
N MET A 44 -9.44 -4.52 -12.99
CA MET A 44 -10.51 -4.31 -13.94
C MET A 44 -10.98 -2.87 -13.94
N TRP A 45 -10.77 -2.19 -12.82
CA TRP A 45 -11.17 -0.79 -12.68
C TRP A 45 -10.11 0.14 -13.27
N LEU A 46 -8.84 -0.19 -13.04
CA LEU A 46 -7.74 0.61 -13.55
C LEU A 46 -7.54 0.37 -15.04
N GLN A 47 -8.41 -0.44 -15.63
CA GLN A 47 -8.34 -0.74 -17.06
C GLN A 47 -9.06 0.33 -17.87
N GLY A 48 -10.27 0.67 -17.45
CA GLY A 48 -11.05 1.67 -18.16
C GLY A 48 -11.20 2.95 -17.36
N HIS A 49 -10.83 2.90 -16.08
CA HIS A 49 -10.93 4.06 -15.21
C HIS A 49 -9.55 4.49 -14.70
N PRO A 50 -8.53 4.26 -15.54
CA PRO A 50 -7.14 4.61 -15.19
C PRO A 50 -6.91 6.12 -15.15
N GLU A 51 -7.98 6.88 -15.37
CA GLU A 51 -7.90 8.34 -15.36
C GLU A 51 -7.57 8.85 -13.96
N PHE A 52 -7.60 7.95 -12.98
CA PHE A 52 -7.30 8.31 -11.60
C PHE A 52 -5.89 7.90 -11.22
N ALA A 53 -5.49 8.22 -9.99
CA ALA A 53 -4.16 7.87 -9.50
C ALA A 53 -4.17 7.64 -8.00
N VAL A 54 -3.66 6.48 -7.59
CA VAL A 54 -3.61 6.13 -6.17
C VAL A 54 -2.92 7.21 -5.36
N ASP A 55 -3.60 7.73 -4.35
CA ASP A 55 -3.05 8.77 -3.50
C ASP A 55 -1.74 8.32 -2.87
N PRO A 56 -0.75 9.22 -2.86
CA PRO A 56 0.57 8.93 -2.28
C PRO A 56 0.54 8.81 -0.77
N ARG A 57 -0.40 9.52 -0.15
CA ARG A 57 -0.54 9.48 1.30
C ARG A 57 -0.79 8.06 1.80
N PHE A 58 -1.58 7.31 1.04
CA PHE A 58 -1.90 5.93 1.40
C PHE A 58 -0.65 5.06 1.35
N LEU A 59 0.11 5.17 0.28
CA LEU A 59 1.33 4.39 0.12
C LEU A 59 2.31 4.67 1.25
N ALA A 60 2.49 5.94 1.56
CA ALA A 60 3.40 6.35 2.63
C ALA A 60 2.91 5.84 3.99
N TYR A 61 1.61 5.97 4.24
CA TYR A 61 1.03 5.52 5.49
C TYR A 61 1.40 4.08 5.79
N MET A 62 1.45 3.26 4.73
CA MET A 62 1.80 1.86 4.88
C MET A 62 3.21 1.69 5.41
N GLU A 63 4.07 2.67 5.11
CA GLU A 63 5.45 2.63 5.57
C GLU A 63 5.55 2.94 7.06
N ASP A 64 5.07 4.12 7.45
CA ASP A 64 5.10 4.53 8.85
C ASP A 64 4.63 3.40 9.76
N ARG A 65 3.78 2.54 9.23
CA ARG A 65 3.25 1.41 10.00
C ARG A 65 4.38 0.66 10.69
N ARG A 66 5.29 0.11 9.89
CA ARG A 66 6.42 -0.63 10.44
C ARG A 66 7.61 0.28 10.69
N LYS A 67 7.70 1.36 9.92
CA LYS A 67 8.79 2.32 10.06
C LYS A 67 8.79 2.93 11.46
N GLN A 68 7.62 2.97 12.09
CA GLN A 68 7.49 3.53 13.43
C GLN A 68 8.61 3.04 14.34
N LYS A 69 9.06 1.81 14.10
CA LYS A 69 10.13 1.21 14.89
C LYS A 69 11.03 0.33 14.02
N TRP A 70 12.33 0.51 14.16
CA TRP A 70 13.29 -0.27 13.39
C TRP A 70 13.59 -1.60 14.08
N GLN A 71 14.40 -2.43 13.43
CA GLN A 71 14.76 -3.74 13.98
C GLN A 71 15.60 -3.58 15.24
N ARG A 72 15.77 -4.68 15.97
CA ARG A 72 16.56 -4.65 17.21
C ARG A 72 18.05 -4.65 16.90
N CYS A 73 18.39 -4.48 15.61
CA CYS A 73 19.78 -4.45 15.19
C CYS A 73 20.55 -3.37 15.93
N LYS A 74 21.71 -3.74 16.48
CA LYS A 74 22.54 -2.79 17.21
C LYS A 74 23.57 -2.14 16.28
N LYS A 75 23.51 -0.82 16.18
CA LYS A 75 24.43 -0.08 15.34
C LYS A 75 25.68 0.32 16.11
N ASN A 76 26.72 0.72 15.38
CA ASN A 76 27.97 1.13 16.01
C ASN A 76 27.76 2.34 16.92
N ASN A 77 28.01 2.15 18.21
CA ASN A 77 27.84 3.23 19.18
C ASN A 77 28.95 3.19 20.24
N SER A 78 29.45 4.36 20.60
CA SER A 78 30.51 4.45 21.61
C SER A 78 29.92 4.49 23.01
N GLY A 79 30.79 4.39 24.01
CA GLY A 79 30.35 4.42 25.39
C GLY A 79 31.00 3.34 26.24
N PRO A 80 30.24 2.79 27.19
CA PRO A 80 30.74 1.74 28.09
C PRO A 80 30.95 0.41 27.36
N SER A 81 31.37 -0.59 28.11
CA SER A 81 31.62 -1.92 27.53
C SER A 81 30.33 -2.74 27.47
N SER A 82 30.17 -3.48 26.39
CA SER A 82 28.98 -4.30 26.20
C SER A 82 28.77 -5.25 27.39
N GLY A 83 27.61 -5.90 27.41
CA GLY A 83 27.31 -6.81 28.51
C GLY A 83 25.86 -7.28 28.47
N GLY A 1 -7.12 16.53 -19.40
CA GLY A 1 -6.22 15.40 -19.53
C GLY A 1 -6.42 14.65 -20.84
N SER A 2 -5.54 14.92 -21.81
CA SER A 2 -5.62 14.27 -23.11
C SER A 2 -4.75 13.02 -23.15
N SER A 3 -3.53 13.14 -22.65
CA SER A 3 -2.59 12.02 -22.63
C SER A 3 -2.81 11.15 -21.40
N GLY A 4 -2.89 11.79 -20.24
CA GLY A 4 -3.10 11.05 -19.00
C GLY A 4 -2.41 9.70 -19.00
N SER A 5 -1.17 9.67 -18.54
CA SER A 5 -0.40 8.42 -18.51
C SER A 5 -0.23 7.94 -17.06
N SER A 6 -0.20 6.63 -16.89
CA SER A 6 -0.04 6.04 -15.56
C SER A 6 0.47 4.61 -15.67
N GLY A 7 0.81 4.02 -14.52
CA GLY A 7 1.31 2.67 -14.50
C GLY A 7 2.46 2.48 -13.52
N GLU A 8 2.22 1.71 -12.47
CA GLU A 8 3.24 1.46 -11.46
C GLU A 8 3.15 0.03 -10.93
N PRO A 9 4.28 -0.68 -10.95
CA PRO A 9 4.36 -2.07 -10.48
C PRO A 9 4.20 -2.17 -8.97
N ASN A 10 3.91 -1.04 -8.33
CA ASN A 10 3.73 -1.00 -6.88
C ASN A 10 2.66 -2.00 -6.43
N HIS A 11 2.94 -2.70 -5.34
CA HIS A 11 2.00 -3.68 -4.81
C HIS A 11 1.75 -3.44 -3.32
N LEU A 12 0.48 -3.45 -2.93
CA LEU A 12 0.10 -3.23 -1.54
C LEU A 12 -0.27 -4.55 -0.86
N ASP A 13 -0.43 -4.52 0.46
CA ASP A 13 -0.79 -5.70 1.22
C ASP A 13 -2.22 -5.62 1.73
N VAL A 14 -2.99 -4.70 1.14
CA VAL A 14 -4.38 -4.52 1.54
C VAL A 14 -5.23 -5.73 1.19
N ASP A 15 -6.48 -5.72 1.62
CA ASP A 15 -7.39 -6.83 1.34
C ASP A 15 -8.44 -6.43 0.29
N LEU A 16 -8.91 -7.42 -0.46
CA LEU A 16 -9.90 -7.18 -1.50
C LEU A 16 -10.97 -6.22 -1.01
N GLU A 17 -11.37 -6.37 0.24
CA GLU A 17 -12.40 -5.50 0.83
C GLU A 17 -11.87 -4.08 1.01
N THR A 18 -10.65 -3.98 1.53
CA THR A 18 -10.03 -2.68 1.76
C THR A 18 -10.06 -1.82 0.50
N ARG A 19 -10.74 -0.69 0.57
CA ARG A 19 -10.85 0.22 -0.57
C ARG A 19 -9.53 0.95 -0.81
N ILE A 20 -9.35 1.45 -2.02
CA ILE A 20 -8.13 2.17 -2.38
C ILE A 20 -8.45 3.56 -2.91
N PRO A 21 -8.09 4.59 -2.13
CA PRO A 21 -8.32 5.99 -2.49
C PRO A 21 -7.44 6.44 -3.66
N VAL A 22 -8.02 7.24 -4.55
CA VAL A 22 -7.29 7.74 -5.70
C VAL A 22 -7.68 9.18 -6.02
N ILE A 23 -6.69 9.98 -6.40
CA ILE A 23 -6.94 11.38 -6.73
C ILE A 23 -6.84 11.62 -8.23
N ASN A 24 -7.98 11.87 -8.87
CA ASN A 24 -8.02 12.12 -10.31
C ASN A 24 -7.02 13.19 -10.71
N LYS A 25 -6.59 13.17 -11.97
CA LYS A 25 -5.64 14.14 -12.47
C LYS A 25 -6.34 15.16 -13.37
N VAL A 26 -7.34 14.71 -14.11
CA VAL A 26 -8.09 15.58 -15.00
C VAL A 26 -8.77 16.71 -14.24
N ASP A 27 -9.66 16.33 -13.32
CA ASP A 27 -10.38 17.30 -12.51
C ASP A 27 -9.72 17.49 -11.15
N GLY A 28 -9.30 16.38 -10.55
CA GLY A 28 -8.65 16.44 -9.25
C GLY A 28 -9.57 16.01 -8.12
N THR A 29 -10.44 15.04 -8.40
CA THR A 29 -11.38 14.55 -7.41
C THR A 29 -10.82 13.31 -6.70
N LEU A 30 -10.90 13.31 -5.38
CA LEU A 30 -10.42 12.18 -4.58
C LEU A 30 -11.54 11.22 -4.24
N LEU A 31 -11.36 9.95 -4.58
CA LEU A 31 -12.36 8.93 -4.31
C LEU A 31 -12.08 8.22 -2.99
N VAL A 32 -13.08 8.18 -2.12
CA VAL A 32 -12.95 7.53 -0.82
C VAL A 32 -14.15 6.64 -0.51
N GLY A 33 -14.01 5.78 0.49
CA GLY A 33 -15.10 4.90 0.86
C GLY A 33 -15.68 4.16 -0.32
N GLU A 34 -17.01 4.05 -0.35
CA GLU A 34 -17.69 3.36 -1.44
C GLU A 34 -17.28 3.93 -2.80
N ASP A 35 -17.45 5.25 -2.95
CA ASP A 35 -17.09 5.93 -4.19
C ASP A 35 -15.86 5.27 -4.82
N ALA A 36 -14.88 4.95 -4.00
CA ALA A 36 -13.65 4.33 -4.47
C ALA A 36 -13.85 2.83 -4.71
N PRO A 37 -13.15 2.29 -5.72
CA PRO A 37 -13.23 0.87 -6.06
C PRO A 37 -12.58 -0.02 -5.01
N ARG A 38 -12.53 -1.32 -5.28
CA ARG A 38 -11.93 -2.28 -4.37
C ARG A 38 -10.62 -2.82 -4.93
N ARG A 39 -9.67 -3.10 -4.04
CA ARG A 39 -8.37 -3.63 -4.45
C ARG A 39 -8.55 -4.83 -5.38
N ALA A 40 -9.61 -5.61 -5.15
CA ALA A 40 -9.88 -6.79 -5.97
C ALA A 40 -10.24 -6.40 -7.39
N GLU A 41 -11.32 -5.63 -7.54
CA GLU A 41 -11.76 -5.19 -8.85
C GLU A 41 -11.00 -3.94 -9.30
N LEU A 42 -9.88 -3.68 -8.63
CA LEU A 42 -9.05 -2.52 -8.96
C LEU A 42 -8.31 -2.73 -10.28
N GLU A 43 -7.82 -3.96 -10.48
CA GLU A 43 -7.10 -4.29 -11.69
C GLU A 43 -7.97 -4.06 -12.93
N MET A 44 -9.23 -4.43 -12.82
CA MET A 44 -10.18 -4.26 -13.93
C MET A 44 -10.72 -2.84 -13.98
N TRP A 45 -10.79 -2.20 -12.81
CA TRP A 45 -11.29 -0.84 -12.71
C TRP A 45 -10.30 0.15 -13.32
N LEU A 46 -9.02 -0.12 -13.14
CA LEU A 46 -7.96 0.75 -13.67
C LEU A 46 -7.87 0.62 -15.19
N GLN A 47 -8.49 -0.42 -15.72
CA GLN A 47 -8.47 -0.66 -17.17
C GLN A 47 -9.22 0.45 -17.91
N GLY A 48 -10.39 0.82 -17.38
CA GLY A 48 -11.18 1.86 -18.00
C GLY A 48 -11.25 3.12 -17.16
N HIS A 49 -10.76 3.03 -15.92
CA HIS A 49 -10.76 4.17 -15.02
C HIS A 49 -9.35 4.57 -14.63
N PRO A 50 -8.40 4.39 -15.56
CA PRO A 50 -6.99 4.71 -15.35
C PRO A 50 -6.75 6.22 -15.26
N GLU A 51 -7.82 6.98 -15.39
CA GLU A 51 -7.73 8.44 -15.34
C GLU A 51 -7.44 8.90 -13.91
N PHE A 52 -7.44 7.96 -12.98
CA PHE A 52 -7.18 8.28 -11.57
C PHE A 52 -5.77 7.87 -11.18
N ALA A 53 -5.40 8.15 -9.94
CA ALA A 53 -4.07 7.80 -9.44
C ALA A 53 -4.09 7.63 -7.92
N VAL A 54 -3.59 6.49 -7.45
CA VAL A 54 -3.54 6.20 -6.03
C VAL A 54 -2.80 7.30 -5.27
N ASP A 55 -3.44 7.82 -4.23
CA ASP A 55 -2.84 8.88 -3.41
C ASP A 55 -1.46 8.47 -2.94
N PRO A 56 -0.47 9.37 -3.14
CA PRO A 56 0.91 9.13 -2.73
C PRO A 56 1.08 9.14 -1.22
N ARG A 57 0.37 10.04 -0.55
CA ARG A 57 0.44 10.15 0.90
C ARG A 57 -0.01 8.86 1.57
N PHE A 58 -1.04 8.23 1.02
CA PHE A 58 -1.57 6.99 1.56
C PHE A 58 -0.53 5.88 1.49
N LEU A 59 0.18 5.81 0.37
CA LEU A 59 1.22 4.80 0.17
C LEU A 59 2.28 4.88 1.27
N ALA A 60 2.96 6.02 1.33
CA ALA A 60 4.00 6.22 2.34
C ALA A 60 3.62 5.54 3.66
N TYR A 61 2.50 5.95 4.23
CA TYR A 61 2.04 5.38 5.50
C TYR A 61 2.42 3.90 5.59
N MET A 62 1.84 3.10 4.70
CA MET A 62 2.10 1.67 4.68
C MET A 62 3.56 1.38 5.03
N GLU A 63 4.47 1.95 4.24
CA GLU A 63 5.90 1.75 4.46
C GLU A 63 6.26 1.96 5.93
N ASP A 64 5.97 3.15 6.45
CA ASP A 64 6.26 3.47 7.84
C ASP A 64 6.08 2.25 8.73
N ARG A 65 4.93 1.59 8.60
CA ARG A 65 4.65 0.41 9.39
C ARG A 65 5.89 -0.42 9.62
N ARG A 66 6.52 -0.86 8.52
CA ARG A 66 7.73 -1.67 8.60
C ARG A 66 8.76 -1.01 9.52
N LYS A 67 9.12 0.23 9.21
CA LYS A 67 10.10 0.96 10.01
C LYS A 67 9.91 0.67 11.49
N GLN A 68 8.71 0.90 11.99
CA GLN A 68 8.40 0.66 13.40
C GLN A 68 9.20 -0.53 13.93
N LYS A 69 8.94 -1.71 13.37
CA LYS A 69 9.64 -2.92 13.78
C LYS A 69 9.85 -3.87 12.61
N TRP A 70 10.95 -4.61 12.63
CA TRP A 70 11.26 -5.55 11.56
C TRP A 70 11.26 -6.98 12.08
N GLN A 71 11.43 -7.94 11.17
CA GLN A 71 11.45 -9.35 11.55
C GLN A 71 12.87 -9.80 11.89
N ARG A 72 13.01 -11.06 12.28
CA ARG A 72 14.31 -11.61 12.64
C ARG A 72 14.31 -13.13 12.50
N CYS A 73 15.50 -13.70 12.33
CA CYS A 73 15.64 -15.15 12.18
C CYS A 73 15.96 -15.80 13.53
N LYS A 74 16.00 -17.13 13.53
CA LYS A 74 16.29 -17.88 14.75
C LYS A 74 17.08 -19.14 14.43
N LYS A 75 17.74 -19.69 15.45
CA LYS A 75 18.53 -20.90 15.27
C LYS A 75 17.76 -22.13 15.74
N ASN A 76 18.08 -23.29 15.17
CA ASN A 76 17.41 -24.53 15.53
C ASN A 76 18.15 -25.24 16.66
N ASN A 77 17.44 -26.09 17.39
CA ASN A 77 18.03 -26.85 18.49
C ASN A 77 18.92 -27.96 17.98
N SER A 78 18.33 -28.87 17.20
CA SER A 78 19.06 -29.99 16.64
C SER A 78 19.64 -30.87 17.75
N GLY A 79 18.79 -31.20 18.72
CA GLY A 79 19.22 -32.03 19.82
C GLY A 79 19.23 -33.51 19.48
N PRO A 80 20.16 -34.27 20.08
CA PRO A 80 20.30 -35.70 19.84
C PRO A 80 19.14 -36.50 20.42
N SER A 81 18.96 -37.72 19.93
CA SER A 81 17.89 -38.59 20.40
C SER A 81 18.44 -39.89 20.97
N SER A 82 17.57 -40.70 21.55
CA SER A 82 17.97 -41.97 22.15
C SER A 82 17.34 -43.13 21.40
N GLY A 83 18.09 -44.23 21.29
CA GLY A 83 17.58 -45.40 20.59
C GLY A 83 17.06 -46.46 21.55
N GLY A 1 17.88 7.54 -20.62
CA GLY A 1 17.17 7.02 -21.78
C GLY A 1 15.67 7.01 -21.59
N SER A 2 15.01 6.02 -22.19
CA SER A 2 13.55 5.91 -22.09
C SER A 2 13.15 4.56 -21.48
N SER A 3 12.12 4.58 -20.65
CA SER A 3 11.64 3.37 -20.01
C SER A 3 10.80 2.53 -20.96
N GLY A 4 9.86 3.18 -21.65
CA GLY A 4 9.01 2.49 -22.59
C GLY A 4 8.25 1.34 -21.95
N SER A 5 7.72 1.59 -20.75
CA SER A 5 6.97 0.57 -20.03
C SER A 5 5.79 1.19 -19.28
N SER A 6 4.58 0.81 -19.65
CA SER A 6 3.38 1.33 -19.02
C SER A 6 3.44 1.14 -17.51
N GLY A 7 3.85 -0.06 -17.08
CA GLY A 7 3.95 -0.34 -15.66
C GLY A 7 4.19 -1.81 -15.38
N GLU A 8 4.22 -2.17 -14.11
CA GLU A 8 4.44 -3.56 -13.71
C GLU A 8 3.38 -4.02 -12.72
N PRO A 9 3.01 -5.30 -12.79
CA PRO A 9 2.01 -5.90 -11.91
C PRO A 9 2.49 -6.03 -10.47
N ASN A 10 1.88 -5.25 -9.58
CA ASN A 10 2.27 -5.27 -8.17
C ASN A 10 1.15 -5.89 -7.31
N HIS A 11 1.53 -6.45 -6.17
CA HIS A 11 0.57 -7.07 -5.27
C HIS A 11 0.53 -6.33 -3.94
N LEU A 12 -0.69 -6.03 -3.47
CA LEU A 12 -0.88 -5.31 -2.21
C LEU A 12 -1.26 -6.29 -1.10
N ASP A 13 -0.53 -6.22 0.01
CA ASP A 13 -0.80 -7.07 1.16
C ASP A 13 -2.24 -6.93 1.63
N VAL A 14 -2.85 -5.80 1.30
CA VAL A 14 -4.23 -5.53 1.70
C VAL A 14 -5.15 -6.67 1.27
N ASP A 15 -6.39 -6.63 1.75
CA ASP A 15 -7.37 -7.65 1.42
C ASP A 15 -8.17 -7.27 0.18
N LEU A 16 -9.06 -8.15 -0.24
CA LEU A 16 -9.90 -7.91 -1.41
C LEU A 16 -11.05 -6.97 -1.07
N GLU A 17 -11.56 -7.08 0.16
CA GLU A 17 -12.66 -6.24 0.61
C GLU A 17 -12.16 -4.87 1.07
N THR A 18 -10.93 -4.54 0.69
CA THR A 18 -10.33 -3.27 1.07
C THR A 18 -10.45 -2.25 -0.05
N ARG A 19 -10.95 -1.06 0.26
CA ARG A 19 -11.10 -0.01 -0.72
C ARG A 19 -9.77 0.65 -1.03
N ILE A 20 -9.67 1.27 -2.20
CA ILE A 20 -8.44 1.94 -2.61
C ILE A 20 -8.74 3.36 -3.12
N PRO A 21 -8.31 4.36 -2.34
CA PRO A 21 -8.51 5.77 -2.68
C PRO A 21 -7.65 6.20 -3.86
N VAL A 22 -8.22 7.03 -4.73
CA VAL A 22 -7.50 7.52 -5.90
C VAL A 22 -7.88 8.97 -6.21
N ILE A 23 -6.89 9.76 -6.61
CA ILE A 23 -7.11 11.16 -6.93
C ILE A 23 -7.00 11.40 -8.44
N ASN A 24 -8.06 11.97 -9.01
CA ASN A 24 -8.09 12.26 -10.44
C ASN A 24 -7.04 13.30 -10.81
N LYS A 25 -6.60 13.27 -12.07
CA LYS A 25 -5.59 14.21 -12.54
C LYS A 25 -6.22 15.27 -13.44
N VAL A 26 -7.26 14.86 -14.18
CA VAL A 26 -7.96 15.78 -15.07
C VAL A 26 -8.64 16.90 -14.30
N ASP A 27 -9.50 16.53 -13.36
CA ASP A 27 -10.22 17.50 -12.55
C ASP A 27 -9.52 17.72 -11.21
N GLY A 28 -9.14 16.62 -10.56
CA GLY A 28 -8.47 16.71 -9.28
C GLY A 28 -9.36 16.29 -8.13
N THR A 29 -10.21 15.30 -8.36
CA THR A 29 -11.12 14.81 -7.33
C THR A 29 -10.52 13.63 -6.57
N LEU A 30 -11.10 13.32 -5.42
CA LEU A 30 -10.62 12.22 -4.59
C LEU A 30 -11.76 11.26 -4.24
N LEU A 31 -11.51 9.96 -4.38
CA LEU A 31 -12.52 8.95 -4.08
C LEU A 31 -12.16 8.20 -2.79
N VAL A 32 -13.12 8.12 -1.87
CA VAL A 32 -12.91 7.43 -0.61
C VAL A 32 -14.18 6.72 -0.15
N GLY A 33 -14.01 5.72 0.72
CA GLY A 33 -15.15 4.98 1.21
C GLY A 33 -15.74 4.04 0.17
N GLU A 34 -16.99 4.29 -0.21
CA GLU A 34 -17.67 3.46 -1.21
C GLU A 34 -17.32 3.92 -2.62
N ASP A 35 -17.37 5.23 -2.83
CA ASP A 35 -17.06 5.80 -4.14
C ASP A 35 -15.83 5.13 -4.75
N ALA A 36 -14.81 4.90 -3.92
CA ALA A 36 -13.59 4.26 -4.38
C ALA A 36 -13.77 2.76 -4.54
N PRO A 37 -13.21 2.20 -5.63
CA PRO A 37 -13.30 0.77 -5.92
C PRO A 37 -12.48 -0.07 -4.95
N ARG A 38 -12.60 -1.38 -5.08
CA ARG A 38 -11.86 -2.31 -4.22
C ARG A 38 -10.57 -2.77 -4.89
N ARG A 39 -9.67 -3.34 -4.09
CA ARG A 39 -8.40 -3.83 -4.62
C ARG A 39 -8.61 -4.95 -5.62
N ALA A 40 -9.38 -5.96 -5.21
CA ALA A 40 -9.66 -7.10 -6.07
C ALA A 40 -10.10 -6.65 -7.47
N GLU A 41 -11.00 -5.67 -7.50
CA GLU A 41 -11.50 -5.14 -8.76
C GLU A 41 -10.60 -4.03 -9.28
N LEU A 42 -9.84 -3.41 -8.39
CA LEU A 42 -8.94 -2.33 -8.75
C LEU A 42 -8.26 -2.63 -10.09
N GLU A 43 -7.92 -3.89 -10.31
CA GLU A 43 -7.27 -4.31 -11.55
C GLU A 43 -8.19 -4.06 -12.75
N MET A 44 -9.46 -4.41 -12.61
CA MET A 44 -10.43 -4.22 -13.68
C MET A 44 -10.87 -2.76 -13.76
N TRP A 45 -10.75 -2.05 -12.64
CA TRP A 45 -11.15 -0.65 -12.59
C TRP A 45 -10.11 0.24 -13.28
N LEU A 46 -8.84 0.00 -12.96
CA LEU A 46 -7.75 0.77 -13.55
C LEU A 46 -7.71 0.59 -15.06
N GLN A 47 -8.41 -0.42 -15.55
CA GLN A 47 -8.47 -0.70 -16.98
C GLN A 47 -9.15 0.43 -17.74
N GLY A 48 -10.37 0.76 -17.33
CA GLY A 48 -11.11 1.82 -17.98
C GLY A 48 -11.18 3.08 -17.14
N HIS A 49 -10.66 3.01 -15.92
CA HIS A 49 -10.67 4.15 -15.01
C HIS A 49 -9.24 4.56 -14.66
N PRO A 50 -8.32 4.36 -15.61
CA PRO A 50 -6.90 4.71 -15.42
C PRO A 50 -6.68 6.23 -15.38
N GLU A 51 -7.76 6.99 -15.54
CA GLU A 51 -7.68 8.44 -15.52
C GLU A 51 -7.39 8.95 -14.11
N PHE A 52 -7.39 8.05 -13.15
CA PHE A 52 -7.12 8.41 -11.77
C PHE A 52 -5.71 8.01 -11.36
N ALA A 53 -5.34 8.33 -10.12
CA ALA A 53 -4.01 8.01 -9.61
C ALA A 53 -4.05 7.75 -8.11
N VAL A 54 -3.56 6.59 -7.70
CA VAL A 54 -3.53 6.21 -6.29
C VAL A 54 -2.89 7.30 -5.45
N ASP A 55 -3.65 7.86 -4.52
CA ASP A 55 -3.14 8.91 -3.64
C ASP A 55 -1.88 8.45 -2.91
N PRO A 56 -0.91 9.37 -2.79
CA PRO A 56 0.37 9.08 -2.12
C PRO A 56 0.20 8.92 -0.61
N ARG A 57 -0.72 9.66 -0.03
CA ARG A 57 -0.98 9.59 1.39
C ARG A 57 -1.20 8.16 1.84
N PHE A 58 -2.15 7.48 1.20
CA PHE A 58 -2.46 6.09 1.53
C PHE A 58 -1.19 5.24 1.56
N LEU A 59 -0.44 5.28 0.47
CA LEU A 59 0.81 4.52 0.37
C LEU A 59 1.65 4.68 1.62
N ALA A 60 1.86 5.93 2.04
CA ALA A 60 2.64 6.22 3.23
C ALA A 60 2.24 5.31 4.38
N TYR A 61 0.97 5.32 4.73
CA TYR A 61 0.46 4.50 5.82
C TYR A 61 1.07 3.10 5.78
N MET A 62 1.08 2.51 4.58
CA MET A 62 1.63 1.17 4.40
C MET A 62 3.02 1.06 5.04
N GLU A 63 3.86 2.06 4.77
CA GLU A 63 5.22 2.07 5.30
C GLU A 63 5.20 1.95 6.82
N ASP A 64 4.17 2.51 7.45
CA ASP A 64 4.04 2.46 8.90
C ASP A 64 3.84 1.02 9.38
N ARG A 65 2.81 0.37 8.86
CA ARG A 65 2.50 -1.00 9.23
C ARG A 65 3.65 -1.93 8.86
N ARG A 66 4.36 -1.58 7.78
CA ARG A 66 5.48 -2.39 7.31
C ARG A 66 6.47 -2.65 8.44
N LYS A 67 6.80 -1.60 9.18
CA LYS A 67 7.74 -1.71 10.29
C LYS A 67 7.39 -2.90 11.18
N GLN A 68 6.19 -2.88 11.74
CA GLN A 68 5.73 -3.96 12.61
C GLN A 68 5.64 -5.27 11.84
N LYS A 69 4.90 -5.27 10.75
CA LYS A 69 4.73 -6.47 9.93
C LYS A 69 3.94 -7.53 10.67
N TRP A 70 2.81 -7.12 11.26
CA TRP A 70 1.96 -8.03 12.00
C TRP A 70 2.00 -9.43 11.39
N GLN A 71 1.87 -9.50 10.07
CA GLN A 71 1.91 -10.77 9.36
C GLN A 71 3.15 -11.57 9.73
N ARG A 72 3.19 -12.83 9.31
CA ARG A 72 4.32 -13.70 9.59
C ARG A 72 5.42 -13.52 8.54
N CYS A 73 6.65 -13.77 8.95
CA CYS A 73 7.80 -13.63 8.05
C CYS A 73 9.02 -14.36 8.60
N LYS A 74 10.01 -14.57 7.74
CA LYS A 74 11.24 -15.26 8.14
C LYS A 74 12.21 -14.29 8.80
N LYS A 75 12.79 -14.71 9.92
CA LYS A 75 13.75 -13.88 10.65
C LYS A 75 15.07 -14.62 10.85
N ASN A 76 16.11 -13.89 11.24
CA ASN A 76 17.42 -14.47 11.47
C ASN A 76 17.52 -15.05 12.88
N ASN A 77 18.45 -15.98 13.06
CA ASN A 77 18.65 -16.61 14.35
C ASN A 77 19.86 -16.00 15.08
N SER A 78 19.86 -16.11 16.41
CA SER A 78 20.95 -15.57 17.22
C SER A 78 21.73 -16.69 17.89
N GLY A 79 22.89 -16.34 18.46
CA GLY A 79 23.71 -17.33 19.13
C GLY A 79 24.61 -16.71 20.18
N PRO A 80 24.17 -16.77 21.45
CA PRO A 80 24.93 -16.21 22.58
C PRO A 80 26.20 -17.01 22.87
N SER A 81 26.46 -18.01 22.05
CA SER A 81 27.64 -18.86 22.22
C SER A 81 28.44 -18.93 20.93
N SER A 82 29.76 -18.74 21.06
CA SER A 82 30.65 -18.78 19.89
C SER A 82 31.59 -19.98 19.97
N GLY A 83 31.54 -20.83 18.95
CA GLY A 83 32.39 -22.00 18.92
C GLY A 83 33.04 -22.21 17.57
N GLY A 1 1.81 7.61 20.08
CA GLY A 1 2.05 6.18 20.04
C GLY A 1 1.17 5.47 19.03
N SER A 2 1.77 4.57 18.25
CA SER A 2 1.03 3.82 17.24
C SER A 2 0.66 2.44 17.75
N SER A 3 -0.63 2.23 18.03
CA SER A 3 -1.11 0.95 18.53
C SER A 3 -0.87 -0.15 17.51
N GLY A 4 -0.45 -1.32 18.00
CA GLY A 4 -0.20 -2.44 17.11
C GLY A 4 -1.37 -3.41 17.06
N SER A 5 -2.08 -3.41 15.94
CA SER A 5 -3.23 -4.30 15.77
C SER A 5 -2.78 -5.75 15.72
N SER A 6 -1.81 -6.04 14.87
CA SER A 6 -1.29 -7.40 14.72
C SER A 6 0.08 -7.39 14.07
N GLY A 7 0.74 -8.54 14.07
CA GLY A 7 2.06 -8.65 13.47
C GLY A 7 2.21 -7.78 12.23
N GLU A 8 3.33 -7.08 12.14
CA GLU A 8 3.60 -6.20 10.99
C GLU A 8 3.76 -7.01 9.72
N PRO A 9 2.91 -6.73 8.72
CA PRO A 9 2.94 -7.41 7.42
C PRO A 9 4.19 -7.05 6.61
N ASN A 10 4.38 -7.77 5.51
CA ASN A 10 5.53 -7.52 4.64
C ASN A 10 5.17 -6.55 3.51
N HIS A 11 3.98 -6.74 2.93
CA HIS A 11 3.52 -5.88 1.85
C HIS A 11 2.41 -4.95 2.33
N LEU A 12 1.94 -4.08 1.44
CA LEU A 12 0.88 -3.14 1.79
C LEU A 12 -0.47 -3.63 1.26
N ASP A 13 -0.50 -4.87 0.77
CA ASP A 13 -1.73 -5.45 0.24
C ASP A 13 -2.86 -5.33 1.25
N VAL A 14 -4.09 -5.23 0.74
CA VAL A 14 -5.27 -5.10 1.60
C VAL A 14 -6.29 -6.19 1.29
N ASP A 15 -7.38 -6.19 2.03
CA ASP A 15 -8.44 -7.17 1.84
C ASP A 15 -9.37 -6.75 0.70
N LEU A 16 -9.72 -7.71 -0.15
CA LEU A 16 -10.60 -7.44 -1.28
C LEU A 16 -11.68 -6.43 -0.91
N GLU A 17 -12.34 -6.67 0.23
CA GLU A 17 -13.38 -5.77 0.70
C GLU A 17 -12.86 -4.35 0.85
N THR A 18 -11.65 -4.23 1.38
CA THR A 18 -11.04 -2.92 1.59
C THR A 18 -11.01 -2.12 0.30
N ARG A 19 -11.36 -0.84 0.40
CA ARG A 19 -11.38 0.04 -0.77
C ARG A 19 -10.01 0.68 -0.99
N ILE A 20 -9.90 1.46 -2.05
CA ILE A 20 -8.64 2.13 -2.37
C ILE A 20 -8.89 3.53 -2.92
N PRO A 21 -8.47 4.56 -2.15
CA PRO A 21 -8.63 5.96 -2.54
C PRO A 21 -7.74 6.34 -3.72
N VAL A 22 -8.27 7.17 -4.61
CA VAL A 22 -7.52 7.62 -5.78
C VAL A 22 -7.90 9.05 -6.16
N ILE A 23 -6.91 9.82 -6.58
CA ILE A 23 -7.14 11.21 -6.98
C ILE A 23 -7.13 11.35 -8.50
N ASN A 24 -8.22 11.86 -9.06
CA ASN A 24 -8.34 12.05 -10.49
C ASN A 24 -7.24 12.99 -11.00
N LYS A 25 -7.04 13.00 -12.32
CA LYS A 25 -6.03 13.85 -12.94
C LYS A 25 -6.69 14.93 -13.79
N VAL A 26 -7.87 14.64 -14.30
CA VAL A 26 -8.60 15.60 -15.14
C VAL A 26 -9.15 16.74 -14.30
N ASP A 27 -10.01 16.41 -13.34
CA ASP A 27 -10.61 17.42 -12.47
C ASP A 27 -9.79 17.58 -11.19
N GLY A 28 -9.34 16.46 -10.64
CA GLY A 28 -8.56 16.50 -9.42
C GLY A 28 -9.39 16.21 -8.19
N THR A 29 -10.09 15.09 -8.20
CA THR A 29 -10.93 14.70 -7.07
C THR A 29 -10.41 13.43 -6.39
N LEU A 30 -10.39 13.45 -5.07
CA LEU A 30 -9.90 12.31 -4.31
C LEU A 30 -11.06 11.41 -3.87
N LEU A 31 -11.17 10.24 -4.47
CA LEU A 31 -12.23 9.30 -4.14
C LEU A 31 -11.91 8.57 -2.84
N VAL A 32 -12.93 8.41 -2.00
CA VAL A 32 -12.76 7.72 -0.72
C VAL A 32 -13.91 6.75 -0.46
N GLY A 33 -13.71 5.83 0.47
CA GLY A 33 -14.74 4.86 0.79
C GLY A 33 -15.34 4.22 -0.44
N GLU A 34 -16.65 4.00 -0.42
CA GLU A 34 -17.34 3.39 -1.55
C GLU A 34 -16.97 4.07 -2.86
N ASP A 35 -16.97 5.41 -2.84
CA ASP A 35 -16.62 6.18 -4.03
C ASP A 35 -15.47 5.51 -4.79
N ALA A 36 -14.55 4.91 -4.06
CA ALA A 36 -13.41 4.25 -4.67
C ALA A 36 -13.69 2.76 -4.88
N PRO A 37 -13.00 2.16 -5.87
CA PRO A 37 -13.16 0.74 -6.19
C PRO A 37 -12.59 -0.16 -5.12
N ARG A 38 -12.59 -1.47 -5.39
CA ARG A 38 -12.06 -2.45 -4.44
C ARG A 38 -10.76 -3.06 -4.95
N ARG A 39 -9.85 -3.35 -4.03
CA ARG A 39 -8.56 -3.94 -4.38
C ARG A 39 -8.76 -5.12 -5.33
N ALA A 40 -9.85 -5.85 -5.14
CA ALA A 40 -10.15 -7.01 -5.98
C ALA A 40 -10.39 -6.60 -7.43
N GLU A 41 -11.37 -5.71 -7.63
CA GLU A 41 -11.69 -5.23 -8.97
C GLU A 41 -10.93 -3.95 -9.29
N LEU A 42 -9.90 -3.67 -8.50
CA LEU A 42 -9.08 -2.47 -8.70
C LEU A 42 -8.32 -2.56 -10.02
N GLU A 43 -7.76 -3.74 -10.30
CA GLU A 43 -7.01 -3.95 -11.53
C GLU A 43 -7.87 -3.67 -12.76
N MET A 44 -8.99 -4.39 -12.86
CA MET A 44 -9.91 -4.21 -13.98
C MET A 44 -10.45 -2.79 -14.03
N TRP A 45 -10.64 -2.20 -12.85
CA TRP A 45 -11.16 -0.84 -12.75
C TRP A 45 -10.16 0.17 -13.29
N LEU A 46 -8.87 -0.07 -13.02
CA LEU A 46 -7.82 0.82 -13.49
C LEU A 46 -7.67 0.74 -15.00
N GLN A 47 -8.21 -0.31 -15.59
CA GLN A 47 -8.15 -0.49 -17.03
C GLN A 47 -8.92 0.59 -17.77
N GLY A 48 -10.18 0.79 -17.36
CA GLY A 48 -11.01 1.80 -17.98
C GLY A 48 -11.13 3.06 -17.15
N HIS A 49 -10.65 2.99 -15.91
CA HIS A 49 -10.71 4.12 -15.00
C HIS A 49 -9.31 4.57 -14.58
N PRO A 50 -8.36 4.43 -15.52
CA PRO A 50 -6.96 4.83 -15.27
C PRO A 50 -6.78 6.33 -15.17
N GLU A 51 -7.89 7.07 -15.32
CA GLU A 51 -7.86 8.52 -15.24
C GLU A 51 -7.57 8.98 -13.80
N PHE A 52 -7.46 8.01 -12.89
CA PHE A 52 -7.18 8.32 -11.49
C PHE A 52 -5.78 7.86 -11.09
N ALA A 53 -5.36 8.24 -9.89
CA ALA A 53 -4.05 7.87 -9.39
C ALA A 53 -4.08 7.62 -7.89
N VAL A 54 -3.61 6.45 -7.48
CA VAL A 54 -3.59 6.09 -6.06
C VAL A 54 -2.88 7.17 -5.24
N ASP A 55 -3.55 7.65 -4.20
CA ASP A 55 -2.97 8.68 -3.34
C ASP A 55 -1.60 8.25 -2.83
N PRO A 56 -0.60 9.12 -3.04
CA PRO A 56 0.77 8.85 -2.60
C PRO A 56 0.93 8.89 -1.09
N ARG A 57 0.08 9.68 -0.44
CA ARG A 57 0.11 9.81 1.02
C ARG A 57 -0.35 8.53 1.68
N PHE A 58 -1.35 7.88 1.09
CA PHE A 58 -1.90 6.64 1.64
C PHE A 58 -0.90 5.50 1.48
N LEU A 59 -0.23 5.46 0.33
CA LEU A 59 0.75 4.41 0.06
C LEU A 59 1.86 4.43 1.10
N ALA A 60 2.60 5.53 1.15
CA ALA A 60 3.69 5.67 2.11
C ALA A 60 3.28 5.19 3.49
N TYR A 61 2.19 5.73 4.01
CA TYR A 61 1.68 5.36 5.32
C TYR A 61 1.95 3.88 5.61
N MET A 62 1.45 3.02 4.73
CA MET A 62 1.64 1.59 4.88
C MET A 62 3.11 1.24 5.09
N GLU A 63 3.93 1.55 4.08
CA GLU A 63 5.36 1.28 4.15
C GLU A 63 5.94 1.71 5.50
N ASP A 64 5.63 2.95 5.89
CA ASP A 64 6.11 3.50 7.15
C ASP A 64 5.91 2.50 8.28
N ARG A 65 4.74 1.87 8.30
CA ARG A 65 4.42 0.90 9.34
C ARG A 65 5.50 -0.18 9.43
N ARG A 66 5.95 -0.67 8.27
CA ARG A 66 6.98 -1.70 8.23
C ARG A 66 8.37 -1.08 8.24
N LYS A 67 8.44 0.21 8.60
CA LYS A 67 9.70 0.92 8.66
C LYS A 67 10.09 1.22 10.10
N GLN A 68 9.09 1.52 10.93
CA GLN A 68 9.34 1.82 12.34
C GLN A 68 10.46 0.96 12.90
N LYS A 69 10.33 -0.35 12.74
CA LYS A 69 11.34 -1.29 13.22
C LYS A 69 11.42 -2.51 12.32
N TRP A 70 12.58 -3.15 12.28
CA TRP A 70 12.80 -4.33 11.46
C TRP A 70 12.56 -5.60 12.27
N GLN A 71 12.42 -6.72 11.58
CA GLN A 71 12.19 -8.01 12.23
C GLN A 71 13.49 -8.56 12.82
N ARG A 72 13.39 -9.70 13.48
CA ARG A 72 14.55 -10.33 14.10
C ARG A 72 15.21 -11.32 13.14
N CYS A 73 16.48 -11.59 13.37
CA CYS A 73 17.24 -12.51 12.52
C CYS A 73 17.05 -13.95 12.99
N LYS A 74 17.61 -14.88 12.23
CA LYS A 74 17.51 -16.30 12.56
C LYS A 74 18.53 -16.69 13.62
N LYS A 75 18.45 -17.93 14.10
CA LYS A 75 19.36 -18.42 15.12
C LYS A 75 20.17 -19.60 14.59
N ASN A 76 20.14 -19.79 13.26
CA ASN A 76 20.88 -20.88 12.63
C ASN A 76 22.19 -20.38 12.05
N ASN A 77 23.22 -21.22 12.12
CA ASN A 77 24.54 -20.86 11.60
C ASN A 77 25.09 -19.63 12.31
N SER A 78 24.89 -19.57 13.62
CA SER A 78 25.36 -18.43 14.42
C SER A 78 26.84 -18.60 14.76
N GLY A 79 27.20 -19.77 15.27
CA GLY A 79 28.58 -20.03 15.63
C GLY A 79 28.76 -21.36 16.33
N PRO A 80 29.84 -22.08 15.97
CA PRO A 80 30.14 -23.39 16.55
C PRO A 80 30.57 -23.30 18.01
N SER A 81 30.86 -24.45 18.61
CA SER A 81 31.27 -24.49 20.01
C SER A 81 32.80 -24.37 20.13
N SER A 82 33.51 -25.15 19.32
CA SER A 82 34.96 -25.13 19.33
C SER A 82 35.50 -23.78 18.87
N GLY A 83 36.57 -23.34 19.51
CA GLY A 83 37.16 -22.05 19.15
C GLY A 83 38.66 -22.04 19.34
#